data_8D3T
#
_entry.id   8D3T
#
_cell.length_a   70.398
_cell.length_b   83.422
_cell.length_c   94.689
_cell.angle_alpha   76.160
_cell.angle_beta   69.670
_cell.angle_gamma   88.570
#
_symmetry.space_group_name_H-M   'P 1'
#
loop_
_entity.id
_entity.type
_entity.pdbx_description
1 polymer 'Galactan synthase'
2 branched 2-acetamido-2-deoxy-beta-D-glucopyranose-(1-4)-2-acetamido-2-deoxy-beta-D-glucopyranose
3 branched alpha-D-mannopyranose-(1-2)-alpha-D-mannopyranose-(1-2)-alpha-D-mannopyranose-(1-3)-[alpha-D-mannopyranose-(1-6)]beta-D-mannopyranose-(1-4)-2-acetamido-2-deoxy-beta-D-glucopyranose-(1-4)-2-acetamido-2-deoxy-beta-D-glucopyranose
4 branched 2-acetamido-2-deoxy-beta-D-glucopyranose-(1-2)-alpha-D-mannopyranose-(1-3)-[alpha-D-mannopyranose-(1-3)-alpha-D-mannopyranose-(1-6)]beta-D-mannopyranose-(1-4)-2-acetamido-2-deoxy-beta-D-glucopyranose-(1-4)-2-acetamido-2-deoxy-beta-D-glucopyranose
5 non-polymer 2-acetamido-2-deoxy-beta-D-glucopyranose
6 water water
#
_entity_poly.entity_id   1
_entity_poly.type   'polypeptide(L)'
_entity_poly.pdbx_seq_one_letter_code
;GSFTSTSLSDQKYLSSSSSSSSNADPNKRIFQAYGNAAALFVQMGAYRGGPTTFAVVGLASKPIHVFRLPWYKCEWISNN
GSSIRAKAYKMLPDWGYGRVYTVVVVNCTFPVNPNQDNAGGRLMLNAYYDESQRKYEKFTALEELPGSYNESKFRPPYQY
EYLYCGSSLYGNLSASRFREWMAYHAWFFGPSSHFVFHDAGGVSPEVRAALDPWVRAGRATVQDIRGQAEFDGYYYNQFL
VVNDCLHRYRYSANWTFYFDVDEYIYLPEGNTLESVLKDFSNYTQFTIEQNPMSSALCFNDSTQDYPRQWGFEKLLFRES
RTGIRRDRKYAIQAKNAYATGVHMSENVIGKTLHQTETKIRYYHYHNSIQVPGELCREFLPLSAKNNVTWYNGLPYVYDD
NMKKLASTIKDFERNTIGNVQAYS
;
_entity_poly.pdbx_strand_id   A,B,C,D
#
loop_
_chem_comp.id
_chem_comp.type
_chem_comp.name
_chem_comp.formula
BMA D-saccharide, beta linking beta-D-mannopyranose 'C6 H12 O6'
MAN D-saccharide, alpha linking alpha-D-mannopyranose 'C6 H12 O6'
NAG D-saccharide, beta linking 2-acetamido-2-deoxy-beta-D-glucopyranose 'C8 H15 N O6'
#
# COMPACT_ATOMS: atom_id res chain seq x y z
N PRO A 26 -4.22 15.06 34.58
CA PRO A 26 -5.10 16.14 34.14
C PRO A 26 -5.09 16.31 32.61
N ASN A 27 -4.36 17.29 32.09
CA ASN A 27 -4.27 17.51 30.66
C ASN A 27 -3.06 16.85 30.03
N LYS A 28 -2.24 16.14 30.81
CA LYS A 28 -1.08 15.45 30.25
C LYS A 28 -1.60 14.21 29.53
N ARG A 29 -1.66 14.27 28.20
CA ARG A 29 -2.30 13.24 27.42
C ARG A 29 -1.45 11.99 27.37
N ILE A 30 -2.12 10.84 27.33
CA ILE A 30 -1.48 9.53 27.35
C ILE A 30 -1.79 8.82 26.05
N PHE A 31 -0.82 8.05 25.56
CA PHE A 31 -0.97 7.25 24.35
C PHE A 31 -0.72 5.79 24.73
N GLN A 32 -1.82 5.04 24.92
CA GLN A 32 -1.74 3.66 25.37
C GLN A 32 -1.75 2.74 24.16
N ALA A 33 -0.64 2.03 23.95
CA ALA A 33 -0.50 1.11 22.84
C ALA A 33 -0.94 -0.29 23.25
N TYR A 34 -1.49 -1.03 22.29
CA TYR A 34 -1.99 -2.38 22.54
C TYR A 34 -1.64 -3.26 21.36
N GLY A 35 -1.09 -4.44 21.64
CA GLY A 35 -0.93 -5.47 20.65
C GLY A 35 0.34 -5.35 19.84
N ASN A 36 0.60 -6.39 19.04
CA ASN A 36 1.74 -6.45 18.14
C ASN A 36 1.24 -6.95 16.79
N ALA A 37 1.02 -6.02 15.85
CA ALA A 37 0.47 -6.33 14.54
C ALA A 37 1.53 -6.69 13.52
N ALA A 38 2.82 -6.58 13.88
CA ALA A 38 3.90 -6.91 12.96
C ALA A 38 5.23 -6.88 13.69
N ALA A 39 5.81 -8.05 13.96
CA ALA A 39 7.14 -8.10 14.56
C ALA A 39 8.14 -7.43 13.63
N LEU A 40 9.29 -7.07 14.19
CA LEU A 40 10.35 -6.48 13.37
C LEU A 40 11.12 -7.55 12.62
N PHE A 41 11.41 -8.68 13.28
CA PHE A 41 12.14 -9.77 12.67
C PHE A 41 11.60 -11.09 13.20
N VAL A 42 11.37 -12.04 12.32
CA VAL A 42 10.94 -13.39 12.68
C VAL A 42 11.96 -14.36 12.09
N GLN A 43 12.80 -14.93 12.94
CA GLN A 43 13.81 -15.86 12.49
C GLN A 43 13.23 -17.25 12.30
N MET A 44 13.59 -17.89 11.19
CA MET A 44 13.31 -19.31 10.99
C MET A 44 14.57 -20.16 11.04
N GLY A 45 15.70 -19.65 10.60
CA GLY A 45 16.93 -20.42 10.59
C GLY A 45 18.18 -19.58 10.43
N ALA A 46 19.17 -19.84 11.27
CA ALA A 46 20.49 -19.22 11.18
C ALA A 46 21.49 -20.31 10.81
N TYR A 47 22.35 -20.03 9.81
CA TYR A 47 23.20 -21.05 9.25
C TYR A 47 24.60 -20.58 8.91
N ARG A 48 25.61 -21.36 9.28
CA ARG A 48 26.97 -21.06 8.82
C ARG A 48 27.11 -21.50 7.38
N GLY A 49 27.39 -20.54 6.49
CA GLY A 49 27.51 -20.82 5.08
C GLY A 49 28.91 -21.05 4.60
N GLY A 50 29.91 -20.95 5.46
CA GLY A 50 31.29 -21.17 5.09
C GLY A 50 32.23 -20.82 6.22
N PRO A 51 33.51 -21.07 6.03
CA PRO A 51 34.49 -20.68 7.07
C PRO A 51 34.34 -19.25 7.56
N THR A 52 33.83 -18.35 6.72
CA THR A 52 33.85 -16.93 7.01
C THR A 52 32.48 -16.28 7.13
N THR A 53 31.40 -16.95 6.75
CA THR A 53 30.12 -16.28 6.53
C THR A 53 28.97 -17.11 7.06
N PHE A 54 27.92 -16.42 7.50
CA PHE A 54 26.69 -17.01 7.99
C PHE A 54 25.52 -16.34 7.28
N ALA A 55 24.33 -16.92 7.44
CA ALA A 55 23.10 -16.33 6.93
C ALA A 55 21.98 -16.57 7.92
N VAL A 56 21.11 -15.58 8.07
CA VAL A 56 19.92 -15.66 8.91
C VAL A 56 18.71 -15.47 8.02
N VAL A 57 17.86 -16.49 7.95
CA VAL A 57 16.68 -16.51 7.09
C VAL A 57 15.46 -16.30 7.97
N GLY A 58 14.62 -15.35 7.57
CA GLY A 58 13.43 -15.07 8.34
C GLY A 58 12.54 -14.07 7.65
N LEU A 59 11.68 -13.44 8.45
CA LEU A 59 10.71 -12.47 7.97
C LEU A 59 11.00 -11.11 8.58
N ALA A 60 10.62 -10.05 7.88
CA ALA A 60 10.88 -8.70 8.33
C ALA A 60 9.69 -7.80 8.00
N SER A 61 9.42 -6.86 8.89
CA SER A 61 8.45 -5.81 8.62
C SER A 61 9.14 -4.69 7.85
N LYS A 62 8.49 -4.22 6.81
CA LYS A 62 9.10 -3.17 6.01
C LYS A 62 8.96 -1.81 6.70
N PRO A 63 9.92 -0.91 6.51
CA PRO A 63 9.76 0.45 7.04
C PRO A 63 8.81 1.26 6.18
N ILE A 64 8.02 2.11 6.83
CA ILE A 64 6.97 2.88 6.18
C ILE A 64 7.32 4.35 6.36
N HIS A 65 7.88 4.96 5.32
CA HIS A 65 8.19 6.39 5.27
C HIS A 65 9.23 6.82 6.29
N VAL A 66 9.95 5.87 6.89
CA VAL A 66 11.05 6.17 7.79
C VAL A 66 12.29 5.48 7.24
N PHE A 67 13.44 6.15 7.36
CA PHE A 67 14.68 5.61 6.81
C PHE A 67 15.27 4.61 7.79
N ARG A 68 15.46 3.38 7.33
CA ARG A 68 16.05 2.31 8.11
C ARG A 68 17.37 1.93 7.46
N LEU A 69 18.48 2.30 8.10
CA LEU A 69 19.80 1.93 7.59
C LEU A 69 20.84 2.02 8.69
N PRO A 70 21.53 0.92 9.03
CA PRO A 70 21.38 -0.44 8.47
C PRO A 70 20.11 -1.11 8.94
N TRP A 71 19.59 -2.08 8.18
CA TRP A 71 18.52 -2.91 8.70
C TRP A 71 19.03 -3.79 9.84
N TYR A 72 20.28 -4.25 9.74
CA TYR A 72 20.82 -5.22 10.69
C TYR A 72 22.29 -4.94 10.96
N LYS A 73 22.79 -5.54 12.02
CA LYS A 73 24.21 -5.60 12.34
C LYS A 73 24.51 -6.98 12.91
N CYS A 74 25.65 -7.55 12.52
CA CYS A 74 26.05 -8.86 12.98
C CYS A 74 27.28 -8.76 13.85
N GLU A 75 27.27 -9.48 14.97
CA GLU A 75 28.38 -9.53 15.91
C GLU A 75 28.55 -10.95 16.39
N TRP A 76 29.79 -11.38 16.56
CA TRP A 76 30.11 -12.71 17.08
C TRP A 76 30.71 -12.53 18.47
N ILE A 77 29.99 -12.98 19.50
CA ILE A 77 30.48 -12.98 20.86
C ILE A 77 31.04 -14.36 21.13
N SER A 78 32.36 -14.46 21.18
CA SER A 78 33.02 -15.74 21.40
C SER A 78 33.14 -16.03 22.89
N ASN A 79 33.28 -17.32 23.21
CA ASN A 79 33.58 -17.72 24.58
C ASN A 79 34.96 -17.25 25.03
N ASN A 80 35.80 -16.78 24.10
CA ASN A 80 37.09 -16.18 24.46
C ASN A 80 36.92 -14.85 25.21
N GLY A 81 35.75 -14.21 25.08
CA GLY A 81 35.54 -12.89 25.64
C GLY A 81 35.35 -11.83 24.58
N SER A 82 36.26 -11.77 23.61
CA SER A 82 36.26 -10.73 22.58
C SER A 82 34.95 -10.67 21.81
N SER A 83 34.85 -9.70 20.88
CA SER A 83 33.68 -9.54 20.05
C SER A 83 34.11 -8.88 18.75
N ILE A 84 33.86 -9.54 17.62
CA ILE A 84 34.24 -9.03 16.31
C ILE A 84 32.96 -8.70 15.54
N ARG A 85 32.95 -7.53 14.90
CA ARG A 85 31.84 -7.11 14.06
C ARG A 85 32.03 -7.65 12.65
N ALA A 86 30.92 -7.90 11.98
CA ALA A 86 30.93 -8.41 10.61
C ALA A 86 30.22 -7.44 9.68
N LYS A 87 30.57 -7.52 8.40
CA LYS A 87 29.82 -6.80 7.37
C LYS A 87 28.47 -7.47 7.21
N ALA A 88 27.41 -6.69 7.37
CA ALA A 88 26.04 -7.20 7.31
C ALA A 88 25.29 -6.54 6.16
N TYR A 89 24.57 -7.35 5.40
CA TYR A 89 23.68 -6.85 4.37
C TYR A 89 22.54 -7.83 4.21
N LYS A 90 21.45 -7.34 3.62
CA LYS A 90 20.21 -8.10 3.51
C LYS A 90 19.85 -8.32 2.05
N MET A 91 18.94 -9.25 1.82
CA MET A 91 18.37 -9.50 0.51
C MET A 91 16.89 -9.81 0.69
N LEU A 92 16.06 -9.21 -0.16
CA LEU A 92 14.60 -9.33 -0.09
C LEU A 92 14.12 -10.02 -1.37
N PRO A 93 14.19 -11.35 -1.42
CA PRO A 93 13.96 -12.05 -2.70
C PRO A 93 12.49 -12.21 -3.10
N ASP A 94 11.53 -11.95 -2.23
CA ASP A 94 10.14 -12.13 -2.59
C ASP A 94 9.60 -10.85 -3.25
N TRP A 95 8.30 -10.83 -3.52
CA TRP A 95 7.72 -9.73 -4.30
C TRP A 95 7.97 -8.39 -3.64
N GLY A 96 8.08 -8.35 -2.31
CA GLY A 96 8.31 -7.11 -1.60
C GLY A 96 7.07 -6.31 -1.30
N TYR A 97 5.89 -6.78 -1.69
CA TYR A 97 4.64 -6.08 -1.40
C TYR A 97 3.52 -7.11 -1.32
N GLY A 98 2.42 -6.69 -0.71
CA GLY A 98 1.24 -7.53 -0.60
C GLY A 98 1.14 -8.36 0.67
N ARG A 99 2.13 -8.29 1.54
CA ARG A 99 2.10 -9.06 2.78
C ARG A 99 2.70 -8.22 3.90
N VAL A 100 2.24 -8.48 5.13
CA VAL A 100 2.76 -7.79 6.30
C VAL A 100 4.27 -7.92 6.36
N TYR A 101 4.79 -9.12 6.10
CA TYR A 101 6.22 -9.39 6.18
C TYR A 101 6.79 -9.64 4.79
N THR A 102 8.08 -9.34 4.65
CA THR A 102 8.86 -9.69 3.48
C THR A 102 9.93 -10.68 3.90
N VAL A 103 10.20 -11.67 3.05
CA VAL A 103 11.24 -12.64 3.36
C VAL A 103 12.59 -11.95 3.27
N VAL A 104 13.46 -12.26 4.23
CA VAL A 104 14.76 -11.61 4.35
C VAL A 104 15.82 -12.67 4.55
N VAL A 105 16.99 -12.44 3.93
CA VAL A 105 18.19 -13.22 4.18
C VAL A 105 19.25 -12.24 4.63
N VAL A 106 19.62 -12.30 5.91
CA VAL A 106 20.65 -11.43 6.47
C VAL A 106 22.00 -12.14 6.34
N ASN A 107 22.92 -11.52 5.62
CA ASN A 107 24.22 -12.09 5.32
C ASN A 107 25.27 -11.44 6.21
N CYS A 108 25.89 -12.24 7.08
CA CYS A 108 26.95 -11.78 7.97
C CYS A 108 28.25 -12.45 7.54
N THR A 109 29.20 -11.65 7.07
CA THR A 109 30.49 -12.14 6.62
C THR A 109 31.60 -11.48 7.44
N PHE A 110 32.56 -12.28 7.88
CA PHE A 110 33.67 -11.81 8.69
C PHE A 110 34.97 -11.82 7.89
N PRO A 111 35.95 -10.97 8.24
CA PRO A 111 37.24 -11.02 7.53
C PRO A 111 37.99 -12.31 7.79
N VAL A 112 37.71 -12.97 8.92
CA VAL A 112 38.32 -14.25 9.26
C VAL A 112 37.28 -15.06 10.02
N ASN A 113 37.39 -16.40 9.97
CA ASN A 113 36.48 -17.26 10.73
C ASN A 113 36.48 -16.81 12.18
N PRO A 114 35.39 -16.21 12.68
CA PRO A 114 35.39 -15.72 14.07
C PRO A 114 35.51 -16.81 15.07
N ASN A 115 35.42 -18.10 14.66
CA ASN A 115 35.58 -19.25 15.52
C ASN A 115 36.65 -20.19 14.99
N GLN A 116 37.75 -19.64 14.41
CA GLN A 116 38.89 -20.46 14.06
C GLN A 116 39.44 -21.15 15.28
N ASP A 117 39.35 -20.43 16.43
CA ASP A 117 39.77 -20.95 17.72
C ASP A 117 39.01 -22.20 18.09
N ASN A 118 37.79 -22.37 17.56
CA ASN A 118 36.88 -23.43 17.96
C ASN A 118 36.58 -23.39 19.45
N ALA A 119 36.80 -22.22 20.08
CA ALA A 119 36.46 -22.01 21.48
C ALA A 119 34.96 -21.79 21.69
N GLY A 120 34.19 -21.72 20.61
CA GLY A 120 32.76 -21.50 20.72
C GLY A 120 32.38 -20.04 20.69
N GLY A 121 31.08 -19.82 20.70
CA GLY A 121 30.53 -18.48 20.62
C GLY A 121 29.20 -18.50 19.90
N ARG A 122 28.50 -17.37 19.98
CA ARG A 122 27.18 -17.24 19.37
C ARG A 122 27.13 -16.03 18.46
N LEU A 123 26.39 -16.16 17.37
CA LEU A 123 26.23 -15.10 16.38
C LEU A 123 25.05 -14.22 16.78
N MET A 124 25.34 -12.99 17.19
CA MET A 124 24.30 -12.04 17.57
C MET A 124 23.88 -11.23 16.35
N LEU A 125 22.60 -10.91 16.28
CA LEU A 125 22.05 -10.11 15.20
C LEU A 125 21.24 -8.98 15.79
N ASN A 126 21.59 -7.74 15.46
CA ASN A 126 20.80 -6.57 15.81
C ASN A 126 19.85 -6.26 14.66
N ALA A 127 18.61 -5.88 15.02
CA ALA A 127 17.60 -5.52 14.03
C ALA A 127 17.01 -4.17 14.43
N TYR A 128 16.95 -3.25 13.48
CA TYR A 128 16.60 -1.86 13.75
C TYR A 128 15.28 -1.48 13.10
N TYR A 129 14.57 -0.57 13.76
CA TYR A 129 13.30 -0.05 13.24
C TYR A 129 13.54 1.06 12.22
N ASP A 130 14.28 2.09 12.62
CA ASP A 130 14.65 3.16 11.71
C ASP A 130 15.72 4.02 12.37
N GLU A 131 16.25 4.97 11.60
CA GLU A 131 17.32 5.82 12.11
C GLU A 131 16.85 6.70 13.27
N SER A 132 15.59 7.13 13.25
CA SER A 132 15.12 8.06 14.27
C SER A 132 15.14 7.42 15.65
N GLN A 133 14.56 6.24 15.78
CA GLN A 133 14.52 5.55 17.06
C GLN A 133 15.87 4.95 17.38
N ARG A 134 16.25 4.99 18.66
CA ARG A 134 17.60 4.60 19.07
C ARG A 134 17.68 3.12 19.44
N LYS A 135 16.71 2.60 20.17
CA LYS A 135 16.78 1.20 20.60
C LYS A 135 16.32 0.27 19.48
N TYR A 136 16.67 -1.00 19.64
CA TYR A 136 16.58 -1.98 18.57
C TYR A 136 16.28 -3.33 19.21
N GLU A 137 16.48 -4.41 18.45
CA GLU A 137 16.32 -5.78 18.94
C GLU A 137 17.61 -6.54 18.70
N LYS A 138 18.16 -7.15 19.77
CA LYS A 138 19.36 -7.96 19.69
C LYS A 138 19.07 -9.33 20.26
N PHE A 139 19.46 -10.38 19.52
CA PHE A 139 19.17 -11.74 19.92
C PHE A 139 20.26 -12.66 19.37
N THR A 140 20.23 -13.91 19.82
CA THR A 140 21.18 -14.93 19.38
C THR A 140 20.62 -15.64 18.15
N ALA A 141 21.26 -15.44 17.00
CA ALA A 141 20.84 -16.14 15.80
C ALA A 141 21.25 -17.60 15.82
N LEU A 142 22.49 -17.88 16.23
CA LEU A 142 22.95 -19.26 16.41
C LEU A 142 24.07 -19.27 17.43
N GLU A 143 24.38 -20.46 17.92
CA GLU A 143 25.46 -20.67 18.86
C GLU A 143 26.26 -21.89 18.43
N GLU A 144 27.58 -21.79 18.54
CA GLU A 144 28.49 -22.89 18.20
C GLU A 144 29.20 -23.31 19.47
N LEU A 145 28.87 -24.50 19.97
CA LEU A 145 29.52 -25.02 21.15
C LEU A 145 31.01 -25.22 20.87
N PRO A 146 31.85 -25.28 21.90
CA PRO A 146 33.27 -25.48 21.68
C PRO A 146 33.55 -26.80 20.98
N GLY A 147 34.39 -26.74 19.94
CA GLY A 147 34.80 -27.94 19.24
C GLY A 147 33.79 -28.52 18.28
N SER A 148 32.82 -27.73 17.84
CA SER A 148 31.82 -28.21 16.89
C SER A 148 32.13 -27.82 15.45
N TYR A 149 32.96 -26.81 15.23
CA TYR A 149 33.27 -26.38 13.87
C TYR A 149 34.18 -27.39 13.19
N ASN A 150 33.83 -27.74 11.96
CA ASN A 150 34.55 -28.76 11.18
C ASN A 150 34.66 -28.24 9.76
N GLU A 151 35.79 -27.58 9.46
CA GLU A 151 35.97 -26.93 8.17
C GLU A 151 35.77 -27.89 7.00
N SER A 152 36.11 -29.17 7.19
CA SER A 152 36.02 -30.13 6.10
C SER A 152 34.60 -30.30 5.57
N LYS A 153 33.59 -29.75 6.24
CA LYS A 153 32.23 -29.80 5.71
C LYS A 153 31.98 -28.77 4.62
N PHE A 154 32.93 -27.88 4.36
CA PHE A 154 32.84 -26.92 3.28
C PHE A 154 33.83 -27.25 2.16
N ARG A 155 34.20 -28.52 2.04
CA ARG A 155 35.07 -28.99 0.97
C ARG A 155 34.64 -30.39 0.59
N PRO A 156 34.82 -30.79 -0.67
CA PRO A 156 34.39 -32.13 -1.10
C PRO A 156 35.16 -33.21 -0.36
N PRO A 157 34.60 -34.43 -0.28
CA PRO A 157 33.30 -34.85 -0.80
C PRO A 157 32.15 -34.35 0.06
N TYR A 158 30.99 -34.08 -0.54
CA TYR A 158 29.80 -33.67 0.19
C TYR A 158 28.91 -34.87 0.45
N GLN A 159 27.91 -34.66 1.31
CA GLN A 159 27.06 -35.77 1.75
C GLN A 159 26.36 -36.43 0.57
N TYR A 160 25.67 -35.64 -0.25
CA TYR A 160 24.97 -36.14 -1.42
C TYR A 160 25.47 -35.40 -2.67
N GLU A 161 25.13 -35.95 -3.83
CA GLU A 161 25.40 -35.26 -5.08
C GLU A 161 24.29 -34.27 -5.41
N TYR A 162 23.05 -34.64 -5.12
CA TYR A 162 21.88 -33.82 -5.40
C TYR A 162 21.00 -33.76 -4.16
N LEU A 163 20.39 -32.61 -3.93
CA LEU A 163 19.42 -32.44 -2.85
C LEU A 163 18.16 -31.80 -3.41
N TYR A 164 17.01 -32.27 -2.94
CA TYR A 164 15.72 -31.74 -3.34
C TYR A 164 15.17 -30.89 -2.21
N CYS A 165 14.76 -29.66 -2.53
CA CYS A 165 14.19 -28.72 -1.57
C CYS A 165 12.72 -28.54 -1.93
N GLY A 166 11.84 -29.20 -1.17
CA GLY A 166 10.43 -29.15 -1.44
C GLY A 166 9.78 -27.85 -0.99
N SER A 167 8.52 -27.71 -1.38
CA SER A 167 7.73 -26.54 -1.03
C SER A 167 7.08 -26.74 0.35
N SER A 168 6.42 -25.68 0.82
CA SER A 168 5.61 -25.77 2.03
C SER A 168 4.36 -26.58 1.73
N LEU A 169 4.25 -27.75 2.35
CA LEU A 169 3.15 -28.68 2.07
C LEU A 169 1.96 -28.37 2.97
N TYR A 170 0.82 -28.07 2.35
CA TYR A 170 -0.41 -27.80 3.08
C TYR A 170 -1.59 -28.29 2.27
N GLY A 171 -2.70 -28.56 2.96
CA GLY A 171 -3.94 -28.98 2.33
C GLY A 171 -4.19 -30.47 2.49
N ASN A 172 -5.21 -30.95 1.77
CA ASN A 172 -5.52 -32.37 1.72
C ASN A 172 -4.74 -32.98 0.55
N LEU A 173 -3.63 -33.65 0.84
CA LEU A 173 -2.75 -34.16 -0.19
C LEU A 173 -2.86 -35.68 -0.31
N SER A 174 -2.65 -36.17 -1.53
CA SER A 174 -2.81 -37.57 -1.85
C SER A 174 -1.52 -38.33 -1.56
N ALA A 175 -1.63 -39.40 -0.79
CA ALA A 175 -0.45 -40.20 -0.44
C ALA A 175 0.05 -41.01 -1.62
N SER A 176 -0.84 -41.41 -2.53
CA SER A 176 -0.42 -42.19 -3.68
C SER A 176 0.52 -41.38 -4.58
N ARG A 177 0.23 -40.08 -4.74
CA ARG A 177 1.11 -39.24 -5.56
C ARG A 177 2.49 -39.13 -4.94
N PHE A 178 2.57 -38.92 -3.62
CA PHE A 178 3.87 -38.87 -2.95
C PHE A 178 4.65 -40.15 -3.21
N ARG A 179 3.98 -41.31 -3.04
CA ARG A 179 4.65 -42.58 -3.27
C ARG A 179 5.19 -42.66 -4.70
N GLU A 180 4.36 -42.31 -5.68
CA GLU A 180 4.81 -42.32 -7.06
C GLU A 180 5.93 -41.31 -7.27
N TRP A 181 5.81 -40.13 -6.68
CA TRP A 181 6.82 -39.10 -6.85
C TRP A 181 8.15 -39.53 -6.22
N MET A 182 8.10 -40.02 -4.99
CA MET A 182 9.33 -40.43 -4.31
C MET A 182 10.01 -41.56 -5.07
N ALA A 183 9.23 -42.53 -5.55
CA ALA A 183 9.80 -43.65 -6.29
C ALA A 183 10.50 -43.16 -7.55
N TYR A 184 9.84 -42.27 -8.30
CA TYR A 184 10.42 -41.80 -9.55
C TYR A 184 11.73 -41.06 -9.31
N HIS A 185 11.71 -40.08 -8.40
CA HIS A 185 12.85 -39.19 -8.26
C HIS A 185 13.99 -39.79 -7.45
N ALA A 186 13.71 -40.77 -6.59
CA ALA A 186 14.79 -41.57 -6.03
C ALA A 186 15.53 -42.31 -7.14
N TRP A 187 14.82 -42.70 -8.20
CA TRP A 187 15.44 -43.34 -9.36
C TRP A 187 16.09 -42.31 -10.27
N PHE A 188 15.45 -41.14 -10.43
CA PHE A 188 15.98 -40.11 -11.32
C PHE A 188 17.32 -39.59 -10.82
N PHE A 189 17.43 -39.32 -9.51
CA PHE A 189 18.59 -38.66 -8.96
C PHE A 189 19.67 -39.62 -8.47
N GLY A 190 19.37 -40.92 -8.39
CA GLY A 190 20.36 -41.89 -8.03
C GLY A 190 20.51 -42.07 -6.54
N PRO A 191 21.46 -42.92 -6.13
CA PRO A 191 21.57 -43.26 -4.70
C PRO A 191 22.03 -42.10 -3.83
N SER A 192 23.00 -41.31 -4.30
CA SER A 192 23.50 -40.18 -3.52
C SER A 192 22.62 -38.96 -3.80
N SER A 193 21.41 -39.01 -3.24
CA SER A 193 20.44 -37.93 -3.36
C SER A 193 19.60 -37.91 -2.10
N HIS A 194 19.14 -36.72 -1.72
CA HIS A 194 18.33 -36.54 -0.54
C HIS A 194 17.17 -35.60 -0.85
N PHE A 195 16.08 -35.77 -0.11
CA PHE A 195 14.83 -35.07 -0.37
C PHE A 195 14.34 -34.43 0.92
N VAL A 196 14.14 -33.12 0.87
CA VAL A 196 13.72 -32.33 2.03
C VAL A 196 12.28 -31.90 1.81
N PHE A 197 11.38 -32.37 2.67
CA PHE A 197 9.99 -31.96 2.66
C PHE A 197 9.72 -31.05 3.85
N HIS A 198 8.83 -30.08 3.64
CA HIS A 198 8.46 -29.10 4.67
C HIS A 198 6.97 -29.28 4.95
N ASP A 199 6.66 -29.91 6.08
CA ASP A 199 5.27 -30.17 6.45
C ASP A 199 4.68 -28.95 7.14
N ALA A 200 3.77 -28.26 6.46
CA ALA A 200 2.98 -27.19 7.07
C ALA A 200 1.53 -27.61 7.27
N GLY A 201 1.26 -28.92 7.28
CA GLY A 201 -0.09 -29.42 7.44
C GLY A 201 -0.45 -30.46 6.41
N GLY A 202 0.22 -30.44 5.26
CA GLY A 202 -0.13 -31.32 4.16
C GLY A 202 0.30 -32.76 4.34
N VAL A 203 1.23 -33.03 5.25
CA VAL A 203 1.70 -34.38 5.48
C VAL A 203 0.74 -35.08 6.43
N SER A 204 -0.34 -35.62 5.89
CA SER A 204 -1.31 -36.37 6.65
C SER A 204 -0.68 -37.68 7.11
N PRO A 205 -1.36 -38.42 8.00
CA PRO A 205 -0.85 -39.77 8.35
C PRO A 205 -0.68 -40.66 7.13
N GLU A 206 -1.57 -40.52 6.14
CA GLU A 206 -1.43 -41.30 4.91
C GLU A 206 -0.18 -40.89 4.14
N VAL A 207 0.01 -39.59 3.93
CA VAL A 207 1.19 -39.10 3.22
C VAL A 207 2.46 -39.51 3.98
N ARG A 208 2.44 -39.38 5.31
CA ARG A 208 3.62 -39.73 6.10
C ARG A 208 3.98 -41.21 5.92
N ALA A 209 2.98 -42.08 5.87
CA ALA A 209 3.26 -43.49 5.67
C ALA A 209 3.85 -43.75 4.30
N ALA A 210 3.40 -43.01 3.28
CA ALA A 210 3.97 -43.16 1.94
C ALA A 210 5.44 -42.77 1.93
N LEU A 211 5.84 -41.78 2.73
CA LEU A 211 7.23 -41.38 2.81
C LEU A 211 8.03 -42.22 3.78
N ASP A 212 7.36 -42.93 4.69
CA ASP A 212 8.08 -43.61 5.76
C ASP A 212 9.15 -44.57 5.26
N PRO A 213 8.92 -45.39 4.23
CA PRO A 213 10.02 -46.26 3.74
C PRO A 213 11.23 -45.47 3.32
N TRP A 214 11.06 -44.24 2.83
CA TRP A 214 12.19 -43.43 2.40
C TRP A 214 12.84 -42.70 3.57
N VAL A 215 12.02 -42.25 4.53
CA VAL A 215 12.57 -41.64 5.73
C VAL A 215 13.42 -42.66 6.49
N ARG A 216 12.87 -43.84 6.74
CA ARG A 216 13.60 -44.87 7.47
C ARG A 216 14.88 -45.26 6.75
N ALA A 217 14.89 -45.19 5.42
CA ALA A 217 16.07 -45.49 4.63
C ALA A 217 17.08 -44.35 4.61
N GLY A 218 16.77 -43.22 5.24
CA GLY A 218 17.69 -42.10 5.28
C GLY A 218 17.74 -41.29 4.00
N ARG A 219 16.73 -41.42 3.14
CA ARG A 219 16.70 -40.73 1.87
C ARG A 219 15.80 -39.50 1.87
N ALA A 220 15.00 -39.29 2.91
CA ALA A 220 14.02 -38.22 2.93
C ALA A 220 13.90 -37.64 4.34
N THR A 221 13.81 -36.32 4.41
CA THR A 221 13.61 -35.61 5.66
C THR A 221 12.29 -34.84 5.59
N VAL A 222 11.45 -35.00 6.60
CA VAL A 222 10.17 -34.32 6.67
C VAL A 222 10.25 -33.33 7.83
N GLN A 223 10.53 -32.08 7.53
CA GLN A 223 10.58 -31.04 8.54
C GLN A 223 9.17 -30.66 8.97
N ASP A 224 9.01 -30.39 10.26
CA ASP A 224 7.73 -29.96 10.83
C ASP A 224 7.75 -28.45 10.91
N ILE A 225 7.11 -27.79 9.95
CA ILE A 225 6.98 -26.34 9.96
C ILE A 225 5.52 -25.97 10.23
N ARG A 226 4.83 -26.80 11.02
CA ARG A 226 3.46 -26.48 11.40
C ARG A 226 3.38 -25.29 12.33
N GLY A 227 4.50 -24.87 12.93
CA GLY A 227 4.53 -23.63 13.67
C GLY A 227 4.41 -22.39 12.81
N GLN A 228 4.36 -22.55 11.49
CA GLN A 228 4.16 -21.45 10.58
C GLN A 228 2.75 -20.89 10.65
N ALA A 229 1.81 -21.64 11.20
CA ALA A 229 0.41 -21.21 11.21
C ALA A 229 0.20 -19.91 11.98
N GLU A 230 1.10 -19.59 12.92
CA GLU A 230 0.97 -18.33 13.65
C GLU A 230 1.03 -17.14 12.71
N PHE A 231 1.75 -17.27 11.59
CA PHE A 231 1.92 -16.18 10.63
C PHE A 231 1.26 -16.49 9.29
N ASP A 232 0.35 -17.46 9.27
CA ASP A 232 -0.29 -17.84 8.01
C ASP A 232 -1.07 -16.67 7.43
N GLY A 233 -0.77 -16.33 6.17
CA GLY A 233 -1.40 -15.22 5.50
C GLY A 233 -0.67 -13.91 5.61
N TYR A 234 0.45 -13.86 6.34
CA TYR A 234 1.17 -12.62 6.58
C TYR A 234 2.51 -12.56 5.85
N TYR A 235 2.82 -13.54 5.01
CA TYR A 235 4.07 -13.55 4.25
C TYR A 235 3.91 -14.55 3.11
N TYR A 236 4.97 -14.70 2.31
CA TYR A 236 4.95 -15.57 1.15
C TYR A 236 5.57 -16.91 1.54
N ASN A 237 4.70 -17.90 1.75
CA ASN A 237 5.13 -19.20 2.26
C ASN A 237 6.31 -19.76 1.48
N GLN A 238 6.17 -19.85 0.15
CA GLN A 238 7.17 -20.57 -0.63
C GLN A 238 8.51 -19.85 -0.66
N PHE A 239 8.51 -18.52 -0.62
CA PHE A 239 9.77 -17.80 -0.70
C PHE A 239 10.60 -17.99 0.57
N LEU A 240 9.95 -18.13 1.71
CA LEU A 240 10.69 -18.34 2.95
C LEU A 240 11.33 -19.71 2.98
N VAL A 241 10.63 -20.74 2.50
CA VAL A 241 11.13 -22.10 2.60
C VAL A 241 12.32 -22.32 1.66
N VAL A 242 12.23 -21.79 0.43
CA VAL A 242 13.32 -21.97 -0.52
C VAL A 242 14.61 -21.35 0.01
N ASN A 243 14.49 -20.21 0.69
CA ASN A 243 15.68 -19.52 1.18
C ASN A 243 16.25 -20.18 2.43
N ASP A 244 15.40 -20.76 3.26
CA ASP A 244 15.90 -21.51 4.42
C ASP A 244 16.47 -22.85 3.99
N CYS A 245 15.84 -23.50 3.02
CA CYS A 245 16.40 -24.73 2.48
C CYS A 245 17.73 -24.47 1.76
N LEU A 246 17.81 -23.35 1.04
CA LEU A 246 19.04 -23.01 0.34
C LEU A 246 20.22 -23.01 1.31
N HIS A 247 20.10 -22.29 2.43
CA HIS A 247 21.20 -22.13 3.36
C HIS A 247 21.30 -23.25 4.36
N ARG A 248 20.20 -23.94 4.67
CA ARG A 248 20.25 -25.05 5.61
C ARG A 248 21.12 -26.19 5.06
N TYR A 249 21.06 -26.41 3.74
CA TYR A 249 21.80 -27.48 3.08
C TYR A 249 22.73 -26.92 2.02
N ARG A 250 23.33 -25.76 2.29
CA ARG A 250 24.12 -25.09 1.26
C ARG A 250 25.23 -25.99 0.75
N TYR A 251 25.99 -26.62 1.66
CA TYR A 251 27.10 -27.48 1.29
C TYR A 251 26.79 -28.96 1.47
N SER A 252 25.51 -29.31 1.62
CA SER A 252 25.16 -30.72 1.74
C SER A 252 25.29 -31.45 0.41
N ALA A 253 25.18 -30.74 -0.72
CA ALA A 253 25.22 -31.37 -2.02
C ALA A 253 25.83 -30.44 -3.04
N ASN A 254 26.18 -31.00 -4.20
CA ASN A 254 26.67 -30.20 -5.31
C ASN A 254 25.55 -29.32 -5.87
N TRP A 255 24.37 -29.91 -6.09
CA TRP A 255 23.26 -29.26 -6.77
C TRP A 255 22.01 -29.36 -5.91
N THR A 256 21.21 -28.30 -5.91
CA THR A 256 19.94 -28.26 -5.20
C THR A 256 18.82 -28.04 -6.22
N PHE A 257 17.86 -28.95 -6.26
CA PHE A 257 16.74 -28.88 -7.18
C PHE A 257 15.50 -28.35 -6.47
N TYR A 258 14.77 -27.49 -7.17
CA TYR A 258 13.58 -26.83 -6.63
C TYR A 258 12.40 -27.13 -7.55
N PHE A 259 11.42 -27.89 -7.04
CA PHE A 259 10.18 -28.12 -7.76
C PHE A 259 9.22 -28.85 -6.82
N ASP A 260 8.00 -29.07 -7.29
CA ASP A 260 6.91 -29.55 -6.46
C ASP A 260 6.65 -31.04 -6.69
N VAL A 261 5.85 -31.62 -5.78
CA VAL A 261 5.56 -33.05 -5.84
C VAL A 261 4.53 -33.41 -6.90
N ASP A 262 3.95 -32.41 -7.58
CA ASP A 262 3.16 -32.65 -8.78
C ASP A 262 3.99 -32.42 -10.05
N GLU A 263 5.31 -32.32 -9.92
CA GLU A 263 6.20 -32.03 -11.02
C GLU A 263 7.28 -33.11 -11.09
N TYR A 264 7.57 -33.56 -12.30
CA TYR A 264 8.45 -34.71 -12.52
C TYR A 264 9.55 -34.31 -13.49
N ILE A 265 10.79 -34.36 -13.04
CA ILE A 265 11.92 -34.00 -13.90
C ILE A 265 12.12 -35.09 -14.95
N TYR A 266 12.22 -34.68 -16.21
CA TYR A 266 12.30 -35.62 -17.31
C TYR A 266 13.47 -35.25 -18.22
N LEU A 267 14.16 -36.28 -18.70
CA LEU A 267 15.30 -36.11 -19.59
C LEU A 267 14.94 -36.64 -20.98
N PRO A 268 14.80 -35.78 -21.99
CA PRO A 268 14.64 -36.30 -23.35
C PRO A 268 15.72 -37.32 -23.68
N GLU A 269 15.31 -38.40 -24.34
CA GLU A 269 16.24 -39.49 -24.64
C GLU A 269 17.50 -38.94 -25.30
N GLY A 270 18.62 -39.62 -25.06
CA GLY A 270 19.91 -39.13 -25.47
C GLY A 270 20.60 -38.25 -24.45
N ASN A 271 20.00 -38.05 -23.28
CA ASN A 271 20.57 -37.24 -22.23
C ASN A 271 20.45 -37.97 -20.89
N THR A 272 21.54 -37.97 -20.13
CA THR A 272 21.56 -38.48 -18.78
C THR A 272 21.78 -37.33 -17.80
N LEU A 273 21.38 -37.54 -16.55
CA LEU A 273 21.51 -36.48 -15.56
C LEU A 273 22.95 -36.01 -15.45
N GLU A 274 23.89 -36.95 -15.32
CA GLU A 274 25.31 -36.57 -15.30
C GLU A 274 25.70 -35.85 -16.58
N SER A 275 25.23 -36.35 -17.73
CA SER A 275 25.54 -35.70 -19.01
C SER A 275 25.05 -34.25 -19.01
N VAL A 276 23.79 -34.03 -18.67
CA VAL A 276 23.24 -32.68 -18.71
C VAL A 276 23.96 -31.77 -17.73
N LEU A 277 24.15 -32.25 -16.50
CA LEU A 277 24.82 -31.42 -15.49
C LEU A 277 26.28 -31.16 -15.83
N LYS A 278 26.89 -31.98 -16.68
CA LYS A 278 28.24 -31.67 -17.15
C LYS A 278 28.22 -30.48 -18.10
N ASP A 279 27.30 -30.50 -19.07
CA ASP A 279 27.17 -29.36 -19.97
C ASP A 279 26.84 -28.08 -19.20
N PHE A 280 26.22 -28.21 -18.03
CA PHE A 280 25.78 -27.05 -17.25
C PHE A 280 26.72 -26.73 -16.09
N SER A 281 27.87 -27.40 -16.01
CA SER A 281 28.72 -27.28 -14.82
C SER A 281 29.16 -25.84 -14.60
N ASN A 282 29.54 -25.14 -15.67
CA ASN A 282 30.04 -23.77 -15.65
C ASN A 282 28.94 -22.74 -15.42
N TYR A 283 27.74 -23.18 -15.04
CA TYR A 283 26.62 -22.30 -14.71
C TYR A 283 26.21 -22.54 -13.25
N THR A 284 25.98 -21.45 -12.52
CA THR A 284 25.58 -21.55 -11.12
C THR A 284 24.13 -22.02 -10.97
N GLN A 285 23.30 -21.80 -11.98
CA GLN A 285 21.91 -22.24 -11.94
C GLN A 285 21.38 -22.33 -13.35
N PHE A 286 20.32 -23.11 -13.52
CA PHE A 286 19.65 -23.22 -14.81
C PHE A 286 18.18 -23.49 -14.58
N THR A 287 17.34 -22.92 -15.44
CA THR A 287 15.90 -23.10 -15.34
C THR A 287 15.48 -24.29 -16.20
N ILE A 288 14.29 -24.80 -15.91
CA ILE A 288 13.77 -26.01 -16.51
C ILE A 288 12.36 -25.72 -17.03
N GLU A 289 12.16 -25.87 -18.34
CA GLU A 289 10.86 -25.59 -18.91
C GLU A 289 9.86 -26.68 -18.52
N GLN A 290 8.59 -26.38 -18.76
CA GLN A 290 7.47 -27.17 -18.26
C GLN A 290 6.74 -27.88 -19.39
N ASN A 291 6.24 -29.08 -19.08
CA ASN A 291 5.33 -29.83 -19.96
C ASN A 291 3.99 -29.94 -19.24
N PRO A 292 3.06 -29.01 -19.47
CA PRO A 292 1.80 -29.02 -18.70
C PRO A 292 0.91 -30.19 -19.11
N MET A 293 0.47 -30.95 -18.11
CA MET A 293 -0.37 -32.12 -18.33
C MET A 293 -1.75 -31.92 -17.72
N SER A 294 -2.76 -32.47 -18.39
CA SER A 294 -4.09 -32.54 -17.80
C SER A 294 -4.09 -33.57 -16.67
N SER A 295 -4.66 -33.19 -15.54
CA SER A 295 -4.84 -34.12 -14.43
C SER A 295 -6.20 -34.82 -14.48
N ALA A 296 -6.91 -34.72 -15.61
CA ALA A 296 -8.25 -35.29 -15.71
C ALA A 296 -8.44 -36.13 -16.97
N LEU A 297 -7.69 -35.83 -18.02
CA LEU A 297 -7.90 -36.48 -19.31
C LEU A 297 -7.26 -37.87 -19.34
N CYS A 298 -8.05 -38.86 -19.73
CA CYS A 298 -7.56 -40.22 -19.94
C CYS A 298 -8.36 -40.88 -21.05
N PHE A 299 -7.92 -42.05 -21.47
CA PHE A 299 -8.60 -42.78 -22.54
C PHE A 299 -9.81 -43.56 -22.03
N ASN A 300 -10.86 -43.54 -22.84
CA ASN A 300 -12.08 -44.35 -22.74
C ASN A 300 -11.74 -45.76 -23.23
N ASP A 301 -11.09 -46.53 -22.35
CA ASP A 301 -10.49 -47.80 -22.77
C ASP A 301 -10.59 -48.83 -21.64
N SER A 302 -11.36 -49.90 -21.88
CA SER A 302 -11.61 -50.91 -20.86
C SER A 302 -10.40 -51.79 -20.58
N THR A 303 -9.47 -51.90 -21.52
CA THR A 303 -8.25 -52.68 -21.27
C THR A 303 -7.33 -51.98 -20.28
N GLN A 304 -7.55 -50.70 -20.03
CA GLN A 304 -6.81 -49.96 -19.02
C GLN A 304 -7.45 -50.19 -17.65
N ASP A 305 -6.61 -50.41 -16.64
CA ASP A 305 -7.04 -50.57 -15.25
C ASP A 305 -6.50 -49.38 -14.48
N TYR A 306 -7.21 -48.26 -14.56
CA TYR A 306 -6.69 -46.99 -14.07
C TYR A 306 -6.49 -46.99 -12.56
N PRO A 307 -7.36 -47.64 -11.77
CA PRO A 307 -7.08 -47.72 -10.33
C PRO A 307 -5.76 -48.39 -10.00
N ARG A 308 -5.21 -49.20 -10.90
CA ARG A 308 -3.92 -49.84 -10.69
C ARG A 308 -2.80 -49.18 -11.51
N GLN A 309 -3.09 -48.08 -12.18
CA GLN A 309 -2.07 -47.30 -12.89
C GLN A 309 -1.67 -46.10 -12.06
N TRP A 310 -0.41 -45.72 -12.16
CA TRP A 310 0.09 -44.56 -11.45
C TRP A 310 -0.29 -43.27 -12.19
N GLY A 311 -0.18 -42.15 -11.49
CA GLY A 311 -0.56 -40.86 -12.04
C GLY A 311 0.06 -40.55 -13.39
N PHE A 312 1.39 -40.49 -13.46
CA PHE A 312 2.05 -40.19 -14.72
C PHE A 312 1.96 -41.35 -15.71
N GLU A 313 1.60 -42.54 -15.24
CA GLU A 313 1.28 -43.66 -16.13
C GLU A 313 -0.10 -43.51 -16.76
N LYS A 314 -0.91 -42.60 -16.22
CA LYS A 314 -2.32 -42.45 -16.55
C LYS A 314 -2.62 -41.20 -17.36
N LEU A 315 -2.06 -40.07 -16.96
CA LEU A 315 -2.40 -38.76 -17.51
C LEU A 315 -1.47 -38.49 -18.68
N LEU A 316 -1.94 -38.75 -19.89
CA LEU A 316 -1.10 -38.78 -21.09
C LEU A 316 -1.36 -37.63 -22.04
N PHE A 317 -2.03 -36.57 -21.58
CA PHE A 317 -2.44 -35.48 -22.46
C PHE A 317 -1.78 -34.19 -22.01
N ARG A 318 -0.96 -33.63 -22.89
CA ARG A 318 -0.14 -32.46 -22.62
C ARG A 318 -0.74 -31.24 -23.31
N GLU A 319 -0.91 -30.16 -22.57
CA GLU A 319 -1.40 -28.92 -23.15
C GLU A 319 -0.39 -28.41 -24.19
N SER A 320 -0.89 -28.09 -25.39
CA SER A 320 -0.06 -28.00 -26.58
C SER A 320 0.11 -26.59 -27.12
N ARG A 321 -0.35 -25.57 -26.42
CA ARG A 321 -0.16 -24.20 -26.91
C ARG A 321 1.33 -23.88 -27.02
N THR A 322 1.68 -23.10 -28.03
CA THR A 322 3.07 -22.75 -28.33
C THR A 322 3.32 -21.28 -28.07
N GLY A 323 4.52 -20.98 -27.60
CA GLY A 323 4.93 -19.60 -27.36
C GLY A 323 4.29 -18.96 -26.15
N ILE A 324 3.80 -19.75 -25.21
CA ILE A 324 3.06 -19.25 -24.05
C ILE A 324 4.03 -19.14 -22.88
N ARG A 325 3.91 -18.04 -22.12
CA ARG A 325 4.75 -17.87 -20.94
C ARG A 325 4.28 -18.81 -19.84
N ARG A 326 5.16 -19.72 -19.43
CA ARG A 326 4.84 -20.75 -18.45
C ARG A 326 5.84 -20.70 -17.31
N ASP A 327 5.36 -21.06 -16.12
CA ASP A 327 6.24 -21.15 -14.96
C ASP A 327 7.40 -22.10 -15.25
N ARG A 328 8.55 -21.80 -14.65
CA ARG A 328 9.73 -22.64 -14.76
C ARG A 328 10.23 -23.00 -13.37
N LYS A 329 10.97 -24.09 -13.30
CA LYS A 329 11.69 -24.50 -12.10
C LYS A 329 13.17 -24.55 -12.43
N TYR A 330 13.99 -24.76 -11.40
CA TYR A 330 15.42 -24.55 -11.56
C TYR A 330 16.20 -25.47 -10.63
N ALA A 331 17.49 -25.55 -10.89
CA ALA A 331 18.47 -26.18 -10.00
C ALA A 331 19.63 -25.21 -9.84
N ILE A 332 20.27 -25.28 -8.67
CA ILE A 332 21.23 -24.25 -8.28
C ILE A 332 22.34 -24.88 -7.47
N GLN A 333 23.57 -24.45 -7.72
CA GLN A 333 24.72 -24.81 -6.88
C GLN A 333 24.70 -23.87 -5.68
N ALA A 334 24.11 -24.35 -4.58
CA ALA A 334 23.89 -23.47 -3.42
C ALA A 334 25.19 -22.83 -2.94
N LYS A 335 26.32 -23.53 -3.08
CA LYS A 335 27.57 -23.01 -2.55
C LYS A 335 27.92 -21.63 -3.11
N ASN A 336 27.39 -21.28 -4.27
CA ASN A 336 27.62 -19.97 -4.88
C ASN A 336 26.32 -19.18 -5.01
N ALA A 337 25.38 -19.41 -4.09
CA ALA A 337 24.14 -18.66 -4.01
C ALA A 337 24.02 -17.99 -2.66
N TYR A 338 23.42 -16.80 -2.65
CA TYR A 338 23.19 -16.04 -1.42
C TYR A 338 21.72 -15.96 -1.03
N ALA A 339 20.83 -16.09 -2.01
CA ALA A 339 19.39 -16.05 -1.80
C ALA A 339 18.76 -16.55 -3.09
N THR A 340 17.48 -16.88 -3.02
CA THR A 340 16.81 -17.44 -4.20
C THR A 340 15.32 -17.18 -4.11
N GLY A 341 14.64 -17.41 -5.23
CA GLY A 341 13.21 -17.33 -5.33
C GLY A 341 12.58 -18.69 -5.57
N VAL A 342 11.36 -18.67 -6.10
CA VAL A 342 10.63 -19.91 -6.33
C VAL A 342 10.81 -20.45 -7.75
N HIS A 343 11.19 -19.61 -8.71
CA HIS A 343 11.43 -20.05 -10.08
C HIS A 343 12.89 -19.92 -10.50
N MET A 344 13.72 -19.24 -9.71
CA MET A 344 15.15 -19.10 -9.96
C MET A 344 15.72 -18.17 -8.90
N SER A 345 17.02 -17.95 -8.92
CA SER A 345 17.67 -17.03 -8.00
C SER A 345 18.04 -15.74 -8.71
N GLU A 346 18.03 -14.63 -7.95
CA GLU A 346 18.51 -13.35 -8.42
C GLU A 346 19.67 -12.84 -7.57
N ASN A 347 20.28 -13.72 -6.76
CA ASN A 347 21.38 -13.37 -5.86
C ASN A 347 22.39 -14.51 -5.91
N VAL A 348 23.21 -14.52 -6.95
CA VAL A 348 24.24 -15.55 -7.14
C VAL A 348 25.50 -14.88 -7.70
N ILE A 349 26.59 -15.63 -7.63
CA ILE A 349 27.81 -15.33 -8.37
C ILE A 349 27.97 -16.42 -9.43
N GLY A 350 28.10 -16.02 -10.68
CA GLY A 350 28.18 -16.95 -11.78
C GLY A 350 27.02 -16.81 -12.74
N LYS A 351 27.11 -17.57 -13.83
CA LYS A 351 26.17 -17.45 -14.94
C LYS A 351 24.86 -18.15 -14.62
N THR A 352 23.82 -17.75 -15.36
CA THR A 352 22.51 -18.38 -15.32
C THR A 352 22.17 -18.88 -16.71
N LEU A 353 21.60 -20.08 -16.79
CA LEU A 353 21.30 -20.71 -18.08
C LEU A 353 19.80 -20.95 -18.18
N HIS A 354 19.20 -20.47 -19.28
CA HIS A 354 17.80 -20.74 -19.58
C HIS A 354 17.60 -21.59 -20.83
N GLN A 355 18.57 -21.62 -21.74
CA GLN A 355 18.48 -22.45 -22.93
C GLN A 355 18.74 -23.90 -22.52
N THR A 356 17.68 -24.53 -21.99
CA THR A 356 17.76 -25.90 -21.47
C THR A 356 16.70 -26.79 -22.10
N GLU A 357 16.00 -26.31 -23.13
CA GLU A 357 14.73 -26.89 -23.54
C GLU A 357 14.90 -28.27 -24.16
N THR A 358 16.04 -28.51 -24.79
CA THR A 358 16.30 -29.76 -25.47
C THR A 358 16.82 -30.86 -24.56
N LYS A 359 17.32 -30.50 -23.38
CA LYS A 359 18.07 -31.44 -22.55
C LYS A 359 17.37 -31.85 -21.27
N ILE A 360 16.48 -31.00 -20.73
CA ILE A 360 15.82 -31.30 -19.47
C ILE A 360 14.50 -30.53 -19.42
N ARG A 361 13.47 -31.19 -18.92
CA ARG A 361 12.16 -30.58 -18.75
C ARG A 361 11.55 -31.15 -17.48
N TYR A 362 10.34 -30.71 -17.16
CA TYR A 362 9.57 -31.33 -16.09
C TYR A 362 8.10 -31.40 -16.49
N TYR A 363 7.49 -32.55 -16.24
CA TYR A 363 6.08 -32.76 -16.48
C TYR A 363 5.29 -32.29 -15.26
N HIS A 364 4.32 -31.41 -15.49
CA HIS A 364 3.56 -30.78 -14.42
C HIS A 364 2.11 -31.24 -14.51
N TYR A 365 1.67 -31.96 -13.48
CA TYR A 365 0.28 -32.43 -13.38
C TYR A 365 -0.47 -31.46 -12.48
N HIS A 366 -0.97 -30.39 -13.10
CA HIS A 366 -1.60 -29.32 -12.36
C HIS A 366 -2.85 -29.79 -11.63
N ASN A 367 -3.01 -29.34 -10.39
CA ASN A 367 -4.18 -29.62 -9.57
C ASN A 367 -4.48 -31.12 -9.54
N SER A 368 -3.45 -31.91 -9.25
CA SER A 368 -3.58 -33.35 -9.13
C SER A 368 -3.41 -33.85 -7.69
N ILE A 369 -2.55 -33.20 -6.91
CA ILE A 369 -2.14 -33.79 -5.63
C ILE A 369 -3.24 -33.66 -4.59
N GLN A 370 -4.06 -32.61 -4.64
CA GLN A 370 -5.10 -32.41 -3.65
C GLN A 370 -6.43 -33.00 -4.08
N VAL A 371 -6.45 -33.83 -5.11
CA VAL A 371 -7.67 -34.45 -5.61
C VAL A 371 -7.81 -35.83 -4.95
N PRO A 372 -8.92 -36.13 -4.29
CA PRO A 372 -9.15 -37.49 -3.82
C PRO A 372 -9.71 -38.38 -4.93
N GLY A 373 -9.43 -39.66 -4.82
CA GLY A 373 -9.99 -40.62 -5.76
C GLY A 373 -9.25 -40.68 -7.09
N GLU A 374 -9.96 -41.22 -8.07
CA GLU A 374 -9.36 -41.49 -9.38
C GLU A 374 -9.14 -40.20 -10.15
N LEU A 375 -7.90 -39.98 -10.59
CA LEU A 375 -7.58 -38.78 -11.35
C LEU A 375 -8.31 -38.78 -12.70
N CYS A 376 -8.29 -39.90 -13.41
CA CYS A 376 -9.00 -40.01 -14.68
C CYS A 376 -10.47 -39.67 -14.48
N ARG A 377 -10.90 -38.55 -15.08
CA ARG A 377 -12.27 -38.07 -14.87
C ARG A 377 -12.94 -37.56 -16.14
N GLU A 378 -12.22 -37.28 -17.21
CA GLU A 378 -12.79 -36.94 -18.52
C GLU A 378 -12.20 -37.92 -19.52
N PHE A 379 -13.04 -38.78 -20.08
CA PHE A 379 -12.61 -39.92 -20.85
C PHE A 379 -12.79 -39.65 -22.34
N LEU A 380 -11.70 -39.79 -23.10
CA LEU A 380 -11.64 -39.45 -24.50
C LEU A 380 -11.65 -40.68 -25.38
N PRO A 381 -12.02 -40.54 -26.65
CA PRO A 381 -11.91 -41.69 -27.58
C PRO A 381 -10.45 -41.99 -27.89
N LEU A 382 -10.19 -43.26 -28.22
CA LEU A 382 -8.85 -43.65 -28.63
C LEU A 382 -8.37 -42.83 -29.82
N SER A 383 -9.28 -42.17 -30.53
CA SER A 383 -8.89 -41.29 -31.62
C SER A 383 -7.96 -40.18 -31.14
N ALA A 384 -8.08 -39.77 -29.87
CA ALA A 384 -7.30 -38.65 -29.37
C ALA A 384 -5.80 -38.91 -29.37
N LYS A 385 -5.36 -40.14 -29.65
CA LYS A 385 -3.93 -40.41 -29.69
C LYS A 385 -3.24 -39.64 -30.81
N ASN A 386 -3.95 -39.35 -31.90
CA ASN A 386 -3.35 -38.75 -33.08
C ASN A 386 -3.91 -37.38 -33.46
N ASN A 387 -4.92 -36.89 -32.74
CA ASN A 387 -5.50 -35.59 -33.01
C ASN A 387 -5.27 -34.67 -31.82
N VAL A 388 -5.56 -33.39 -32.02
CA VAL A 388 -5.60 -32.43 -30.93
C VAL A 388 -6.96 -32.53 -30.26
N THR A 389 -6.97 -32.50 -28.93
CA THR A 389 -8.19 -32.57 -28.14
C THR A 389 -8.39 -31.24 -27.44
N TRP A 390 -9.53 -30.60 -27.70
CA TRP A 390 -9.88 -29.35 -27.04
C TRP A 390 -10.72 -29.65 -25.81
N TYR A 391 -10.18 -29.30 -24.64
CA TYR A 391 -10.84 -29.53 -23.36
C TYR A 391 -10.72 -28.25 -22.53
N ASN A 392 -11.84 -27.73 -22.08
CA ASN A 392 -11.88 -26.48 -21.32
C ASN A 392 -11.22 -25.34 -22.10
N GLY A 393 -11.35 -25.38 -23.43
CA GLY A 393 -10.85 -24.31 -24.28
C GLY A 393 -9.36 -24.35 -24.58
N LEU A 394 -8.68 -25.44 -24.25
CA LEU A 394 -7.25 -25.54 -24.50
C LEU A 394 -6.94 -26.80 -25.30
N PRO A 395 -5.88 -26.76 -26.12
CA PRO A 395 -5.53 -27.92 -26.94
C PRO A 395 -4.60 -28.87 -26.21
N TYR A 396 -4.82 -30.17 -26.44
CA TYR A 396 -4.04 -31.21 -25.79
C TYR A 396 -3.58 -32.22 -26.83
N VAL A 397 -2.41 -32.83 -26.57
CA VAL A 397 -1.84 -33.84 -27.43
C VAL A 397 -1.42 -35.04 -26.59
N TYR A 398 -1.31 -36.19 -27.25
CA TYR A 398 -0.86 -37.41 -26.60
C TYR A 398 0.64 -37.35 -26.31
N ASP A 399 1.03 -37.80 -25.12
CA ASP A 399 2.43 -37.75 -24.69
C ASP A 399 2.63 -38.87 -23.68
N ASP A 400 3.29 -39.95 -24.11
CA ASP A 400 3.49 -41.13 -23.28
C ASP A 400 4.93 -41.25 -22.76
N ASN A 401 5.69 -40.15 -22.80
CA ASN A 401 7.09 -40.22 -22.40
C ASN A 401 7.25 -40.71 -20.97
N MET A 402 6.35 -40.30 -20.08
CA MET A 402 6.43 -40.73 -18.68
C MET A 402 5.90 -42.15 -18.51
N LYS A 403 4.80 -42.48 -19.19
CA LYS A 403 4.24 -43.82 -19.08
C LYS A 403 5.27 -44.88 -19.46
N LYS A 404 6.13 -44.58 -20.43
CA LYS A 404 7.14 -45.54 -20.85
C LYS A 404 8.08 -45.92 -19.71
N LEU A 405 8.28 -45.01 -18.75
CA LEU A 405 9.19 -45.23 -17.64
C LEU A 405 8.52 -45.90 -16.44
N ALA A 406 7.20 -46.04 -16.44
CA ALA A 406 6.51 -46.55 -15.26
C ALA A 406 7.07 -47.89 -14.82
N SER A 407 7.22 -48.83 -15.76
CA SER A 407 7.73 -50.16 -15.41
C SER A 407 9.11 -50.04 -14.76
N THR A 408 9.96 -49.17 -15.30
CA THR A 408 11.29 -48.97 -14.72
C THR A 408 11.18 -48.48 -13.27
N ILE A 409 10.32 -47.50 -13.03
CA ILE A 409 10.18 -46.95 -11.68
C ILE A 409 9.61 -48.00 -10.73
N LYS A 410 8.62 -48.77 -11.19
CA LYS A 410 8.02 -49.78 -10.33
C LYS A 410 9.03 -50.87 -9.98
N ASP A 411 9.87 -51.26 -10.95
CA ASP A 411 10.92 -52.23 -10.64
C ASP A 411 11.92 -51.66 -9.66
N PHE A 412 12.33 -50.41 -9.86
CA PHE A 412 13.27 -49.78 -8.94
C PHE A 412 12.68 -49.69 -7.54
N GLU A 413 11.39 -49.36 -7.43
CA GLU A 413 10.77 -49.25 -6.11
C GLU A 413 10.80 -50.58 -5.38
N ARG A 414 10.31 -51.64 -6.01
CA ARG A 414 10.29 -52.94 -5.35
C ARG A 414 11.70 -53.41 -5.02
N ASN A 415 12.69 -53.02 -5.83
CA ASN A 415 14.07 -53.39 -5.59
C ASN A 415 14.77 -52.46 -4.60
N THR A 416 14.08 -51.43 -4.10
CA THR A 416 14.69 -50.46 -3.20
C THR A 416 14.00 -50.40 -1.85
N ILE A 417 12.67 -50.35 -1.80
CA ILE A 417 11.94 -50.29 -0.55
C ILE A 417 11.03 -51.49 -0.32
N GLY A 418 10.80 -52.31 -1.34
CA GLY A 418 9.92 -53.47 -1.20
C GLY A 418 8.47 -53.13 -1.46
N ASP B 25 13.57 -33.18 16.86
CA ASP B 25 14.02 -32.03 17.63
C ASP B 25 14.64 -30.96 16.73
N PRO B 26 15.63 -31.32 15.91
CA PRO B 26 16.18 -30.33 14.98
C PRO B 26 15.25 -30.05 13.83
N ASN B 27 14.40 -31.02 13.46
CA ASN B 27 13.43 -30.85 12.39
C ASN B 27 12.10 -30.31 12.89
N LYS B 28 11.99 -30.01 14.19
CA LYS B 28 10.85 -29.29 14.73
C LYS B 28 11.19 -27.80 14.65
N ARG B 29 10.85 -27.19 13.52
CA ARG B 29 11.27 -25.83 13.25
C ARG B 29 10.48 -24.85 14.11
N ILE B 30 11.16 -23.78 14.56
CA ILE B 30 10.57 -22.74 15.38
C ILE B 30 10.72 -21.41 14.67
N PHE B 31 9.73 -20.55 14.84
CA PHE B 31 9.70 -19.22 14.26
C PHE B 31 9.73 -18.22 15.42
N GLN B 32 10.91 -17.70 15.72
CA GLN B 32 11.11 -16.79 16.86
C GLN B 32 10.92 -15.36 16.38
N ALA B 33 9.88 -14.71 16.86
CA ALA B 33 9.61 -13.31 16.53
C ALA B 33 10.30 -12.39 17.52
N TYR B 34 10.70 -11.22 17.02
CA TYR B 34 11.37 -10.21 17.84
C TYR B 34 10.81 -8.84 17.52
N GLY B 35 10.65 -8.02 18.55
CA GLY B 35 10.29 -6.63 18.37
C GLY B 35 8.82 -6.41 18.06
N ASN B 36 8.44 -5.14 18.06
CA ASN B 36 7.07 -4.71 17.76
C ASN B 36 7.16 -3.50 16.84
N ALA B 37 7.03 -3.74 15.54
CA ALA B 37 7.13 -2.66 14.56
C ALA B 37 5.84 -1.87 14.40
N ALA B 38 4.74 -2.33 14.98
CA ALA B 38 3.48 -1.63 14.87
C ALA B 38 2.43 -2.22 15.81
N ALA B 39 1.99 -1.43 16.79
CA ALA B 39 0.89 -1.84 17.63
C ALA B 39 -0.40 -1.95 16.80
N LEU B 40 -1.32 -2.79 17.29
CA LEU B 40 -2.60 -2.91 16.61
C LEU B 40 -3.45 -1.66 16.82
N PHE B 41 -3.42 -1.11 18.03
CA PHE B 41 -4.26 0.02 18.40
C PHE B 41 -3.53 0.86 19.43
N VAL B 42 -3.58 2.18 19.24
CA VAL B 42 -3.03 3.13 20.20
C VAL B 42 -4.15 4.10 20.57
N GLN B 43 -4.52 4.11 21.85
CA GLN B 43 -5.60 4.97 22.31
C GLN B 43 -5.05 6.30 22.81
N MET B 44 -5.57 7.39 22.25
CA MET B 44 -5.29 8.72 22.77
C MET B 44 -6.38 9.21 23.72
N GLY B 45 -7.64 8.91 23.41
CA GLY B 45 -8.74 9.35 24.26
C GLY B 45 -9.98 8.52 24.02
N ALA B 46 -10.85 8.51 25.02
CA ALA B 46 -12.12 7.79 24.97
C ALA B 46 -13.16 8.64 25.68
N TYR B 47 -14.27 8.92 24.99
CA TYR B 47 -15.23 9.89 25.48
C TYR B 47 -16.66 9.43 25.25
N ARG B 48 -17.51 9.70 26.23
CA ARG B 48 -18.95 9.61 26.03
C ARG B 48 -19.41 10.81 25.21
N GLY B 49 -20.14 10.54 24.13
CA GLY B 49 -20.64 11.60 23.27
C GLY B 49 -22.15 11.73 23.32
N GLY B 50 -22.76 11.15 24.34
CA GLY B 50 -24.19 11.17 24.50
C GLY B 50 -24.65 10.12 25.49
N PRO B 51 -25.92 10.18 25.89
CA PRO B 51 -26.44 9.19 26.84
C PRO B 51 -26.29 7.76 26.35
N THR B 52 -26.03 7.56 25.07
CA THR B 52 -26.11 6.26 24.42
C THR B 52 -24.84 5.84 23.70
N THR B 53 -23.91 6.75 23.43
CA THR B 53 -22.86 6.51 22.47
C THR B 53 -21.52 7.00 22.99
N PHE B 54 -20.46 6.33 22.56
CA PHE B 54 -19.10 6.66 22.96
C PHE B 54 -18.21 6.68 21.71
N ALA B 55 -17.05 7.33 21.85
CA ALA B 55 -16.05 7.38 20.80
C ALA B 55 -14.69 7.09 21.41
N VAL B 56 -13.90 6.26 20.73
CA VAL B 56 -12.51 6.01 21.07
C VAL B 56 -11.66 6.53 19.91
N VAL B 57 -10.78 7.48 20.20
CA VAL B 57 -9.93 8.11 19.20
C VAL B 57 -8.51 7.60 19.38
N GLY B 58 -7.86 7.21 18.28
CA GLY B 58 -6.51 6.73 18.38
C GLY B 58 -5.93 6.35 17.04
N LEU B 59 -4.93 5.49 17.09
CA LEU B 59 -4.20 5.03 15.91
C LEU B 59 -4.38 3.53 15.75
N ALA B 60 -4.37 3.08 14.50
CA ALA B 60 -4.55 1.67 14.18
C ALA B 60 -3.57 1.26 13.09
N SER B 61 -3.12 0.01 13.17
CA SER B 61 -2.32 -0.58 12.11
C SER B 61 -3.28 -1.13 11.04
N LYS B 62 -3.13 -0.66 9.81
CA LYS B 62 -4.01 -1.11 8.74
C LYS B 62 -3.72 -2.57 8.41
N PRO B 63 -4.73 -3.32 7.98
CA PRO B 63 -4.47 -4.68 7.52
C PRO B 63 -3.81 -4.69 6.15
N ILE B 64 -3.00 -5.70 5.91
CA ILE B 64 -2.41 -5.96 4.60
C ILE B 64 -2.84 -7.35 4.17
N HIS B 65 -3.54 -7.42 3.04
CA HIS B 65 -3.95 -8.69 2.46
C HIS B 65 -5.01 -9.39 3.29
N VAL B 66 -4.69 -9.72 4.55
CA VAL B 66 -5.64 -10.44 5.39
C VAL B 66 -6.90 -9.61 5.57
N PHE B 67 -8.05 -10.28 5.50
CA PHE B 67 -9.32 -9.62 5.72
C PHE B 67 -9.58 -9.47 7.22
N ARG B 68 -9.89 -8.26 7.65
CA ARG B 68 -10.15 -7.95 9.05
C ARG B 68 -11.62 -7.55 9.18
N LEU B 69 -12.39 -8.40 9.86
CA LEU B 69 -13.81 -8.13 10.05
C LEU B 69 -14.34 -8.89 11.26
N PRO B 70 -14.74 -8.19 12.33
CA PRO B 70 -14.75 -6.74 12.52
C PRO B 70 -13.39 -6.19 12.93
N TRP B 71 -13.16 -4.90 12.77
CA TRP B 71 -11.98 -4.30 13.38
C TRP B 71 -12.12 -4.25 14.89
N TYR B 72 -13.32 -3.92 15.38
CA TYR B 72 -13.54 -3.73 16.80
C TYR B 72 -14.93 -4.22 17.20
N LYS B 73 -15.06 -4.54 18.49
CA LYS B 73 -16.33 -4.75 19.15
C LYS B 73 -16.29 -3.97 20.46
N CYS B 74 -17.46 -3.45 20.87
CA CYS B 74 -17.57 -2.67 22.08
C CYS B 74 -18.49 -3.36 23.08
N GLU B 75 -18.08 -3.36 24.34
CA GLU B 75 -18.89 -3.87 25.43
C GLU B 75 -18.92 -2.85 26.55
N TRP B 76 -20.00 -2.88 27.33
CA TRP B 76 -20.07 -2.15 28.59
C TRP B 76 -20.20 -3.17 29.71
N ILE B 77 -19.25 -3.16 30.64
CA ILE B 77 -19.26 -4.06 31.79
C ILE B 77 -19.72 -3.23 32.97
N SER B 78 -21.00 -3.39 33.35
CA SER B 78 -21.47 -2.78 34.57
C SER B 78 -20.74 -3.39 35.76
N ASN B 79 -20.65 -2.61 36.85
CA ASN B 79 -19.79 -2.98 37.96
C ASN B 79 -20.22 -4.26 38.67
N ASN B 80 -21.41 -4.78 38.39
CA ASN B 80 -21.85 -6.05 38.97
C ASN B 80 -21.67 -7.22 38.02
N GLY B 81 -20.79 -7.09 37.02
CA GLY B 81 -20.45 -8.18 36.14
C GLY B 81 -21.25 -8.27 34.86
N SER B 82 -22.47 -7.73 34.84
CA SER B 82 -23.29 -7.80 33.64
C SER B 82 -22.64 -7.04 32.50
N SER B 83 -22.78 -7.58 31.29
CA SER B 83 -22.20 -7.00 30.09
C SER B 83 -23.28 -6.70 29.06
N ILE B 84 -23.18 -5.55 28.43
CA ILE B 84 -24.06 -5.15 27.34
C ILE B 84 -23.20 -4.93 26.10
N ARG B 85 -23.53 -5.63 25.03
CA ARG B 85 -22.80 -5.48 23.77
C ARG B 85 -23.30 -4.25 23.01
N ALA B 86 -22.38 -3.59 22.33
CA ALA B 86 -22.68 -2.37 21.61
C ALA B 86 -22.48 -2.58 20.11
N LYS B 87 -23.13 -1.73 19.32
CA LYS B 87 -22.91 -1.68 17.89
C LYS B 87 -21.67 -0.84 17.62
N ALA B 88 -20.65 -1.45 17.05
CA ALA B 88 -19.36 -0.81 16.85
C ALA B 88 -19.08 -0.64 15.36
N TYR B 89 -18.51 0.52 15.02
CA TYR B 89 -17.99 0.76 13.67
C TYR B 89 -16.90 1.80 13.78
N LYS B 90 -16.11 1.90 12.72
CA LYS B 90 -14.91 2.73 12.73
C LYS B 90 -14.94 3.71 11.57
N MET B 91 -14.09 4.74 11.67
CA MET B 91 -13.89 5.71 10.61
C MET B 91 -12.40 6.01 10.54
N LEU B 92 -11.88 6.09 9.32
CA LEU B 92 -10.46 6.32 9.07
C LEU B 92 -10.34 7.62 8.28
N PRO B 93 -10.31 8.77 8.97
CA PRO B 93 -10.46 10.06 8.26
C PRO B 93 -9.19 10.66 7.68
N ASP B 94 -8.00 10.09 7.92
CA ASP B 94 -6.78 10.66 7.37
C ASP B 94 -6.52 10.06 5.98
N TRP B 95 -5.36 10.40 5.40
CA TRP B 95 -5.10 10.04 4.01
C TRP B 95 -5.24 8.54 3.76
N GLY B 96 -4.90 7.71 4.76
CA GLY B 96 -4.97 6.29 4.62
C GLY B 96 -3.71 5.62 4.11
N TYR B 97 -2.75 6.39 3.61
CA TYR B 97 -1.51 5.84 3.07
C TYR B 97 -0.33 6.66 3.58
N GLY B 98 0.84 6.05 3.55
CA GLY B 98 2.10 6.73 3.78
C GLY B 98 2.63 6.67 5.21
N ARG B 99 1.87 6.13 6.15
CA ARG B 99 2.31 6.09 7.54
C ARG B 99 1.97 4.73 8.14
N VAL B 100 2.78 4.33 9.13
CA VAL B 100 2.56 3.06 9.81
C VAL B 100 1.12 2.98 10.32
N TYR B 101 0.67 4.02 10.99
CA TYR B 101 -0.65 4.05 11.61
C TYR B 101 -1.59 4.93 10.81
N THR B 102 -2.88 4.64 10.93
CA THR B 102 -3.95 5.48 10.43
C THR B 102 -4.80 5.94 11.61
N VAL B 103 -5.21 7.20 11.60
CA VAL B 103 -6.08 7.71 12.66
C VAL B 103 -7.42 7.01 12.55
N VAL B 104 -7.95 6.58 13.70
CA VAL B 104 -9.20 5.83 13.75
C VAL B 104 -10.09 6.41 14.84
N VAL B 105 -11.38 6.45 14.58
CA VAL B 105 -12.40 6.79 15.57
C VAL B 105 -13.32 5.59 15.67
N VAL B 106 -13.32 4.92 16.82
CA VAL B 106 -14.19 3.77 17.06
C VAL B 106 -15.45 4.27 17.75
N ASN B 107 -16.58 4.12 17.07
CA ASN B 107 -17.86 4.61 17.54
C ASN B 107 -18.61 3.44 18.17
N CYS B 108 -18.82 3.51 19.49
CA CYS B 108 -19.57 2.51 20.22
C CYS B 108 -20.92 3.10 20.61
N THR B 109 -22.00 2.52 20.08
CA THR B 109 -23.35 3.01 20.34
C THR B 109 -24.21 1.88 20.86
N PHE B 110 -24.93 2.14 21.94
CA PHE B 110 -25.79 1.17 22.60
C PHE B 110 -27.26 1.48 22.36
N PRO B 111 -28.15 0.50 22.57
CA PRO B 111 -29.58 0.79 22.41
C PRO B 111 -30.13 1.67 23.52
N VAL B 112 -29.55 1.61 24.72
CA VAL B 112 -29.92 2.47 25.84
C VAL B 112 -28.63 2.90 26.53
N ASN B 113 -28.75 3.85 27.44
CA ASN B 113 -27.60 4.21 28.25
C ASN B 113 -27.17 2.98 29.03
N PRO B 114 -26.03 2.36 28.69
CA PRO B 114 -25.59 1.18 29.46
C PRO B 114 -25.34 1.49 30.92
N ASN B 115 -25.26 2.77 31.29
CA ASN B 115 -25.08 3.22 32.66
C ASN B 115 -26.23 4.11 33.10
N GLN B 116 -27.44 3.78 32.63
CA GLN B 116 -28.63 4.55 33.04
C GLN B 116 -28.76 4.61 34.55
N ASP B 117 -28.44 3.50 35.22
CA ASP B 117 -28.56 3.42 36.67
C ASP B 117 -27.57 4.34 37.38
N ASN B 118 -26.45 4.67 36.75
CA ASN B 118 -25.37 5.43 37.37
C ASN B 118 -24.64 4.63 38.44
N ALA B 119 -24.68 3.30 38.36
CA ALA B 119 -23.93 2.46 39.29
C ALA B 119 -22.48 2.27 38.88
N GLY B 120 -22.10 2.75 37.70
CA GLY B 120 -20.73 2.65 37.24
C GLY B 120 -20.51 1.46 36.31
N GLY B 121 -19.47 1.56 35.51
CA GLY B 121 -19.13 0.51 34.59
C GLY B 121 -17.92 0.89 33.77
N ARG B 122 -17.60 0.04 32.78
CA ARG B 122 -16.44 0.25 31.94
C ARG B 122 -16.78 -0.07 30.50
N LEU B 123 -16.42 0.86 29.62
CA LEU B 123 -16.47 0.62 28.18
C LEU B 123 -15.21 -0.13 27.78
N MET B 124 -15.37 -1.37 27.32
CA MET B 124 -14.25 -2.18 26.88
C MET B 124 -14.26 -2.30 25.36
N LEU B 125 -13.07 -2.35 24.78
CA LEU B 125 -12.90 -2.45 23.35
C LEU B 125 -12.15 -3.73 23.01
N ASN B 126 -12.60 -4.41 21.97
CA ASN B 126 -11.88 -5.53 21.37
C ASN B 126 -11.26 -5.04 20.07
N ALA B 127 -9.97 -5.34 19.87
CA ALA B 127 -9.26 -4.97 18.66
C ALA B 127 -8.74 -6.24 18.01
N TYR B 128 -9.12 -6.47 16.76
CA TYR B 128 -8.86 -7.74 16.07
C TYR B 128 -7.82 -7.56 14.98
N TYR B 129 -7.06 -8.63 14.74
CA TYR B 129 -6.04 -8.65 13.70
C TYR B 129 -6.61 -9.09 12.36
N ASP B 130 -7.28 -10.25 12.33
CA ASP B 130 -7.87 -10.79 11.12
C ASP B 130 -9.18 -11.48 11.49
N GLU B 131 -9.96 -11.82 10.47
CA GLU B 131 -11.26 -12.45 10.71
C GLU B 131 -11.12 -13.84 11.32
N SER B 132 -9.95 -14.46 11.21
CA SER B 132 -9.65 -15.68 11.97
C SER B 132 -9.23 -15.29 13.38
N GLN B 133 -10.18 -14.69 14.10
CA GLN B 133 -9.89 -13.99 15.34
C GLN B 133 -9.45 -14.92 16.47
N ARG B 134 -8.34 -15.62 16.29
CA ARG B 134 -7.70 -16.28 17.42
C ARG B 134 -7.20 -15.25 18.41
N LYS B 135 -6.24 -14.42 17.98
CA LYS B 135 -5.69 -13.37 18.82
C LYS B 135 -6.56 -12.13 18.73
N TYR B 136 -6.69 -11.42 19.86
CA TYR B 136 -7.29 -10.09 19.86
C TYR B 136 -6.88 -9.40 21.14
N GLU B 137 -7.01 -8.08 21.14
CA GLU B 137 -6.66 -7.25 22.28
C GLU B 137 -7.93 -6.68 22.89
N LYS B 138 -8.08 -6.86 24.21
CA LYS B 138 -9.20 -6.34 24.96
C LYS B 138 -8.66 -5.41 26.04
N PHE B 139 -9.25 -4.22 26.15
CA PHE B 139 -8.78 -3.24 27.11
C PHE B 139 -9.91 -2.32 27.53
N THR B 140 -9.72 -1.69 28.69
CA THR B 140 -10.66 -0.71 29.20
C THR B 140 -10.39 0.63 28.55
N ALA B 141 -11.35 1.12 27.77
CA ALA B 141 -11.18 2.41 27.10
C ALA B 141 -11.51 3.58 28.02
N LEU B 142 -12.46 3.40 28.92
CA LEU B 142 -12.78 4.41 29.92
C LEU B 142 -13.64 3.78 31.00
N GLU B 143 -13.64 4.43 32.17
CA GLU B 143 -14.45 4.01 33.29
C GLU B 143 -15.31 5.19 33.75
N GLU B 144 -16.57 4.89 34.07
CA GLU B 144 -17.47 5.86 34.70
C GLU B 144 -17.75 5.37 36.11
N LEU B 145 -17.34 6.15 37.10
CA LEU B 145 -17.49 5.75 38.49
C LEU B 145 -18.95 5.89 38.92
N PRO B 146 -19.37 5.14 39.93
CA PRO B 146 -20.77 5.18 40.35
C PRO B 146 -21.25 6.60 40.64
N GLY B 147 -22.42 6.94 40.12
CA GLY B 147 -23.02 8.23 40.34
C GLY B 147 -22.46 9.37 39.53
N SER B 148 -21.43 9.13 38.72
CA SER B 148 -20.79 10.22 37.98
C SER B 148 -21.47 10.52 36.65
N TYR B 149 -22.26 9.62 36.10
CA TYR B 149 -22.95 9.93 34.86
C TYR B 149 -23.90 11.09 35.08
N ASN B 150 -23.96 11.99 34.09
CA ASN B 150 -24.59 13.29 34.29
C ASN B 150 -25.24 13.70 32.97
N GLU B 151 -26.53 13.39 32.82
CA GLU B 151 -27.22 13.62 31.57
C GLU B 151 -27.36 15.10 31.23
N SER B 152 -27.29 15.98 32.24
CA SER B 152 -27.44 17.41 31.99
C SER B 152 -26.34 17.97 31.11
N LYS B 153 -25.28 17.21 30.85
CA LYS B 153 -24.19 17.69 30.00
C LYS B 153 -24.55 17.68 28.52
N PHE B 154 -25.52 16.85 28.11
CA PHE B 154 -25.96 16.77 26.73
C PHE B 154 -27.26 17.53 26.50
N ARG B 155 -27.62 18.43 27.41
CA ARG B 155 -28.77 19.30 27.31
C ARG B 155 -28.33 20.75 27.42
N PRO B 156 -28.93 21.67 26.67
CA PRO B 156 -28.58 23.08 26.81
C PRO B 156 -28.95 23.59 28.21
N PRO B 157 -28.27 24.63 28.69
CA PRO B 157 -27.16 25.36 28.06
C PRO B 157 -25.83 24.64 28.23
N TYR B 158 -24.91 24.80 27.29
CA TYR B 158 -23.60 24.17 27.36
C TYR B 158 -22.58 25.13 27.96
N GLN B 159 -21.37 24.61 28.17
CA GLN B 159 -20.34 25.36 28.90
C GLN B 159 -19.99 26.66 28.17
N TYR B 160 -19.82 26.59 26.85
CA TYR B 160 -19.46 27.75 26.06
C TYR B 160 -20.36 27.80 24.82
N GLU B 161 -20.38 28.98 24.19
CA GLU B 161 -21.04 29.09 22.89
C GLU B 161 -20.11 28.63 21.77
N TYR B 162 -18.83 28.94 21.89
CA TYR B 162 -17.84 28.64 20.86
C TYR B 162 -16.62 28.00 21.51
N LEU B 163 -15.99 27.09 20.77
CA LEU B 163 -14.79 26.40 21.23
C LEU B 163 -13.79 26.33 20.10
N TYR B 164 -12.57 26.77 20.37
CA TYR B 164 -11.47 26.68 19.40
C TYR B 164 -10.68 25.41 19.67
N CYS B 165 -10.61 24.54 18.67
CA CYS B 165 -9.77 23.35 18.72
C CYS B 165 -8.48 23.66 17.99
N GLY B 166 -7.37 23.65 18.71
CA GLY B 166 -6.10 24.00 18.12
C GLY B 166 -5.43 22.83 17.43
N SER B 167 -4.47 23.17 16.58
CA SER B 167 -3.62 22.18 15.94
C SER B 167 -2.53 21.72 16.90
N SER B 168 -1.83 20.65 16.52
CA SER B 168 -0.69 20.20 17.29
C SER B 168 0.49 21.13 17.02
N LEU B 169 0.95 21.83 18.06
CA LEU B 169 1.95 22.88 17.92
C LEU B 169 3.34 22.32 18.23
N TYR B 170 4.26 22.51 17.29
CA TYR B 170 5.64 22.06 17.43
C TYR B 170 6.56 23.12 16.86
N GLY B 171 7.83 23.07 17.27
CA GLY B 171 8.86 23.89 16.67
C GLY B 171 9.15 25.16 17.44
N ASN B 172 9.78 26.10 16.73
CA ASN B 172 10.11 27.41 17.29
C ASN B 172 8.98 28.37 16.95
N LEU B 173 8.11 28.64 17.92
CA LEU B 173 6.96 29.50 17.71
C LEU B 173 7.11 30.83 18.42
N SER B 174 6.54 31.87 17.83
CA SER B 174 6.67 33.23 18.34
C SER B 174 5.63 33.51 19.41
N ALA B 175 6.09 33.97 20.57
CA ALA B 175 5.17 34.29 21.66
C ALA B 175 4.31 35.51 21.31
N SER B 176 4.90 36.50 20.64
CA SER B 176 4.14 37.71 20.31
C SER B 176 2.93 37.38 19.45
N ARG B 177 3.07 36.45 18.51
CA ARG B 177 1.93 36.08 17.66
C ARG B 177 0.82 35.46 18.49
N PHE B 178 1.17 34.55 19.41
CA PHE B 178 0.15 33.97 20.28
C PHE B 178 -0.54 35.05 21.10
N ARG B 179 0.22 36.00 21.63
CA ARG B 179 -0.37 37.10 22.37
C ARG B 179 -1.38 37.85 21.52
N GLU B 180 -1.04 38.11 20.26
CA GLU B 180 -1.92 38.89 19.39
C GLU B 180 -3.11 38.05 18.92
N TRP B 181 -2.88 36.77 18.64
CA TRP B 181 -3.96 35.90 18.20
C TRP B 181 -4.98 35.68 19.32
N MET B 182 -4.49 35.42 20.53
CA MET B 182 -5.41 35.22 21.66
C MET B 182 -6.25 36.47 21.91
N ALA B 183 -5.61 37.64 21.91
CA ALA B 183 -6.34 38.87 22.15
C ALA B 183 -7.40 39.09 21.07
N TYR B 184 -7.01 38.93 19.81
CA TYR B 184 -7.95 39.15 18.72
C TYR B 184 -9.15 38.21 18.84
N HIS B 185 -8.90 36.93 19.06
CA HIS B 185 -9.97 35.94 19.00
C HIS B 185 -10.76 35.85 20.30
N ALA B 186 -10.12 36.14 21.44
CA ALA B 186 -10.90 36.32 22.66
C ALA B 186 -11.94 37.43 22.48
N TRP B 187 -11.59 38.45 21.70
CA TRP B 187 -12.54 39.49 21.33
C TRP B 187 -13.53 39.01 20.28
N PHE B 188 -13.03 38.30 19.27
CA PHE B 188 -13.88 37.88 18.15
C PHE B 188 -15.01 36.98 18.63
N PHE B 189 -14.69 35.97 19.44
CA PHE B 189 -15.67 34.98 19.86
C PHE B 189 -16.42 35.37 21.13
N GLY B 190 -15.97 36.42 21.82
CA GLY B 190 -16.71 36.93 22.96
C GLY B 190 -16.37 36.23 24.25
N PRO B 191 -17.09 36.57 25.32
CA PRO B 191 -16.73 36.02 26.64
C PRO B 191 -17.13 34.56 26.81
N SER B 192 -18.13 34.08 26.09
CA SER B 192 -18.55 32.68 26.19
C SER B 192 -17.88 31.84 25.12
N SER B 193 -16.55 31.79 25.21
CA SER B 193 -15.73 31.04 24.26
C SER B 193 -14.51 30.50 24.99
N HIS B 194 -14.06 29.33 24.58
CA HIS B 194 -12.88 28.69 25.16
C HIS B 194 -11.93 28.28 24.05
N PHE B 195 -10.64 28.22 24.39
CA PHE B 195 -9.58 27.95 23.43
C PHE B 195 -8.75 26.78 23.92
N VAL B 196 -8.62 25.75 23.10
CA VAL B 196 -7.89 24.54 23.44
C VAL B 196 -6.66 24.46 22.56
N PHE B 197 -5.48 24.45 23.17
CA PHE B 197 -4.21 24.30 22.49
C PHE B 197 -3.63 22.93 22.80
N HIS B 198 -2.84 22.40 21.86
CA HIS B 198 -2.21 21.09 22.00
C HIS B 198 -0.71 21.27 21.87
N ASP B 199 0.01 21.14 22.98
CA ASP B 199 1.44 21.41 23.02
C ASP B 199 2.22 20.13 22.71
N ALA B 200 2.82 20.08 21.51
CA ALA B 200 3.68 18.98 21.11
C ALA B 200 5.15 19.39 21.11
N GLY B 201 5.50 20.40 21.90
CA GLY B 201 6.84 20.97 21.93
C GLY B 201 6.91 22.42 21.53
N GLY B 202 5.92 22.92 20.79
CA GLY B 202 5.98 24.29 20.29
C GLY B 202 5.76 25.33 21.36
N VAL B 203 5.00 25.00 22.41
CA VAL B 203 4.71 25.96 23.47
C VAL B 203 5.98 26.23 24.26
N SER B 204 6.72 27.26 23.86
CA SER B 204 7.92 27.63 24.58
C SER B 204 7.57 28.19 25.95
N PRO B 205 8.55 28.31 26.83
CA PRO B 205 8.33 29.09 28.06
C PRO B 205 7.84 30.50 27.78
N GLU B 206 8.23 31.09 26.65
CA GLU B 206 7.80 32.44 26.32
C GLU B 206 6.40 32.42 25.72
N VAL B 207 6.10 31.45 24.84
CA VAL B 207 4.74 31.29 24.34
C VAL B 207 3.79 31.01 25.50
N ARG B 208 4.22 30.16 26.44
CA ARG B 208 3.40 29.85 27.60
C ARG B 208 3.08 31.10 28.40
N ALA B 209 4.07 31.98 28.58
CA ALA B 209 3.83 33.22 29.30
C ALA B 209 2.83 34.11 28.56
N ALA B 210 2.81 34.03 27.22
CA ALA B 210 1.84 34.80 26.46
C ALA B 210 0.43 34.29 26.69
N LEU B 211 0.27 32.96 26.80
CA LEU B 211 -1.04 32.38 27.06
C LEU B 211 -1.43 32.43 28.53
N ASP B 212 -0.48 32.69 29.42
CA ASP B 212 -0.76 32.57 30.85
C ASP B 212 -1.90 33.47 31.32
N PRO B 213 -2.00 34.73 30.90
CA PRO B 213 -3.15 35.54 31.36
C PRO B 213 -4.48 34.90 31.02
N TRP B 214 -4.59 34.26 29.86
CA TRP B 214 -5.84 33.64 29.44
C TRP B 214 -6.05 32.30 30.12
N VAL B 215 -4.98 31.52 30.30
CA VAL B 215 -5.08 30.29 31.10
C VAL B 215 -5.58 30.64 32.51
N ARG B 216 -4.89 31.56 33.18
CA ARG B 216 -5.29 31.95 34.52
C ARG B 216 -6.73 32.47 34.55
N ALA B 217 -7.18 33.09 33.46
CA ALA B 217 -8.55 33.56 33.36
C ALA B 217 -9.54 32.44 33.03
N GLY B 218 -9.06 31.20 32.90
CA GLY B 218 -9.94 30.10 32.57
C GLY B 218 -10.43 30.08 31.14
N ARG B 219 -9.78 30.84 30.27
CA ARG B 219 -10.24 30.97 28.89
C ARG B 219 -9.47 30.08 27.91
N ALA B 220 -8.28 29.63 28.26
CA ALA B 220 -7.46 28.82 27.38
C ALA B 220 -6.98 27.58 28.11
N THR B 221 -7.02 26.45 27.41
CA THR B 221 -6.49 25.19 27.91
C THR B 221 -5.31 24.77 27.03
N VAL B 222 -4.18 24.46 27.66
CA VAL B 222 -2.99 24.00 26.96
C VAL B 222 -2.78 22.54 27.36
N GLN B 223 -3.01 21.64 26.41
CA GLN B 223 -2.81 20.22 26.63
C GLN B 223 -1.37 19.85 26.31
N ASP B 224 -0.79 19.00 27.17
CA ASP B 224 0.54 18.46 26.94
C ASP B 224 0.39 17.17 26.14
N ILE B 225 0.87 17.18 24.90
CA ILE B 225 0.86 15.98 24.06
C ILE B 225 2.29 15.66 23.65
N ARG B 226 3.25 16.06 24.49
CA ARG B 226 4.65 15.77 24.20
C ARG B 226 4.98 14.28 24.30
N GLY B 227 4.09 13.47 24.87
CA GLY B 227 4.28 12.04 24.90
C GLY B 227 4.10 11.35 23.56
N GLN B 228 3.58 12.07 22.56
CA GLN B 228 3.46 11.57 21.21
C GLN B 228 4.82 11.37 20.53
N ALA B 229 5.91 11.79 21.18
CA ALA B 229 7.21 11.78 20.53
C ALA B 229 7.58 10.39 20.02
N GLU B 230 7.37 9.35 20.82
CA GLU B 230 7.76 8.01 20.40
C GLU B 230 6.97 7.53 19.19
N PHE B 231 5.93 8.25 18.78
CA PHE B 231 5.17 7.91 17.59
C PHE B 231 5.41 8.88 16.44
N ASP B 232 6.26 9.89 16.62
CA ASP B 232 6.44 10.89 15.58
C ASP B 232 7.07 10.28 14.34
N GLY B 233 6.49 10.58 13.18
CA GLY B 233 6.89 9.96 11.95
C GLY B 233 6.18 8.67 11.63
N TYR B 234 5.26 8.21 12.49
CA TYR B 234 4.54 6.97 12.28
C TYR B 234 3.04 7.19 12.08
N TYR B 235 2.59 8.43 12.00
CA TYR B 235 1.18 8.73 11.79
C TYR B 235 1.04 10.21 11.48
N TYR B 236 -0.18 10.63 11.20
CA TYR B 236 -0.48 12.01 10.83
C TYR B 236 -0.97 12.76 12.07
N ASN B 237 -0.16 13.71 12.52
CA ASN B 237 -0.38 14.33 13.82
C ASN B 237 -1.63 15.20 13.83
N GLN B 238 -1.90 15.91 12.74
CA GLN B 238 -3.01 16.86 12.75
C GLN B 238 -4.36 16.15 12.69
N PHE B 239 -4.43 15.00 12.02
CA PHE B 239 -5.70 14.28 11.94
C PHE B 239 -6.08 13.67 13.28
N LEU B 240 -5.09 13.27 14.09
CA LEU B 240 -5.40 12.73 15.40
C LEU B 240 -5.96 13.80 16.33
N VAL B 241 -5.32 14.96 16.35
CA VAL B 241 -5.71 16.00 17.30
C VAL B 241 -7.11 16.52 17.00
N VAL B 242 -7.43 16.71 15.71
CA VAL B 242 -8.74 17.25 15.36
C VAL B 242 -9.85 16.32 15.81
N ASN B 243 -9.64 15.01 15.68
CA ASN B 243 -10.69 14.06 16.04
C ASN B 243 -10.76 13.88 17.55
N ASP B 244 -9.62 13.90 18.25
CA ASP B 244 -9.65 13.86 19.70
C ASP B 244 -10.34 15.10 20.26
N CYS B 245 -9.93 16.27 19.77
CA CYS B 245 -10.56 17.51 20.19
C CYS B 245 -12.05 17.52 19.84
N LEU B 246 -12.43 16.91 18.71
CA LEU B 246 -13.84 16.88 18.33
C LEU B 246 -14.68 16.16 19.37
N HIS B 247 -14.18 15.05 19.90
CA HIS B 247 -14.95 14.24 20.84
C HIS B 247 -14.70 14.59 22.29
N ARG B 248 -13.51 15.09 22.62
CA ARG B 248 -13.24 15.51 23.99
C ARG B 248 -14.19 16.62 24.42
N TYR B 249 -14.55 17.51 23.48
CA TYR B 249 -15.41 18.65 23.76
C TYR B 249 -16.67 18.62 22.91
N ARG B 250 -17.17 17.44 22.59
CA ARG B 250 -18.28 17.32 21.65
C ARG B 250 -19.48 18.15 22.08
N TYR B 251 -19.79 18.17 23.37
CA TYR B 251 -20.94 18.89 23.89
C TYR B 251 -20.53 20.09 24.76
N SER B 252 -19.28 20.53 24.65
CA SER B 252 -18.82 21.67 25.44
C SER B 252 -19.34 22.99 24.88
N ALA B 253 -19.60 23.05 23.57
CA ALA B 253 -20.01 24.29 22.94
C ALA B 253 -20.98 23.96 21.80
N ASN B 254 -21.50 25.01 21.18
CA ASN B 254 -22.40 24.85 20.04
C ASN B 254 -21.66 24.83 18.71
N TRP B 255 -20.51 25.50 18.62
CA TRP B 255 -19.73 25.54 17.39
C TRP B 255 -18.26 25.35 17.74
N THR B 256 -17.62 24.38 17.10
CA THR B 256 -16.18 24.16 17.23
C THR B 256 -15.50 24.69 15.98
N PHE B 257 -14.58 25.64 16.17
CA PHE B 257 -13.83 26.24 15.07
C PHE B 257 -12.46 25.60 14.98
N TYR B 258 -12.02 25.36 13.74
CA TYR B 258 -10.76 24.69 13.45
C TYR B 258 -9.92 25.62 12.57
N PHE B 259 -8.83 26.16 13.13
CA PHE B 259 -7.88 26.93 12.34
C PHE B 259 -6.62 27.13 13.18
N ASP B 260 -5.61 27.72 12.57
CA ASP B 260 -4.29 27.85 13.15
C ASP B 260 -4.08 29.24 13.73
N VAL B 261 -3.04 29.37 14.57
CA VAL B 261 -2.79 30.63 15.26
C VAL B 261 -2.09 31.65 14.38
N ASP B 262 -1.78 31.30 13.13
CA ASP B 262 -1.39 32.28 12.12
C ASP B 262 -2.56 32.63 11.20
N GLU B 263 -3.79 32.30 11.62
CA GLU B 263 -4.99 32.57 10.85
C GLU B 263 -5.99 33.31 11.73
N TYR B 264 -6.64 34.32 11.17
CA TYR B 264 -7.52 35.21 11.92
C TYR B 264 -8.88 35.26 11.25
N ILE B 265 -9.92 34.86 11.98
CA ILE B 265 -11.27 34.93 11.46
C ILE B 265 -11.70 36.38 11.34
N TYR B 266 -12.40 36.71 10.26
CA TYR B 266 -12.80 38.08 9.99
C TYR B 266 -14.20 38.10 9.39
N LEU B 267 -15.00 39.07 9.83
CA LEU B 267 -16.36 39.26 9.33
C LEU B 267 -16.41 40.49 8.44
N PRO B 268 -16.66 40.35 7.13
CA PRO B 268 -16.83 41.53 6.28
C PRO B 268 -17.85 42.51 6.84
N GLU B 269 -17.74 43.78 6.44
CA GLU B 269 -18.63 44.81 6.94
C GLU B 269 -20.09 44.38 6.79
N GLY B 270 -20.87 44.64 7.83
CA GLY B 270 -22.28 44.31 7.82
C GLY B 270 -22.62 42.93 8.32
N ASN B 271 -21.82 42.36 9.21
CA ASN B 271 -22.07 41.03 9.73
C ASN B 271 -21.62 40.96 11.19
N THR B 272 -22.42 40.27 12.01
CA THR B 272 -22.03 39.87 13.35
C THR B 272 -21.75 38.36 13.35
N LEU B 273 -21.10 37.90 14.42
CA LEU B 273 -20.89 36.46 14.54
C LEU B 273 -22.21 35.73 14.78
N GLU B 274 -23.11 36.33 15.55
CA GLU B 274 -24.41 35.73 15.76
C GLU B 274 -25.27 35.82 14.50
N SER B 275 -25.11 36.89 13.72
CA SER B 275 -25.84 37.00 12.46
C SER B 275 -25.44 35.89 11.50
N VAL B 276 -24.13 35.65 11.37
CA VAL B 276 -23.66 34.69 10.38
C VAL B 276 -24.00 33.26 10.80
N LEU B 277 -23.82 32.94 12.08
CA LEU B 277 -24.13 31.59 12.55
C LEU B 277 -25.63 31.33 12.51
N LYS B 278 -26.46 32.38 12.64
CA LYS B 278 -27.89 32.19 12.51
C LYS B 278 -28.28 31.89 11.07
N ASP B 279 -27.64 32.56 10.11
CA ASP B 279 -27.82 32.22 8.70
C ASP B 279 -27.27 30.84 8.38
N PHE B 280 -26.35 30.33 9.20
CA PHE B 280 -25.76 29.02 9.01
C PHE B 280 -26.33 27.98 9.98
N SER B 281 -27.48 28.27 10.60
CA SER B 281 -28.00 27.41 11.66
C SER B 281 -28.26 25.99 11.17
N ASN B 282 -29.11 25.86 10.16
CA ASN B 282 -29.56 24.58 9.56
C ASN B 282 -28.43 23.78 8.86
N TYR B 283 -27.17 24.15 9.08
CA TYR B 283 -26.03 23.43 8.54
C TYR B 283 -25.15 22.91 9.67
N THR B 284 -24.70 21.66 9.55
CA THR B 284 -23.86 21.07 10.60
C THR B 284 -22.46 21.68 10.60
N GLN B 285 -21.93 21.99 9.42
CA GLN B 285 -20.63 22.61 9.30
C GLN B 285 -20.63 23.56 8.13
N PHE B 286 -19.65 24.47 8.13
CA PHE B 286 -19.46 25.38 7.00
C PHE B 286 -17.99 25.70 6.86
N THR B 287 -17.55 25.92 5.63
CA THR B 287 -16.16 26.24 5.33
C THR B 287 -15.96 27.76 5.28
N ILE B 288 -14.70 28.16 5.40
CA ILE B 288 -14.32 29.57 5.49
C ILE B 288 -13.19 29.82 4.51
N GLU B 289 -13.44 30.65 3.50
CA GLU B 289 -12.44 30.90 2.48
C GLU B 289 -11.31 31.78 3.03
N GLN B 290 -10.14 31.64 2.41
CA GLN B 290 -8.91 32.23 2.90
C GLN B 290 -8.60 33.55 2.21
N ASN B 291 -8.10 34.51 2.99
CA ASN B 291 -7.49 35.74 2.48
C ASN B 291 -5.98 35.62 2.66
N PRO B 292 -5.25 35.14 1.67
CA PRO B 292 -3.80 34.89 1.86
C PRO B 292 -3.01 36.19 1.94
N MET B 293 -2.26 36.35 3.03
CA MET B 293 -1.49 37.56 3.29
C MET B 293 -0.01 37.24 3.26
N SER B 294 0.78 38.20 2.76
CA SER B 294 2.22 38.09 2.81
C SER B 294 2.70 38.35 4.23
N SER B 295 3.60 37.49 4.72
CA SER B 295 4.20 37.66 6.04
C SER B 295 5.48 38.49 6.00
N ALA B 296 5.77 39.13 4.86
CA ALA B 296 7.03 39.84 4.69
C ALA B 296 6.84 41.23 4.08
N LEU B 297 5.76 41.40 3.31
CA LEU B 297 5.54 42.64 2.59
C LEU B 297 5.02 43.71 3.55
N CYS B 298 5.77 44.80 3.69
CA CYS B 298 5.34 45.96 4.44
C CYS B 298 5.71 47.21 3.67
N PHE B 299 5.20 48.35 4.11
CA PHE B 299 5.53 49.62 3.49
C PHE B 299 6.92 50.08 3.91
N ASN B 300 7.65 50.62 2.95
CA ASN B 300 8.87 51.38 3.20
C ASN B 300 8.44 52.74 3.72
N ASP B 301 8.51 52.94 5.03
CA ASP B 301 7.90 54.13 5.64
C ASP B 301 8.49 54.31 7.04
N SER B 302 9.40 55.28 7.17
CA SER B 302 9.94 55.64 8.48
C SER B 302 8.88 56.22 9.40
N THR B 303 7.68 56.49 8.89
CA THR B 303 6.58 56.93 9.75
C THR B 303 6.12 55.82 10.68
N GLN B 304 6.29 54.57 10.27
CA GLN B 304 5.71 53.43 10.97
C GLN B 304 6.74 52.80 11.92
N ASP B 305 6.26 52.41 13.10
CA ASP B 305 7.09 51.76 14.11
C ASP B 305 6.74 50.27 14.11
N TYR B 306 7.24 49.57 13.09
CA TYR B 306 6.87 48.16 12.91
C TYR B 306 7.22 47.31 14.13
N PRO B 307 8.35 47.50 14.81
CA PRO B 307 8.57 46.73 16.05
C PRO B 307 7.49 46.92 17.09
N ARG B 308 6.68 47.98 17.00
CA ARG B 308 5.60 48.23 17.94
C ARG B 308 4.22 48.07 17.32
N GLN B 309 4.14 47.50 16.11
CA GLN B 309 2.87 47.16 15.49
C GLN B 309 2.68 45.65 15.53
N TRP B 310 1.42 45.24 15.66
CA TRP B 310 1.10 43.81 15.66
C TRP B 310 1.19 43.25 14.23
N GLY B 311 1.22 41.93 14.15
CA GLY B 311 1.30 41.25 12.87
C GLY B 311 0.25 41.73 11.87
N PHE B 312 -1.02 41.52 12.19
CA PHE B 312 -2.08 41.92 11.26
C PHE B 312 -2.22 43.43 11.15
N GLU B 313 -1.50 44.20 11.97
CA GLU B 313 -1.44 45.64 11.82
C GLU B 313 -0.39 46.06 10.79
N LYS B 314 0.58 45.20 10.51
CA LYS B 314 1.70 45.48 9.62
C LYS B 314 1.56 44.84 8.25
N LEU B 315 1.14 43.58 8.20
CA LEU B 315 1.10 42.80 6.97
C LEU B 315 -0.22 43.10 6.27
N LEU B 316 -0.18 44.08 5.36
CA LEU B 316 -1.38 44.63 4.75
C LEU B 316 -1.48 44.31 3.26
N PHE B 317 -0.86 43.20 2.83
CA PHE B 317 -0.79 42.88 1.42
C PHE B 317 -1.35 41.48 1.20
N ARG B 318 -2.41 41.40 0.40
CA ARG B 318 -3.16 40.18 0.15
C ARG B 318 -2.91 39.74 -1.28
N GLU B 319 -2.61 38.45 -1.46
CA GLU B 319 -2.43 37.90 -2.79
C GLU B 319 -3.73 38.00 -3.57
N SER B 320 -3.67 38.62 -4.75
CA SER B 320 -4.85 39.12 -5.44
C SER B 320 -5.42 38.18 -6.50
N ARG B 321 -4.81 37.02 -6.69
CA ARG B 321 -5.23 36.14 -7.78
C ARG B 321 -6.70 35.75 -7.65
N THR B 322 -7.39 35.70 -8.79
CA THR B 322 -8.81 35.43 -8.86
C THR B 322 -9.09 34.03 -9.39
N GLY B 323 -10.15 33.41 -8.88
CA GLY B 323 -10.60 32.14 -9.41
C GLY B 323 -9.68 30.97 -9.14
N ILE B 324 -8.75 31.10 -8.21
CA ILE B 324 -7.85 30.01 -7.83
C ILE B 324 -8.30 29.47 -6.49
N ARG B 325 -8.34 28.15 -6.37
CA ARG B 325 -8.83 27.48 -5.17
C ARG B 325 -7.70 27.36 -4.15
N ARG B 326 -8.00 27.71 -2.90
CA ARG B 326 -7.04 27.70 -1.82
C ARG B 326 -7.55 26.83 -0.68
N ASP B 327 -6.66 26.54 0.26
CA ASP B 327 -7.07 25.77 1.44
C ASP B 327 -8.09 26.56 2.25
N ARG B 328 -8.96 25.83 2.93
CA ARG B 328 -10.02 26.42 3.72
C ARG B 328 -10.02 25.83 5.12
N LYS B 329 -10.63 26.57 6.03
CA LYS B 329 -10.89 26.13 7.39
C LYS B 329 -12.41 26.05 7.59
N TYR B 330 -12.83 25.65 8.78
CA TYR B 330 -14.23 25.33 8.97
C TYR B 330 -14.61 25.38 10.44
N ALA B 331 -15.92 25.55 10.67
CA ALA B 331 -16.55 25.37 11.96
C ALA B 331 -17.58 24.25 11.84
N ILE B 332 -17.86 23.58 12.96
CA ILE B 332 -18.70 22.40 12.93
C ILE B 332 -19.48 22.32 14.23
N GLN B 333 -20.72 21.84 14.14
CA GLN B 333 -21.52 21.47 15.31
C GLN B 333 -21.15 20.04 15.67
N ALA B 334 -20.29 19.87 16.67
CA ALA B 334 -19.82 18.54 17.04
C ALA B 334 -20.95 17.63 17.46
N LYS B 335 -22.09 18.19 17.89
CA LYS B 335 -23.25 17.36 18.20
C LYS B 335 -23.58 16.42 17.07
N ASN B 336 -23.49 16.92 15.83
CA ASN B 336 -23.87 16.16 14.64
C ASN B 336 -22.65 15.70 13.85
N ALA B 337 -21.52 15.50 14.52
CA ALA B 337 -20.29 15.05 13.88
C ALA B 337 -19.79 13.78 14.57
N TYR B 338 -19.25 12.87 13.77
CA TYR B 338 -18.71 11.60 14.26
C TYR B 338 -17.21 11.51 14.15
N ALA B 339 -16.62 12.19 13.18
CA ALA B 339 -15.18 12.30 12.99
C ALA B 339 -14.96 13.53 12.13
N THR B 340 -13.70 13.82 11.83
CA THR B 340 -13.42 14.98 11.00
C THR B 340 -11.98 14.95 10.51
N GLY B 341 -11.67 15.87 9.61
CA GLY B 341 -10.34 16.02 9.07
C GLY B 341 -9.76 17.39 9.37
N VAL B 342 -8.68 17.75 8.67
CA VAL B 342 -8.00 19.01 8.96
C VAL B 342 -8.76 20.19 8.38
N HIS B 343 -9.35 20.03 7.20
CA HIS B 343 -10.00 21.13 6.50
C HIS B 343 -11.52 21.08 6.54
N MET B 344 -12.10 19.93 6.85
CA MET B 344 -13.54 19.80 7.07
C MET B 344 -13.84 18.37 7.50
N SER B 345 -15.09 18.07 7.78
CA SER B 345 -15.51 16.75 8.23
C SER B 345 -16.17 15.99 7.10
N GLU B 346 -15.86 14.70 7.01
CA GLU B 346 -16.48 13.80 6.06
C GLU B 346 -17.49 12.87 6.73
N ASN B 347 -17.66 12.96 8.05
CA ASN B 347 -18.52 12.05 8.83
C ASN B 347 -19.41 12.90 9.72
N VAL B 348 -20.53 13.37 9.16
CA VAL B 348 -21.50 14.18 9.89
C VAL B 348 -22.90 13.73 9.50
N ILE B 349 -23.88 14.18 10.29
CA ILE B 349 -25.27 14.17 9.92
C ILE B 349 -25.70 15.62 9.75
N GLY B 350 -26.45 15.89 8.68
CA GLY B 350 -26.83 17.25 8.34
C GLY B 350 -26.06 17.74 7.13
N LYS B 351 -26.36 18.99 6.76
CA LYS B 351 -25.84 19.58 5.53
C LYS B 351 -24.51 20.28 5.78
N THR B 352 -23.82 20.59 4.69
CA THR B 352 -22.51 21.25 4.71
C THR B 352 -22.56 22.46 3.81
N LEU B 353 -22.25 23.63 4.35
CA LEU B 353 -22.33 24.89 3.61
C LEU B 353 -20.94 25.31 3.17
N HIS B 354 -20.82 25.69 1.90
CA HIS B 354 -19.59 26.23 1.35
C HIS B 354 -19.72 27.65 0.84
N GLN B 355 -20.91 28.07 0.42
CA GLN B 355 -21.14 29.44 -0.03
C GLN B 355 -21.17 30.35 1.19
N THR B 356 -19.96 30.70 1.66
CA THR B 356 -19.78 31.51 2.86
C THR B 356 -18.91 32.74 2.58
N GLU B 357 -18.61 33.04 1.33
CA GLU B 357 -17.54 33.98 1.02
C GLU B 357 -17.91 35.41 1.37
N THR B 358 -19.18 35.78 1.24
CA THR B 358 -19.60 37.15 1.46
C THR B 358 -19.72 37.51 2.93
N LYS B 359 -19.70 36.54 3.84
CA LYS B 359 -20.07 36.77 5.23
C LYS B 359 -19.01 36.38 6.25
N ILE B 360 -18.07 35.51 5.91
CA ILE B 360 -17.01 35.13 6.85
C ILE B 360 -15.81 34.67 6.05
N ARG B 361 -14.63 35.13 6.48
CA ARG B 361 -13.37 34.75 5.87
C ARG B 361 -12.34 34.67 6.99
N TYR B 362 -11.10 34.31 6.64
CA TYR B 362 -10.01 34.33 7.59
C TYR B 362 -8.74 34.79 6.90
N TYR B 363 -8.02 35.71 7.54
CA TYR B 363 -6.75 36.21 7.03
C TYR B 363 -5.64 35.26 7.44
N HIS B 364 -4.84 34.83 6.48
CA HIS B 364 -3.79 33.83 6.68
C HIS B 364 -2.43 34.47 6.43
N TYR B 365 -1.58 34.47 7.46
CA TYR B 365 -0.22 35.00 7.37
C TYR B 365 0.73 33.80 7.36
N HIS B 366 0.92 33.24 6.17
CA HIS B 366 1.66 32.00 6.01
C HIS B 366 3.13 32.20 6.33
N ASN B 367 3.72 31.21 7.00
CA ASN B 367 5.12 31.25 7.43
C ASN B 367 5.42 32.52 8.23
N SER B 368 4.52 32.82 9.18
CA SER B 368 4.73 33.93 10.10
C SER B 368 5.02 33.50 11.52
N ILE B 369 4.46 32.37 11.96
CA ILE B 369 4.52 32.00 13.37
C ILE B 369 5.88 31.44 13.77
N GLN B 370 6.67 30.94 12.82
CA GLN B 370 7.98 30.40 13.11
C GLN B 370 9.11 31.40 12.84
N VAL B 371 8.77 32.65 12.53
CA VAL B 371 9.74 33.63 12.07
C VAL B 371 10.29 34.38 13.28
N PRO B 372 11.59 34.35 13.54
CA PRO B 372 12.15 35.21 14.58
C PRO B 372 12.42 36.62 14.07
N GLY B 373 12.22 37.59 14.96
CA GLY B 373 12.50 38.97 14.63
C GLY B 373 11.35 39.66 13.93
N GLU B 374 11.70 40.76 13.27
CA GLU B 374 10.69 41.58 12.60
C GLU B 374 10.13 40.86 11.38
N LEU B 375 8.80 40.78 11.31
CA LEU B 375 8.16 40.16 10.17
C LEU B 375 8.30 41.01 8.91
N CYS B 376 8.34 42.33 9.07
CA CYS B 376 8.52 43.23 7.93
C CYS B 376 9.93 43.05 7.39
N ARG B 377 10.06 42.53 6.17
CA ARG B 377 11.36 42.23 5.59
C ARG B 377 11.50 42.65 4.14
N GLU B 378 10.42 42.72 3.36
CA GLU B 378 10.44 43.28 2.02
C GLU B 378 9.58 44.55 2.04
N PHE B 379 10.21 45.69 1.76
CA PHE B 379 9.57 46.99 1.93
C PHE B 379 9.24 47.60 0.58
N LEU B 380 8.01 48.12 0.45
CA LEU B 380 7.47 48.60 -0.79
C LEU B 380 7.22 50.10 -0.74
N PRO B 381 7.23 50.78 -1.88
CA PRO B 381 6.91 52.21 -1.89
C PRO B 381 5.43 52.43 -1.58
N LEU B 382 5.13 53.63 -1.09
CA LEU B 382 3.75 53.99 -0.80
C LEU B 382 2.88 53.90 -2.04
N SER B 383 3.48 53.88 -3.24
CA SER B 383 2.72 53.66 -4.45
C SER B 383 1.87 52.39 -4.38
N ALA B 384 2.33 51.40 -3.62
CA ALA B 384 1.68 50.09 -3.59
C ALA B 384 0.31 50.10 -2.92
N LYS B 385 -0.13 51.23 -2.38
CA LYS B 385 -1.44 51.25 -1.73
C LYS B 385 -2.58 51.08 -2.74
N ASN B 386 -2.39 51.57 -3.96
CA ASN B 386 -3.46 51.60 -4.96
C ASN B 386 -3.11 50.86 -6.24
N ASN B 387 -1.99 50.15 -6.27
CA ASN B 387 -1.57 49.41 -7.45
C ASN B 387 -1.29 47.96 -7.07
N VAL B 388 -1.19 47.10 -8.08
CA VAL B 388 -0.86 45.70 -7.86
C VAL B 388 0.66 45.57 -7.76
N THR B 389 1.13 44.93 -6.69
CA THR B 389 2.55 44.70 -6.47
C THR B 389 2.85 43.23 -6.71
N TRP B 390 3.92 42.96 -7.45
CA TRP B 390 4.32 41.60 -7.77
C TRP B 390 5.44 41.19 -6.81
N TYR B 391 5.21 40.10 -6.08
CA TYR B 391 6.19 39.58 -5.14
C TYR B 391 6.17 38.06 -5.21
N ASN B 392 7.35 37.46 -5.37
CA ASN B 392 7.47 36.02 -5.52
C ASN B 392 6.56 35.51 -6.62
N GLY B 393 6.56 36.22 -7.75
CA GLY B 393 5.75 35.81 -8.88
C GLY B 393 4.26 35.76 -8.62
N LEU B 394 3.78 36.45 -7.60
CA LEU B 394 2.36 36.55 -7.32
C LEU B 394 1.96 38.02 -7.21
N PRO B 395 0.73 38.36 -7.60
CA PRO B 395 0.26 39.73 -7.42
C PRO B 395 -0.36 39.96 -6.05
N TYR B 396 -0.17 41.17 -5.54
CA TYR B 396 -0.66 41.54 -4.21
C TYR B 396 -1.37 42.88 -4.27
N VAL B 397 -2.32 43.06 -3.35
CA VAL B 397 -3.06 44.31 -3.23
C VAL B 397 -3.10 44.74 -1.77
N TYR B 398 -3.20 46.04 -1.56
CA TYR B 398 -3.32 46.61 -0.23
C TYR B 398 -4.65 46.19 0.41
N ASP B 399 -4.57 45.80 1.68
CA ASP B 399 -5.77 45.38 2.42
C ASP B 399 -5.53 45.71 3.89
N ASP B 400 -6.26 46.69 4.42
CA ASP B 400 -6.08 47.17 5.78
C ASP B 400 -7.26 46.85 6.69
N ASN B 401 -8.10 45.88 6.30
CA ASN B 401 -9.26 45.52 7.12
C ASN B 401 -8.83 45.19 8.54
N MET B 402 -7.81 44.35 8.69
CA MET B 402 -7.40 43.90 10.01
C MET B 402 -6.67 45.01 10.77
N LYS B 403 -5.93 45.86 10.06
CA LYS B 403 -5.24 46.95 10.74
C LYS B 403 -6.23 47.92 11.39
N LYS B 404 -7.42 48.04 10.82
CA LYS B 404 -8.43 48.94 11.37
C LYS B 404 -8.97 48.47 12.71
N LEU B 405 -8.82 47.19 13.03
CA LEU B 405 -9.28 46.65 14.30
C LEU B 405 -8.18 46.57 15.35
N ALA B 406 -6.93 46.82 14.98
CA ALA B 406 -5.83 46.71 15.93
C ALA B 406 -6.08 47.57 17.16
N SER B 407 -6.58 48.80 16.96
CA SER B 407 -6.88 49.66 18.10
C SER B 407 -7.94 49.06 18.99
N THR B 408 -8.99 48.48 18.40
CA THR B 408 -10.08 47.91 19.19
C THR B 408 -9.60 46.69 19.97
N ILE B 409 -8.75 45.86 19.35
CA ILE B 409 -8.29 44.65 20.00
C ILE B 409 -7.35 45.00 21.16
N LYS B 410 -6.51 46.01 20.98
CA LYS B 410 -5.56 46.37 22.03
C LYS B 410 -6.28 46.91 23.26
N ASP B 411 -7.34 47.71 23.06
CA ASP B 411 -8.15 48.14 24.19
C ASP B 411 -8.82 46.96 24.87
N PHE B 412 -9.37 46.02 24.09
CA PHE B 412 -10.02 44.86 24.66
C PHE B 412 -9.06 44.06 25.53
N GLU B 413 -7.83 43.84 25.04
CA GLU B 413 -6.84 43.11 25.82
C GLU B 413 -6.57 43.82 27.14
N ARG B 414 -6.34 45.14 27.08
CA ARG B 414 -6.08 45.90 28.30
C ARG B 414 -7.26 45.84 29.25
N ASN B 415 -8.48 45.85 28.71
CA ASN B 415 -9.68 45.80 29.54
C ASN B 415 -9.98 44.40 30.07
N THR B 416 -9.30 43.38 29.55
CA THR B 416 -9.61 42.00 29.89
C THR B 416 -8.54 41.29 30.69
N ILE B 417 -7.26 41.60 30.48
CA ILE B 417 -6.19 40.93 31.20
C ILE B 417 -5.12 41.92 31.66
N GLY B 418 -5.29 43.19 31.33
CA GLY B 418 -4.36 44.22 31.75
C GLY B 418 -3.12 44.30 30.88
N ASP C 25 14.81 22.04 -27.32
CA ASP C 25 15.68 22.45 -26.23
C ASP C 25 15.91 21.31 -25.25
N PRO C 26 17.12 20.75 -25.23
CA PRO C 26 17.37 19.60 -24.33
C PRO C 26 17.18 19.92 -22.85
N ASN C 27 17.22 21.19 -22.47
CA ASN C 27 17.12 21.58 -21.07
C ASN C 27 15.70 21.93 -20.63
N LYS C 28 14.74 21.95 -21.56
CA LYS C 28 13.32 21.99 -21.21
C LYS C 28 12.87 20.53 -21.10
N ARG C 29 12.93 19.99 -19.89
CA ARG C 29 12.67 18.58 -19.69
C ARG C 29 11.18 18.27 -19.84
N ILE C 30 10.89 17.10 -20.40
CA ILE C 30 9.52 16.65 -20.61
C ILE C 30 9.36 15.28 -19.96
N PHE C 31 8.18 15.03 -19.41
CA PHE C 31 7.86 13.78 -18.73
C PHE C 31 6.75 13.10 -19.54
N GLN C 32 7.15 12.06 -20.29
CA GLN C 32 6.23 11.36 -21.18
C GLN C 32 5.55 10.22 -20.43
N ALA C 33 4.23 10.31 -20.31
CA ALA C 33 3.43 9.30 -19.64
C ALA C 33 2.97 8.24 -20.63
N TYR C 34 3.04 6.97 -20.21
CA TYR C 34 2.63 5.85 -21.04
C TYR C 34 1.70 4.94 -20.23
N GLY C 35 0.64 4.48 -20.88
CA GLY C 35 -0.26 3.51 -20.28
C GLY C 35 -1.28 4.13 -19.34
N ASN C 36 -2.20 3.28 -18.90
CA ASN C 36 -3.24 3.65 -17.93
C ASN C 36 -3.33 2.51 -16.93
N ALA C 37 -2.67 2.66 -15.79
CA ALA C 37 -2.67 1.62 -14.76
C ALA C 37 -3.88 1.69 -13.84
N ALA C 38 -4.77 2.66 -14.05
CA ALA C 38 -5.95 2.79 -13.21
C ALA C 38 -6.85 3.90 -13.74
N ALA C 39 -7.97 3.53 -14.37
CA ALA C 39 -8.96 4.53 -14.73
C ALA C 39 -9.49 5.21 -13.47
N LEU C 40 -9.97 6.44 -13.64
CA LEU C 40 -10.62 7.13 -12.52
C LEU C 40 -11.91 6.42 -12.13
N PHE C 41 -12.69 6.02 -13.12
CA PHE C 41 -14.00 5.42 -12.89
C PHE C 41 -14.29 4.44 -14.01
N VAL C 42 -14.89 3.30 -13.66
CA VAL C 42 -15.31 2.29 -14.63
C VAL C 42 -16.77 1.96 -14.33
N GLN C 43 -17.65 2.29 -15.27
CA GLN C 43 -19.08 2.09 -15.09
C GLN C 43 -19.47 0.70 -15.58
N MET C 44 -20.21 -0.04 -14.76
CA MET C 44 -20.85 -1.27 -15.18
C MET C 44 -22.32 -1.09 -15.48
N GLY C 45 -23.03 -0.32 -14.66
CA GLY C 45 -24.45 -0.09 -14.88
C GLY C 45 -24.88 1.21 -14.25
N ALA C 46 -25.91 1.82 -14.84
CA ALA C 46 -26.55 3.01 -14.30
C ALA C 46 -28.05 2.81 -14.41
N TYR C 47 -28.75 2.87 -13.27
CA TYR C 47 -30.14 2.47 -13.22
C TYR C 47 -30.97 3.48 -12.43
N ARG C 48 -32.21 3.66 -12.87
CA ARG C 48 -33.20 4.39 -12.09
C ARG C 48 -33.78 3.45 -11.04
N GLY C 49 -33.60 3.78 -9.77
CA GLY C 49 -34.13 2.99 -8.67
C GLY C 49 -35.36 3.56 -8.01
N GLY C 50 -35.99 4.55 -8.63
CA GLY C 50 -37.18 5.16 -8.07
C GLY C 50 -37.59 6.38 -8.87
N PRO C 51 -38.71 7.00 -8.49
CA PRO C 51 -39.15 8.20 -9.23
C PRO C 51 -38.17 9.36 -9.14
N THR C 52 -37.31 9.41 -8.12
CA THR C 52 -36.45 10.56 -7.91
C THR C 52 -34.97 10.22 -7.77
N THR C 53 -34.59 8.95 -7.77
CA THR C 53 -33.24 8.55 -7.41
C THR C 53 -32.69 7.54 -8.40
N PHE C 54 -31.39 7.66 -8.66
CA PHE C 54 -30.67 6.79 -9.59
C PHE C 54 -29.44 6.23 -8.89
N ALA C 55 -28.84 5.23 -9.51
CA ALA C 55 -27.62 4.62 -8.97
C ALA C 55 -26.70 4.25 -10.11
N VAL C 56 -25.43 4.65 -10.00
CA VAL C 56 -24.39 4.26 -10.93
C VAL C 56 -23.47 3.29 -10.20
N VAL C 57 -23.33 2.09 -10.75
CA VAL C 57 -22.53 1.03 -10.13
C VAL C 57 -21.30 0.80 -10.99
N GLY C 58 -20.14 0.78 -10.34
CA GLY C 58 -18.90 0.58 -11.07
C GLY C 58 -17.68 0.49 -10.17
N LEU C 59 -16.54 0.85 -10.73
CA LEU C 59 -15.26 0.79 -10.03
C LEU C 59 -14.64 2.18 -9.98
N ALA C 60 -13.90 2.44 -8.90
CA ALA C 60 -13.25 3.74 -8.70
C ALA C 60 -11.81 3.53 -8.27
N SER C 61 -10.91 4.33 -8.84
CA SER C 61 -9.55 4.39 -8.35
C SER C 61 -9.51 5.15 -7.02
N LYS C 62 -8.58 4.75 -6.17
CA LYS C 62 -8.56 5.37 -4.85
C LYS C 62 -7.63 6.58 -4.83
N PRO C 63 -8.03 7.68 -4.20
CA PRO C 63 -7.11 8.83 -4.08
C PRO C 63 -6.01 8.51 -3.07
N ILE C 64 -4.77 8.74 -3.47
CA ILE C 64 -3.61 8.41 -2.66
C ILE C 64 -2.95 9.72 -2.22
N HIS C 65 -3.13 10.06 -0.96
CA HIS C 65 -2.53 11.26 -0.36
C HIS C 65 -2.89 12.52 -1.15
N VAL C 66 -4.13 12.57 -1.63
CA VAL C 66 -4.66 13.77 -2.29
C VAL C 66 -6.12 13.91 -1.88
N PHE C 67 -6.53 15.15 -1.67
CA PHE C 67 -7.87 15.45 -1.17
C PHE C 67 -8.85 15.43 -2.33
N ARG C 68 -9.73 14.42 -2.37
CA ARG C 68 -10.77 14.31 -3.38
C ARG C 68 -12.11 14.55 -2.69
N LEU C 69 -12.75 15.67 -3.02
CA LEU C 69 -14.02 16.03 -2.40
C LEU C 69 -14.72 17.11 -3.20
N PRO C 70 -15.87 16.82 -3.81
CA PRO C 70 -16.59 15.54 -3.82
C PRO C 70 -15.94 14.52 -4.74
N TRP C 71 -16.22 13.23 -4.52
CA TRP C 71 -15.81 12.23 -5.49
C TRP C 71 -16.59 12.38 -6.79
N TYR C 72 -17.88 12.69 -6.68
CA TYR C 72 -18.76 12.71 -7.84
C TYR C 72 -19.75 13.86 -7.73
N LYS C 73 -20.36 14.18 -8.87
CA LYS C 73 -21.49 15.08 -8.95
C LYS C 73 -22.47 14.51 -9.98
N CYS C 74 -23.76 14.56 -9.66
CA CYS C 74 -24.79 14.10 -10.57
C CYS C 74 -25.55 15.30 -11.12
N GLU C 75 -26.04 15.15 -12.36
CA GLU C 75 -26.76 16.20 -13.05
C GLU C 75 -27.72 15.54 -14.02
N TRP C 76 -28.92 16.09 -14.13
CA TRP C 76 -29.90 15.64 -15.11
C TRP C 76 -30.08 16.73 -16.15
N ILE C 77 -29.67 16.45 -17.38
CA ILE C 77 -29.80 17.39 -18.49
C ILE C 77 -31.11 17.05 -19.20
N SER C 78 -32.19 17.70 -18.79
CA SER C 78 -33.45 17.58 -19.50
C SER C 78 -33.28 18.07 -20.94
N ASN C 79 -34.00 17.44 -21.86
CA ASN C 79 -33.96 17.87 -23.25
C ASN C 79 -34.67 19.20 -23.45
N ASN C 80 -35.25 19.78 -22.39
CA ASN C 80 -35.71 21.17 -22.44
C ASN C 80 -34.56 22.15 -22.57
N GLY C 81 -33.31 21.68 -22.45
CA GLY C 81 -32.15 22.52 -22.29
C GLY C 81 -31.73 22.70 -20.84
N SER C 82 -32.69 22.63 -19.91
CA SER C 82 -32.39 22.83 -18.50
C SER C 82 -31.42 21.77 -17.99
N SER C 83 -30.93 22.00 -16.77
CA SER C 83 -30.01 21.07 -16.12
C SER C 83 -30.26 21.17 -14.62
N ILE C 84 -30.58 20.05 -13.99
CA ILE C 84 -30.83 19.98 -12.56
C ILE C 84 -29.64 19.29 -11.89
N ARG C 85 -29.08 19.92 -10.87
CA ARG C 85 -28.01 19.34 -10.08
C ARG C 85 -28.61 18.54 -8.92
N ALA C 86 -28.10 17.34 -8.71
CA ALA C 86 -28.65 16.41 -7.73
C ALA C 86 -27.70 16.24 -6.55
N LYS C 87 -28.26 15.71 -5.46
CA LYS C 87 -27.47 15.35 -4.29
C LYS C 87 -26.80 14.01 -4.55
N ALA C 88 -25.47 13.97 -4.44
CA ALA C 88 -24.69 12.79 -4.77
C ALA C 88 -23.91 12.33 -3.55
N TYR C 89 -23.93 11.02 -3.30
CA TYR C 89 -23.08 10.41 -2.29
C TYR C 89 -22.70 9.02 -2.75
N LYS C 90 -21.50 8.59 -2.35
CA LYS C 90 -20.94 7.32 -2.76
C LYS C 90 -21.02 6.31 -1.62
N MET C 91 -20.88 5.04 -1.99
CA MET C 91 -20.71 3.97 -0.99
C MET C 91 -19.69 2.98 -1.53
N LEU C 92 -18.72 2.63 -0.68
CA LEU C 92 -17.69 1.66 -1.01
C LEU C 92 -17.93 0.41 -0.18
N PRO C 93 -18.75 -0.53 -0.65
CA PRO C 93 -19.14 -1.66 0.19
C PRO C 93 -18.14 -2.79 0.26
N ASP C 94 -17.07 -2.77 -0.54
CA ASP C 94 -16.09 -3.84 -0.49
C ASP C 94 -15.00 -3.49 0.52
N TRP C 95 -14.00 -4.35 0.63
CA TRP C 95 -13.00 -4.23 1.69
C TRP C 95 -12.33 -2.87 1.70
N GLY C 96 -12.23 -2.22 0.54
CA GLY C 96 -11.59 -0.93 0.46
C GLY C 96 -10.08 -0.97 0.36
N TYR C 97 -9.47 -2.14 0.41
CA TYR C 97 -8.03 -2.28 0.30
C TYR C 97 -7.70 -3.62 -0.33
N GLY C 98 -6.49 -3.72 -0.88
CA GLY C 98 -6.01 -4.95 -1.47
C GLY C 98 -6.21 -5.08 -2.96
N ARG C 99 -6.82 -4.08 -3.61
CA ARG C 99 -7.03 -4.13 -5.05
C ARG C 99 -6.91 -2.71 -5.61
N VAL C 100 -6.51 -2.62 -6.87
CA VAL C 100 -6.41 -1.32 -7.53
C VAL C 100 -7.72 -0.56 -7.38
N TYR C 101 -8.82 -1.20 -7.73
CA TYR C 101 -10.13 -0.57 -7.73
C TYR C 101 -10.90 -0.91 -6.46
N THR C 102 -11.83 -0.01 -6.11
CA THR C 102 -12.79 -0.23 -5.04
C THR C 102 -14.18 -0.15 -5.65
N VAL C 103 -15.05 -1.09 -5.30
CA VAL C 103 -16.40 -1.07 -5.84
C VAL C 103 -17.15 0.14 -5.27
N VAL C 104 -17.88 0.83 -6.14
CA VAL C 104 -18.53 2.08 -5.76
C VAL C 104 -19.95 2.10 -6.30
N VAL C 105 -20.88 2.58 -5.48
CA VAL C 105 -22.26 2.82 -5.88
C VAL C 105 -22.51 4.31 -5.72
N VAL C 106 -22.70 5.01 -6.83
CA VAL C 106 -22.95 6.45 -6.82
C VAL C 106 -24.46 6.67 -6.82
N ASN C 107 -24.98 7.19 -5.71
CA ASN C 107 -26.40 7.42 -5.52
C ASN C 107 -26.72 8.87 -5.84
N CYS C 108 -27.58 9.08 -6.83
CA CYS C 108 -28.00 10.40 -7.26
C CYS C 108 -29.49 10.56 -6.98
N THR C 109 -29.84 11.44 -6.06
CA THR C 109 -31.22 11.66 -5.65
C THR C 109 -31.61 13.11 -5.89
N PHE C 110 -32.77 13.31 -6.50
CA PHE C 110 -33.31 14.62 -6.80
C PHE C 110 -34.52 14.91 -5.91
N PRO C 111 -34.80 16.17 -5.61
CA PRO C 111 -35.99 16.48 -4.80
C PRO C 111 -37.27 16.00 -5.45
N VAL C 112 -37.35 16.03 -6.78
CA VAL C 112 -38.51 15.54 -7.52
C VAL C 112 -37.98 14.87 -8.78
N ASN C 113 -38.81 14.00 -9.36
CA ASN C 113 -38.43 13.31 -10.58
C ASN C 113 -37.98 14.33 -11.62
N PRO C 114 -36.71 14.34 -12.02
CA PRO C 114 -36.29 15.28 -13.07
C PRO C 114 -36.92 14.99 -14.42
N ASN C 115 -37.58 13.85 -14.58
CA ASN C 115 -38.31 13.50 -15.79
C ASN C 115 -39.81 13.38 -15.53
N GLN C 116 -40.33 14.21 -14.61
CA GLN C 116 -41.77 14.21 -14.36
C GLN C 116 -42.54 14.51 -15.64
N ASP C 117 -41.93 15.24 -16.57
CA ASP C 117 -42.56 15.57 -17.84
C ASP C 117 -42.55 14.41 -18.82
N ASN C 118 -41.78 13.36 -18.57
CA ASN C 118 -41.51 12.31 -19.55
C ASN C 118 -40.97 12.91 -20.85
N ALA C 119 -40.28 14.05 -20.72
CA ALA C 119 -39.66 14.69 -21.87
C ALA C 119 -38.34 14.04 -22.26
N GLY C 120 -37.72 13.31 -21.33
CA GLY C 120 -36.44 12.66 -21.59
C GLY C 120 -35.28 13.47 -21.05
N GLY C 121 -34.12 12.88 -21.16
CA GLY C 121 -32.90 13.52 -20.70
C GLY C 121 -31.85 12.49 -20.35
N ARG C 122 -30.73 12.99 -19.83
CA ARG C 122 -29.59 12.16 -19.47
C ARG C 122 -29.17 12.45 -18.04
N LEU C 123 -28.72 11.40 -17.35
CA LEU C 123 -28.10 11.53 -16.04
C LEU C 123 -26.60 11.65 -16.24
N MET C 124 -26.04 12.82 -15.91
CA MET C 124 -24.61 13.05 -16.06
C MET C 124 -23.91 12.78 -14.75
N LEU C 125 -22.70 12.22 -14.83
CA LEU C 125 -21.85 12.01 -13.68
C LEU C 125 -20.51 12.69 -13.93
N ASN C 126 -20.04 13.45 -12.94
CA ASN C 126 -18.71 14.03 -12.94
C ASN C 126 -17.85 13.24 -11.97
N ALA C 127 -16.74 12.70 -12.45
CA ALA C 127 -15.78 11.99 -11.62
C ALA C 127 -14.54 12.87 -11.45
N TYR C 128 -14.14 13.08 -10.20
CA TYR C 128 -13.07 14.01 -9.88
C TYR C 128 -11.85 13.26 -9.35
N TYR C 129 -10.67 13.74 -9.74
CA TYR C 129 -9.41 13.15 -9.27
C TYR C 129 -9.09 13.63 -7.86
N ASP C 130 -8.97 14.95 -7.69
CA ASP C 130 -8.67 15.57 -6.40
C ASP C 130 -8.79 17.08 -6.57
N GLU C 131 -9.10 17.76 -5.47
CA GLU C 131 -9.37 19.19 -5.54
C GLU C 131 -8.21 19.98 -6.12
N SER C 132 -7.00 19.44 -6.08
CA SER C 132 -5.83 20.14 -6.62
C SER C 132 -5.81 20.16 -8.15
N GLN C 133 -6.74 19.48 -8.81
CA GLN C 133 -6.75 19.38 -10.27
C GLN C 133 -8.01 20.04 -10.82
N ARG C 134 -7.84 20.78 -11.91
CA ARG C 134 -8.96 21.47 -12.53
C ARG C 134 -9.81 20.54 -13.39
N LYS C 135 -9.20 19.56 -14.05
CA LYS C 135 -9.91 18.69 -14.97
C LYS C 135 -10.52 17.50 -14.23
N TYR C 136 -11.62 17.00 -14.80
CA TYR C 136 -12.38 15.90 -14.23
C TYR C 136 -12.84 15.01 -15.37
N GLU C 137 -13.78 14.11 -15.09
CA GLU C 137 -14.36 13.25 -16.10
C GLU C 137 -15.87 13.40 -16.06
N LYS C 138 -16.47 13.80 -17.18
CA LYS C 138 -17.91 13.98 -17.30
C LYS C 138 -18.42 13.08 -18.41
N PHE C 139 -19.48 12.33 -18.14
CA PHE C 139 -19.98 11.35 -19.09
C PHE C 139 -21.44 11.08 -18.80
N THR C 140 -22.14 10.59 -19.83
CA THR C 140 -23.54 10.21 -19.69
C THR C 140 -23.62 8.84 -19.02
N ALA C 141 -24.28 8.77 -17.86
CA ALA C 141 -24.43 7.49 -17.17
C ALA C 141 -25.62 6.70 -17.73
N LEU C 142 -26.72 7.39 -18.02
CA LEU C 142 -27.87 6.74 -18.64
C LEU C 142 -28.73 7.80 -19.31
N GLU C 143 -29.59 7.33 -20.22
CA GLU C 143 -30.48 8.19 -20.98
C GLU C 143 -31.87 7.59 -20.98
N GLU C 144 -32.88 8.46 -20.91
CA GLU C 144 -34.28 8.05 -20.92
C GLU C 144 -34.98 8.77 -22.08
N LEU C 145 -35.33 8.02 -23.13
CA LEU C 145 -35.97 8.61 -24.28
C LEU C 145 -37.33 9.17 -23.89
N PRO C 146 -37.91 10.04 -24.73
CA PRO C 146 -39.21 10.63 -24.38
C PRO C 146 -40.28 9.56 -24.27
N GLY C 147 -41.10 9.68 -23.23
CA GLY C 147 -42.18 8.75 -22.98
C GLY C 147 -41.78 7.43 -22.37
N SER C 148 -40.47 7.15 -22.27
CA SER C 148 -40.02 5.87 -21.74
C SER C 148 -40.20 5.75 -20.24
N TYR C 149 -40.36 6.86 -19.52
CA TYR C 149 -40.52 6.77 -18.08
C TYR C 149 -41.87 6.11 -17.75
N ASN C 150 -41.83 5.11 -16.88
CA ASN C 150 -42.98 4.23 -16.62
C ASN C 150 -43.04 4.06 -15.10
N GLU C 151 -43.78 4.94 -14.45
CA GLU C 151 -43.83 4.93 -12.98
C GLU C 151 -44.51 3.69 -12.44
N SER C 152 -45.37 3.04 -13.24
CA SER C 152 -46.00 1.80 -12.77
C SER C 152 -44.98 0.74 -12.39
N LYS C 153 -43.75 0.85 -12.89
CA LYS C 153 -42.72 -0.14 -12.56
C LYS C 153 -42.25 -0.04 -11.12
N PHE C 154 -42.58 1.04 -10.40
CA PHE C 154 -42.15 1.23 -9.03
C PHE C 154 -43.30 1.11 -8.04
N ARG C 155 -44.39 0.46 -8.42
CA ARG C 155 -45.50 0.14 -7.54
C ARG C 155 -45.93 -1.29 -7.79
N PRO C 156 -46.43 -1.98 -6.77
CA PRO C 156 -46.89 -3.36 -6.97
C PRO C 156 -48.02 -3.41 -7.99
N PRO C 157 -48.21 -4.55 -8.67
CA PRO C 157 -47.48 -5.80 -8.51
C PRO C 157 -46.17 -5.76 -9.28
N TYR C 158 -45.13 -6.43 -8.79
CA TYR C 158 -43.86 -6.45 -9.47
C TYR C 158 -43.76 -7.66 -10.39
N GLN C 159 -42.74 -7.66 -11.25
CA GLN C 159 -42.66 -8.67 -12.30
C GLN C 159 -42.55 -10.08 -11.72
N TYR C 160 -41.72 -10.25 -10.70
CA TYR C 160 -41.56 -11.53 -10.02
C TYR C 160 -41.79 -11.33 -8.53
N GLU C 161 -42.04 -12.45 -7.84
CA GLU C 161 -42.07 -12.43 -6.38
C GLU C 161 -40.66 -12.51 -5.82
N TYR C 162 -39.82 -13.35 -6.41
CA TYR C 162 -38.45 -13.55 -5.98
C TYR C 162 -37.51 -13.42 -7.18
N LEU C 163 -36.30 -12.94 -6.91
CA LEU C 163 -35.27 -12.89 -7.93
C LEU C 163 -33.96 -13.37 -7.32
N TYR C 164 -33.23 -14.18 -8.07
CA TYR C 164 -31.94 -14.70 -7.66
C TYR C 164 -30.84 -13.92 -8.36
N CYS C 165 -29.91 -13.36 -7.59
CA CYS C 165 -28.77 -12.63 -8.13
C CYS C 165 -27.55 -13.54 -8.02
N GLY C 166 -27.12 -14.09 -9.16
CA GLY C 166 -26.00 -14.99 -9.17
C GLY C 166 -24.66 -14.27 -9.03
N SER C 167 -23.62 -15.06 -8.83
CA SER C 167 -22.28 -14.54 -8.62
C SER C 167 -21.57 -14.38 -9.96
N SER C 168 -20.32 -13.92 -9.90
CA SER C 168 -19.47 -13.83 -11.08
C SER C 168 -18.92 -15.23 -11.39
N LEU C 169 -19.44 -15.84 -12.46
CA LEU C 169 -19.10 -17.23 -12.79
C LEU C 169 -17.82 -17.26 -13.61
N TYR C 170 -16.83 -18.00 -13.12
CA TYR C 170 -15.58 -18.18 -13.85
C TYR C 170 -15.04 -19.58 -13.56
N GLY C 171 -14.09 -20.01 -14.40
CA GLY C 171 -13.45 -21.30 -14.22
C GLY C 171 -14.09 -22.41 -15.02
N ASN C 172 -13.65 -23.63 -14.75
CA ASN C 172 -14.22 -24.81 -15.40
C ASN C 172 -15.36 -25.33 -14.54
N LEU C 173 -16.60 -25.11 -14.97
CA LEU C 173 -17.77 -25.41 -14.18
C LEU C 173 -18.55 -26.58 -14.76
N SER C 174 -19.16 -27.36 -13.87
CA SER C 174 -19.89 -28.57 -14.24
C SER C 174 -21.30 -28.21 -14.68
N ALA C 175 -21.65 -28.60 -15.91
CA ALA C 175 -23.00 -28.35 -16.40
C ALA C 175 -24.03 -29.21 -15.67
N SER C 176 -23.64 -30.40 -15.22
CA SER C 176 -24.56 -31.25 -14.47
C SER C 176 -25.02 -30.55 -13.19
N ARG C 177 -24.10 -29.87 -12.49
CA ARG C 177 -24.48 -29.17 -11.27
C ARG C 177 -25.46 -28.04 -11.56
N PHE C 178 -25.24 -27.30 -12.65
CA PHE C 178 -26.16 -26.23 -13.00
C PHE C 178 -27.55 -26.78 -13.29
N ARG C 179 -27.62 -27.89 -14.04
CA ARG C 179 -28.91 -28.51 -14.31
C ARG C 179 -29.64 -28.84 -13.02
N GLU C 180 -28.95 -29.46 -12.07
CA GLU C 180 -29.57 -29.84 -10.81
C GLU C 180 -29.94 -28.60 -9.99
N TRP C 181 -29.05 -27.61 -9.97
CA TRP C 181 -29.31 -26.41 -9.19
C TRP C 181 -30.54 -25.67 -9.69
N MET C 182 -30.66 -25.52 -11.01
CA MET C 182 -31.82 -24.82 -11.57
C MET C 182 -33.10 -25.58 -11.26
N ALA C 183 -33.11 -26.90 -11.50
CA ALA C 183 -34.28 -27.69 -11.22
C ALA C 183 -34.71 -27.54 -9.77
N TYR C 184 -33.75 -27.65 -8.84
CA TYR C 184 -34.10 -27.57 -7.43
C TYR C 184 -34.68 -26.19 -7.08
N HIS C 185 -34.03 -25.13 -7.55
CA HIS C 185 -34.40 -23.79 -7.11
C HIS C 185 -35.53 -23.17 -7.91
N ALA C 186 -35.76 -23.62 -9.15
CA ALA C 186 -37.00 -23.28 -9.82
C ALA C 186 -38.19 -23.87 -9.07
N TRP C 187 -38.00 -25.05 -8.48
CA TRP C 187 -39.04 -25.63 -7.63
C TRP C 187 -39.14 -24.92 -6.29
N PHE C 188 -38.00 -24.54 -5.71
CA PHE C 188 -37.99 -23.97 -4.37
C PHE C 188 -38.70 -22.62 -4.35
N PHE C 189 -38.37 -21.74 -5.29
CA PHE C 189 -38.91 -20.38 -5.29
C PHE C 189 -40.25 -20.26 -6.01
N GLY C 190 -40.65 -21.26 -6.78
CA GLY C 190 -41.95 -21.27 -7.39
C GLY C 190 -41.99 -20.60 -8.75
N PRO C 191 -43.18 -20.59 -9.36
CA PRO C 191 -43.28 -20.06 -10.74
C PRO C 191 -42.95 -18.58 -10.86
N SER C 192 -43.20 -17.79 -9.83
CA SER C 192 -42.97 -16.34 -9.89
C SER C 192 -41.57 -16.02 -9.37
N SER C 193 -40.58 -16.50 -10.11
CA SER C 193 -39.18 -16.27 -9.76
C SER C 193 -38.36 -16.14 -11.04
N HIS C 194 -37.27 -15.39 -10.94
CA HIS C 194 -36.32 -15.23 -12.03
C HIS C 194 -34.92 -15.39 -11.48
N PHE C 195 -34.01 -15.87 -12.34
CA PHE C 195 -32.64 -16.19 -11.94
C PHE C 195 -31.67 -15.51 -12.87
N VAL C 196 -30.76 -14.73 -12.31
CA VAL C 196 -29.82 -13.91 -13.07
C VAL C 196 -28.43 -14.49 -12.87
N PHE C 197 -27.82 -14.95 -13.96
CA PHE C 197 -26.45 -15.47 -13.94
C PHE C 197 -25.53 -14.47 -14.62
N HIS C 198 -24.33 -14.32 -14.07
CA HIS C 198 -23.33 -13.40 -14.59
C HIS C 198 -22.15 -14.22 -15.11
N ASP C 199 -22.02 -14.28 -16.43
CA ASP C 199 -21.03 -15.11 -17.10
C ASP C 199 -19.75 -14.32 -17.32
N ALA C 200 -18.76 -14.55 -16.46
CA ALA C 200 -17.42 -14.01 -16.64
C ALA C 200 -16.45 -15.04 -17.18
N GLY C 201 -16.94 -15.98 -18.00
CA GLY C 201 -16.13 -17.04 -18.57
C GLY C 201 -16.49 -18.42 -18.09
N GLY C 202 -17.21 -18.55 -16.99
CA GLY C 202 -17.54 -19.84 -16.44
C GLY C 202 -18.69 -20.57 -17.12
N VAL C 203 -19.45 -19.88 -17.96
CA VAL C 203 -20.60 -20.49 -18.64
C VAL C 203 -20.07 -21.13 -19.92
N SER C 204 -19.67 -22.39 -19.80
CA SER C 204 -19.23 -23.18 -20.95
C SER C 204 -20.39 -23.37 -21.92
N PRO C 205 -20.12 -23.83 -23.14
CA PRO C 205 -21.23 -24.27 -24.02
C PRO C 205 -22.10 -25.33 -23.36
N GLU C 206 -21.51 -26.17 -22.51
CA GLU C 206 -22.27 -27.21 -21.83
C GLU C 206 -23.13 -26.64 -20.70
N VAL C 207 -22.60 -25.66 -19.97
CA VAL C 207 -23.40 -24.97 -18.96
C VAL C 207 -24.54 -24.22 -19.64
N ARG C 208 -24.23 -23.46 -20.67
CA ARG C 208 -25.27 -22.73 -21.42
C ARG C 208 -26.35 -23.69 -21.89
N ALA C 209 -25.97 -24.90 -22.30
CA ALA C 209 -26.96 -25.88 -22.73
C ALA C 209 -27.79 -26.36 -21.55
N ALA C 210 -27.17 -26.50 -20.38
CA ALA C 210 -27.93 -26.91 -19.19
C ALA C 210 -28.96 -25.86 -18.81
N LEU C 211 -28.65 -24.58 -19.00
CA LEU C 211 -29.58 -23.51 -18.65
C LEU C 211 -30.51 -23.13 -19.79
N ASP C 212 -30.21 -23.54 -21.01
CA ASP C 212 -31.04 -23.14 -22.15
C ASP C 212 -32.51 -23.46 -21.97
N PRO C 213 -32.90 -24.64 -21.45
CA PRO C 213 -34.34 -24.88 -21.26
C PRO C 213 -34.99 -23.86 -20.34
N TRP C 214 -34.23 -23.29 -19.41
CA TRP C 214 -34.78 -22.30 -18.48
C TRP C 214 -34.73 -20.89 -19.04
N VAL C 215 -33.75 -20.59 -19.90
CA VAL C 215 -33.72 -19.28 -20.55
C VAL C 215 -34.84 -19.20 -21.59
N ARG C 216 -35.03 -20.28 -22.36
CA ARG C 216 -36.12 -20.29 -23.34
C ARG C 216 -37.47 -20.16 -22.65
N ALA C 217 -37.60 -20.74 -21.45
CA ALA C 217 -38.82 -20.58 -20.67
C ALA C 217 -38.94 -19.20 -20.05
N GLY C 218 -37.93 -18.35 -20.18
CA GLY C 218 -37.97 -17.02 -19.61
C GLY C 218 -37.69 -16.97 -18.13
N ARG C 219 -37.16 -18.04 -17.53
CA ARG C 219 -36.92 -18.08 -16.10
C ARG C 219 -35.49 -17.70 -15.73
N ALA C 220 -34.56 -17.74 -16.67
CA ALA C 220 -33.16 -17.45 -16.39
C ALA C 220 -32.63 -16.44 -17.39
N THR C 221 -31.69 -15.62 -16.93
CA THR C 221 -30.98 -14.65 -17.76
C THR C 221 -29.49 -14.85 -17.54
N VAL C 222 -28.74 -14.92 -18.63
CA VAL C 222 -27.29 -15.13 -18.57
C VAL C 222 -26.64 -13.86 -19.09
N GLN C 223 -26.24 -12.99 -18.18
CA GLN C 223 -25.53 -11.78 -18.55
C GLN C 223 -24.09 -12.11 -18.94
N ASP C 224 -23.69 -11.69 -20.14
CA ASP C 224 -22.30 -11.83 -20.58
C ASP C 224 -21.51 -10.66 -20.01
N ILE C 225 -20.70 -10.93 -18.98
CA ILE C 225 -19.84 -9.91 -18.39
C ILE C 225 -18.38 -10.30 -18.64
N ARG C 226 -18.13 -10.97 -19.77
CA ARG C 226 -16.78 -11.40 -20.08
C ARG C 226 -15.85 -10.23 -20.37
N GLY C 227 -16.39 -9.07 -20.75
CA GLY C 227 -15.58 -7.87 -20.87
C GLY C 227 -14.89 -7.47 -19.59
N GLN C 228 -15.25 -8.08 -18.46
CA GLN C 228 -14.56 -7.87 -17.20
C GLN C 228 -13.10 -8.34 -17.25
N ALA C 229 -12.75 -9.16 -18.24
CA ALA C 229 -11.41 -9.74 -18.28
C ALA C 229 -10.32 -8.67 -18.30
N GLU C 230 -10.61 -7.48 -18.82
CA GLU C 230 -9.60 -6.43 -18.85
C GLU C 230 -9.19 -6.00 -17.45
N PHE C 231 -10.07 -6.19 -16.45
CA PHE C 231 -9.82 -5.73 -15.09
C PHE C 231 -9.62 -6.88 -14.11
N ASP C 232 -9.55 -8.11 -14.60
CA ASP C 232 -9.37 -9.26 -13.72
C ASP C 232 -8.14 -9.06 -12.83
N GLY C 233 -8.31 -9.28 -11.54
CA GLY C 233 -7.24 -9.13 -10.58
C GLY C 233 -7.08 -7.73 -10.02
N TYR C 234 -7.82 -6.75 -10.55
CA TYR C 234 -7.67 -5.37 -10.14
C TYR C 234 -8.84 -4.88 -9.28
N TYR C 235 -9.73 -5.78 -8.89
CA TYR C 235 -10.90 -5.42 -8.09
C TYR C 235 -11.52 -6.70 -7.56
N TYR C 236 -12.50 -6.54 -6.67
CA TYR C 236 -13.19 -7.66 -6.03
C TYR C 236 -14.40 -8.04 -6.89
N ASN C 237 -14.32 -9.21 -7.53
CA ASN C 237 -15.32 -9.58 -8.54
C ASN C 237 -16.72 -9.65 -7.95
N GLN C 238 -16.86 -10.34 -6.81
CA GLN C 238 -18.21 -10.63 -6.31
C GLN C 238 -18.89 -9.39 -5.76
N PHE C 239 -18.11 -8.41 -5.28
CA PHE C 239 -18.72 -7.21 -4.72
C PHE C 239 -19.32 -6.33 -5.81
N LEU C 240 -18.74 -6.35 -7.01
CA LEU C 240 -19.29 -5.57 -8.12
C LEU C 240 -20.59 -6.17 -8.62
N VAL C 241 -20.61 -7.49 -8.83
CA VAL C 241 -21.76 -8.13 -9.42
C VAL C 241 -22.98 -8.01 -8.51
N VAL C 242 -22.80 -8.16 -7.20
CA VAL C 242 -23.96 -8.12 -6.30
C VAL C 242 -24.57 -6.72 -6.28
N ASN C 243 -23.77 -5.68 -6.48
CA ASN C 243 -24.30 -4.33 -6.45
C ASN C 243 -24.98 -3.97 -7.76
N ASP C 244 -24.41 -4.40 -8.89
CA ASP C 244 -25.08 -4.21 -10.17
C ASP C 244 -26.44 -4.90 -10.17
N CYS C 245 -26.48 -6.17 -9.80
CA CYS C 245 -27.73 -6.91 -9.80
C CYS C 245 -28.73 -6.30 -8.82
N LEU C 246 -28.24 -5.79 -7.68
CA LEU C 246 -29.13 -5.16 -6.71
C LEU C 246 -29.91 -4.01 -7.35
N HIS C 247 -29.22 -3.12 -8.07
CA HIS C 247 -29.86 -1.95 -8.64
C HIS C 247 -30.47 -2.21 -10.00
N ARG C 248 -29.90 -3.13 -10.78
CA ARG C 248 -30.47 -3.47 -12.08
C ARG C 248 -31.88 -4.02 -11.93
N TYR C 249 -32.14 -4.77 -10.85
CA TYR C 249 -33.43 -5.42 -10.63
C TYR C 249 -34.05 -4.98 -9.31
N ARG C 250 -33.80 -3.73 -8.91
CA ARG C 250 -34.17 -3.29 -7.57
C ARG C 250 -35.65 -3.49 -7.31
N TYR C 251 -36.50 -3.09 -8.25
CA TYR C 251 -37.95 -3.21 -8.11
C TYR C 251 -38.51 -4.37 -8.93
N SER C 252 -37.65 -5.27 -9.41
CA SER C 252 -38.13 -6.42 -10.18
C SER C 252 -38.89 -7.41 -9.31
N ALA C 253 -38.59 -7.48 -8.02
CA ALA C 253 -39.16 -8.51 -7.16
C ALA C 253 -39.36 -7.99 -5.76
N ASN C 254 -40.14 -8.74 -4.97
CA ASN C 254 -40.28 -8.43 -3.55
C ASN C 254 -38.97 -8.72 -2.81
N TRP C 255 -38.34 -9.87 -3.09
CA TRP C 255 -37.15 -10.33 -2.38
C TRP C 255 -36.07 -10.71 -3.39
N THR C 256 -34.82 -10.36 -3.07
CA THR C 256 -33.67 -10.70 -3.90
C THR C 256 -32.74 -11.61 -3.11
N PHE C 257 -32.46 -12.79 -3.66
CA PHE C 257 -31.65 -13.80 -2.98
C PHE C 257 -30.23 -13.83 -3.54
N TYR C 258 -29.25 -13.90 -2.64
CA TYR C 258 -27.83 -13.88 -2.99
C TYR C 258 -27.19 -15.17 -2.49
N PHE C 259 -26.90 -16.10 -3.40
CA PHE C 259 -26.10 -17.27 -3.07
C PHE C 259 -25.58 -17.88 -4.35
N ASP C 260 -24.76 -18.92 -4.21
CA ASP C 260 -24.02 -19.51 -5.31
C ASP C 260 -24.69 -20.78 -5.80
N VAL C 261 -24.21 -21.27 -6.96
CA VAL C 261 -24.81 -22.46 -7.58
C VAL C 261 -24.27 -23.75 -6.99
N ASP C 262 -23.39 -23.68 -5.99
CA ASP C 262 -23.05 -24.83 -5.18
C ASP C 262 -23.73 -24.78 -3.81
N GLU C 263 -24.69 -23.87 -3.64
CA GLU C 263 -25.42 -23.71 -2.39
C GLU C 263 -26.90 -23.88 -2.65
N TYR C 264 -27.58 -24.57 -1.73
CA TYR C 264 -28.96 -24.99 -1.92
C TYR C 264 -29.80 -24.53 -0.74
N ILE C 265 -30.74 -23.62 -1.00
CA ILE C 265 -31.59 -23.07 0.05
C ILE C 265 -32.58 -24.15 0.49
N TYR C 266 -32.59 -24.42 1.79
CA TYR C 266 -33.38 -25.52 2.35
C TYR C 266 -34.24 -25.01 3.48
N LEU C 267 -35.47 -25.52 3.55
CA LEU C 267 -36.41 -25.14 4.59
C LEU C 267 -36.57 -26.30 5.57
N PRO C 268 -36.13 -26.17 6.83
CA PRO C 268 -36.35 -27.25 7.79
C PRO C 268 -37.82 -27.63 7.89
N GLU C 269 -38.09 -28.83 8.41
CA GLU C 269 -39.45 -29.33 8.46
C GLU C 269 -40.39 -28.33 9.14
N GLY C 270 -41.60 -28.24 8.61
CA GLY C 270 -42.60 -27.36 9.18
C GLY C 270 -42.55 -25.92 8.70
N ASN C 271 -41.82 -25.64 7.62
CA ASN C 271 -41.64 -24.29 7.14
C ASN C 271 -41.84 -24.21 5.63
N THR C 272 -42.59 -23.21 5.20
CA THR C 272 -42.81 -22.87 3.80
C THR C 272 -42.09 -21.57 3.49
N LEU C 273 -41.77 -21.37 2.21
CA LEU C 273 -41.14 -20.12 1.81
C LEU C 273 -42.05 -18.93 2.09
N GLU C 274 -43.31 -19.02 1.66
CA GLU C 274 -44.29 -18.00 2.02
C GLU C 274 -44.34 -17.83 3.54
N SER C 275 -44.32 -18.94 4.28
CA SER C 275 -44.39 -18.88 5.74
C SER C 275 -43.21 -18.10 6.31
N VAL C 276 -42.00 -18.50 5.95
CA VAL C 276 -40.81 -17.88 6.54
C VAL C 276 -40.75 -16.40 6.20
N LEU C 277 -41.04 -16.05 4.93
CA LEU C 277 -40.90 -14.67 4.51
C LEU C 277 -41.97 -13.76 5.11
N LYS C 278 -43.11 -14.30 5.53
CA LYS C 278 -44.07 -13.48 6.25
C LYS C 278 -43.61 -13.24 7.68
N ASP C 279 -42.87 -14.18 8.26
CA ASP C 279 -42.27 -13.94 9.57
C ASP C 279 -41.16 -12.90 9.48
N PHE C 280 -40.47 -12.83 8.34
CA PHE C 280 -39.42 -11.86 8.11
C PHE C 280 -39.90 -10.64 7.33
N SER C 281 -41.21 -10.48 7.18
CA SER C 281 -41.74 -9.45 6.28
C SER C 281 -41.23 -8.06 6.66
N ASN C 282 -41.13 -7.77 7.94
CA ASN C 282 -40.78 -6.44 8.44
C ASN C 282 -39.28 -6.27 8.65
N TYR C 283 -38.47 -7.18 8.09
CA TYR C 283 -37.03 -7.03 8.01
C TYR C 283 -36.64 -6.77 6.56
N THR C 284 -35.68 -5.86 6.36
CA THR C 284 -35.20 -5.56 5.02
C THR C 284 -34.25 -6.63 4.50
N GLN C 285 -33.54 -7.30 5.39
CA GLN C 285 -32.63 -8.37 5.00
C GLN C 285 -32.49 -9.34 6.15
N PHE C 286 -32.20 -10.60 5.82
CA PHE C 286 -31.89 -11.61 6.83
C PHE C 286 -30.83 -12.53 6.28
N THR C 287 -29.90 -12.93 7.14
CA THR C 287 -28.85 -13.85 6.75
C THR C 287 -29.31 -15.30 6.92
N ILE C 288 -28.63 -16.19 6.21
CA ILE C 288 -28.96 -17.61 6.19
C ILE C 288 -27.70 -18.38 6.54
N GLU C 289 -27.76 -19.21 7.57
CA GLU C 289 -26.59 -19.93 8.04
C GLU C 289 -26.41 -21.21 7.24
N GLN C 290 -25.19 -21.75 7.28
CA GLN C 290 -24.71 -22.71 6.32
C GLN C 290 -24.70 -24.12 6.89
N ASN C 291 -25.10 -25.08 6.06
CA ASN C 291 -24.86 -26.50 6.31
C ASN C 291 -23.72 -26.94 5.39
N PRO C 292 -22.50 -27.04 5.89
CA PRO C 292 -21.38 -27.42 5.00
C PRO C 292 -21.37 -28.91 4.71
N MET C 293 -21.37 -29.25 3.43
CA MET C 293 -21.36 -30.63 2.99
C MET C 293 -20.01 -30.97 2.35
N SER C 294 -19.59 -32.21 2.54
CA SER C 294 -18.46 -32.73 1.77
C SER C 294 -18.89 -32.99 0.34
N SER C 295 -18.01 -32.68 -0.60
CA SER C 295 -18.24 -32.96 -2.00
C SER C 295 -17.59 -34.27 -2.45
N ALA C 296 -16.99 -35.02 -1.53
CA ALA C 296 -16.30 -36.25 -1.86
C ALA C 296 -16.80 -37.47 -1.09
N LEU C 297 -17.41 -37.29 0.09
CA LEU C 297 -17.84 -38.42 0.89
C LEU C 297 -19.14 -39.01 0.35
N CYS C 298 -19.17 -40.33 0.22
CA CYS C 298 -20.37 -41.06 -0.20
C CYS C 298 -20.38 -42.41 0.49
N PHE C 299 -21.48 -43.14 0.31
CA PHE C 299 -21.63 -44.48 0.88
C PHE C 299 -21.10 -45.53 -0.10
N ASN C 300 -20.07 -46.27 0.34
CA ASN C 300 -19.72 -47.60 -0.18
C ASN C 300 -20.98 -48.42 -0.35
N ASP C 301 -21.67 -48.32 -1.50
CA ASP C 301 -22.99 -48.94 -1.63
C ASP C 301 -23.29 -49.19 -3.11
N SER C 302 -23.15 -50.45 -3.53
CA SER C 302 -23.32 -50.81 -4.94
C SER C 302 -24.77 -50.99 -5.36
N THR C 303 -25.73 -50.74 -4.46
CA THR C 303 -27.12 -50.58 -4.89
C THR C 303 -27.40 -49.19 -5.44
N GLN C 304 -26.48 -48.25 -5.25
CA GLN C 304 -26.63 -46.89 -5.71
C GLN C 304 -25.90 -46.72 -7.03
N ASP C 305 -26.58 -46.16 -8.04
CA ASP C 305 -25.96 -45.82 -9.32
C ASP C 305 -25.57 -44.35 -9.24
N TYR C 306 -24.44 -44.09 -8.59
CA TYR C 306 -24.04 -42.72 -8.30
C TYR C 306 -23.85 -41.87 -9.56
N PRO C 307 -23.25 -42.36 -10.65
CA PRO C 307 -23.11 -41.50 -11.83
C PRO C 307 -24.43 -41.02 -12.42
N ARG C 308 -25.54 -41.65 -12.06
CA ARG C 308 -26.86 -41.19 -12.48
C ARG C 308 -27.63 -40.48 -11.37
N GLN C 309 -27.02 -40.34 -10.19
CA GLN C 309 -27.62 -39.59 -9.09
C GLN C 309 -27.16 -38.14 -9.14
N TRP C 310 -27.95 -37.26 -8.53
CA TRP C 310 -27.62 -35.84 -8.51
C TRP C 310 -26.68 -35.54 -7.35
N GLY C 311 -26.03 -34.38 -7.44
CA GLY C 311 -25.07 -33.95 -6.44
C GLY C 311 -25.59 -34.01 -5.02
N PHE C 312 -26.66 -33.27 -4.73
CA PHE C 312 -27.19 -33.26 -3.37
C PHE C 312 -27.84 -34.59 -2.99
N GLU C 313 -27.93 -35.54 -3.91
CA GLU C 313 -28.52 -36.84 -3.65
C GLU C 313 -27.50 -37.87 -3.18
N LYS C 314 -26.22 -37.70 -3.55
CA LYS C 314 -25.17 -38.61 -3.11
C LYS C 314 -24.30 -38.04 -2.00
N LEU C 315 -24.21 -36.72 -1.88
CA LEU C 315 -23.33 -36.07 -0.91
C LEU C 315 -24.13 -35.83 0.37
N LEU C 316 -24.17 -36.87 1.21
CA LEU C 316 -25.03 -36.89 2.39
C LEU C 316 -24.24 -36.77 3.69
N PHE C 317 -23.09 -36.09 3.66
CA PHE C 317 -22.22 -35.99 4.83
C PHE C 317 -21.89 -34.54 5.11
N ARG C 318 -22.30 -34.07 6.28
CA ARG C 318 -22.24 -32.67 6.66
C ARG C 318 -21.17 -32.49 7.73
N GLU C 319 -20.31 -31.49 7.53
CA GLU C 319 -19.32 -31.15 8.55
C GLU C 319 -20.05 -30.63 9.78
N SER C 320 -19.84 -31.27 10.93
CA SER C 320 -20.74 -31.14 12.07
C SER C 320 -20.07 -30.52 13.29
N ARG C 321 -19.02 -29.73 13.11
CA ARG C 321 -18.42 -29.05 14.24
C ARG C 321 -19.39 -28.01 14.81
N THR C 322 -19.26 -27.76 16.11
CA THR C 322 -20.09 -26.77 16.80
C THR C 322 -19.32 -25.48 17.01
N GLY C 323 -20.07 -24.40 17.21
CA GLY C 323 -19.48 -23.12 17.56
C GLY C 323 -18.51 -22.57 16.55
N ILE C 324 -18.59 -23.01 15.30
CA ILE C 324 -17.73 -22.50 14.24
C ILE C 324 -18.46 -21.38 13.52
N ARG C 325 -17.81 -20.23 13.37
CA ARG C 325 -18.36 -19.16 12.57
C ARG C 325 -18.07 -19.45 11.10
N ARG C 326 -19.12 -19.54 10.29
CA ARG C 326 -19.00 -19.84 8.88
C ARG C 326 -19.65 -18.72 8.06
N ASP C 327 -19.33 -18.71 6.78
CA ASP C 327 -19.93 -17.74 5.87
C ASP C 327 -21.45 -17.90 5.88
N ARG C 328 -22.13 -16.79 5.58
CA ARG C 328 -23.58 -16.77 5.47
C ARG C 328 -23.97 -16.10 4.17
N LYS C 329 -25.12 -16.50 3.65
CA LYS C 329 -25.76 -15.84 2.52
C LYS C 329 -27.07 -15.25 3.02
N TYR C 330 -27.77 -14.53 2.13
CA TYR C 330 -28.86 -13.69 2.61
C TYR C 330 -29.84 -13.40 1.48
N ALA C 331 -30.97 -12.84 1.87
CA ALA C 331 -31.95 -12.27 0.96
C ALA C 331 -32.25 -10.85 1.43
N ILE C 332 -32.58 -9.99 0.48
CA ILE C 332 -32.75 -8.57 0.76
C ILE C 332 -33.94 -8.03 -0.02
N GLN C 333 -34.68 -7.12 0.59
CA GLN C 333 -35.70 -6.34 -0.11
C GLN C 333 -34.97 -5.16 -0.75
N ALA C 334 -34.68 -5.29 -2.05
CA ALA C 334 -33.83 -4.32 -2.73
C ALA C 334 -34.44 -2.92 -2.73
N LYS C 335 -35.75 -2.80 -2.59
CA LYS C 335 -36.38 -1.49 -2.54
C LYS C 335 -35.85 -0.64 -1.39
N ASN C 336 -35.38 -1.29 -0.33
CA ASN C 336 -34.89 -0.60 0.86
C ASN C 336 -33.39 -0.78 1.06
N ALA C 337 -32.67 -1.13 0.00
CA ALA C 337 -31.22 -1.23 0.04
C ALA C 337 -30.60 -0.23 -0.91
N TYR C 338 -29.44 0.31 -0.53
CA TYR C 338 -28.72 1.26 -1.35
C TYR C 338 -27.43 0.69 -1.93
N ALA C 339 -26.93 -0.41 -1.38
CA ALA C 339 -25.69 -1.06 -1.77
C ALA C 339 -25.54 -2.27 -0.86
N THR C 340 -24.75 -3.24 -1.30
CA THR C 340 -24.67 -4.51 -0.58
C THR C 340 -23.31 -5.14 -0.77
N GLY C 341 -23.07 -6.21 0.01
CA GLY C 341 -21.86 -7.00 -0.10
C GLY C 341 -22.16 -8.43 -0.49
N VAL C 342 -21.25 -9.35 -0.20
CA VAL C 342 -21.43 -10.73 -0.63
C VAL C 342 -22.15 -11.58 0.42
N HIS C 343 -22.04 -11.23 1.69
CA HIS C 343 -22.66 -11.99 2.76
C HIS C 343 -23.78 -11.23 3.46
N MET C 344 -24.03 -9.97 3.07
CA MET C 344 -24.92 -9.09 3.79
C MET C 344 -24.86 -7.71 3.14
N SER C 345 -25.72 -6.80 3.56
CA SER C 345 -25.65 -5.41 3.16
C SER C 345 -25.49 -4.54 4.40
N GLU C 346 -24.65 -3.51 4.29
CA GLU C 346 -24.44 -2.54 5.35
C GLU C 346 -24.97 -1.17 4.98
N ASN C 347 -25.84 -1.11 3.95
CA ASN C 347 -26.39 0.15 3.45
C ASN C 347 -27.85 -0.10 3.09
N VAL C 348 -28.69 -0.17 4.14
CA VAL C 348 -30.12 -0.41 3.98
C VAL C 348 -30.87 0.50 4.93
N ILE C 349 -32.15 0.69 4.65
CA ILE C 349 -33.10 1.25 5.59
C ILE C 349 -33.99 0.11 6.07
N GLY C 350 -34.11 -0.02 7.39
CA GLY C 350 -34.86 -1.11 7.98
C GLY C 350 -33.94 -2.05 8.75
N LYS C 351 -34.56 -3.10 9.28
CA LYS C 351 -33.89 -3.99 10.22
C LYS C 351 -33.22 -5.16 9.51
N THR C 352 -32.20 -5.70 10.17
CA THR C 352 -31.52 -6.91 9.73
C THR C 352 -31.76 -8.01 10.75
N LEU C 353 -32.04 -9.22 10.26
CA LEU C 353 -32.28 -10.37 11.10
C LEU C 353 -31.23 -11.44 10.85
N HIS C 354 -30.64 -11.95 11.93
CA HIS C 354 -29.73 -13.08 11.86
C HIS C 354 -30.27 -14.32 12.55
N GLN C 355 -31.37 -14.21 13.30
CA GLN C 355 -31.94 -15.34 14.03
C GLN C 355 -32.90 -16.07 13.10
N THR C 356 -32.30 -16.89 12.22
CA THR C 356 -33.03 -17.58 11.17
C THR C 356 -32.69 -19.07 11.13
N GLU C 357 -31.87 -19.56 12.07
CA GLU C 357 -31.26 -20.87 11.93
C GLU C 357 -32.29 -21.99 11.93
N THR C 358 -33.41 -21.82 12.63
CA THR C 358 -34.43 -22.86 12.69
C THR C 358 -35.45 -22.78 11.56
N LYS C 359 -35.45 -21.70 10.78
CA LYS C 359 -36.46 -21.48 9.76
C LYS C 359 -35.94 -21.62 8.34
N ILE C 360 -34.66 -21.38 8.10
CA ILE C 360 -34.11 -21.42 6.75
C ILE C 360 -32.60 -21.63 6.86
N ARG C 361 -32.06 -22.39 5.92
CA ARG C 361 -30.63 -22.69 5.87
C ARG C 361 -30.25 -22.93 4.43
N TYR C 362 -28.95 -23.11 4.18
CA TYR C 362 -28.51 -23.52 2.85
C TYR C 362 -27.42 -24.57 2.96
N TYR C 363 -27.55 -25.61 2.15
CA TYR C 363 -26.52 -26.63 2.03
C TYR C 363 -25.46 -26.18 1.04
N HIS C 364 -24.20 -26.36 1.41
CA HIS C 364 -23.07 -25.86 0.64
C HIS C 364 -22.13 -27.02 0.34
N TYR C 365 -22.04 -27.38 -0.94
CA TYR C 365 -21.14 -28.45 -1.40
C TYR C 365 -19.86 -27.79 -1.88
N HIS C 366 -18.93 -27.61 -0.96
CA HIS C 366 -17.74 -26.82 -1.26
C HIS C 366 -16.83 -27.54 -2.25
N ASN C 367 -16.28 -26.76 -3.18
CA ASN C 367 -15.37 -27.28 -4.20
C ASN C 367 -16.00 -28.46 -4.93
N SER C 368 -17.25 -28.26 -5.35
CA SER C 368 -18.00 -29.26 -6.09
C SER C 368 -18.28 -28.88 -7.52
N ILE C 369 -18.43 -27.59 -7.81
CA ILE C 369 -18.83 -27.16 -9.14
C ILE C 369 -17.65 -27.15 -10.10
N GLN C 370 -16.43 -26.99 -9.61
CA GLN C 370 -15.24 -26.98 -10.45
C GLN C 370 -14.60 -28.35 -10.58
N VAL C 371 -15.29 -29.41 -10.18
CA VAL C 371 -14.73 -30.75 -10.13
C VAL C 371 -15.25 -31.55 -11.31
N PRO C 372 -14.39 -32.03 -12.21
CA PRO C 372 -14.87 -32.90 -13.29
C PRO C 372 -15.06 -34.34 -12.81
N GLY C 373 -15.98 -35.02 -13.47
CA GLY C 373 -16.20 -36.43 -13.19
C GLY C 373 -17.03 -36.67 -11.94
N GLU C 374 -16.99 -37.92 -11.49
CA GLU C 374 -17.79 -38.36 -10.35
C GLU C 374 -17.34 -37.66 -9.08
N LEU C 375 -18.31 -37.10 -8.34
CA LEU C 375 -18.00 -36.46 -7.08
C LEU C 375 -17.74 -37.47 -5.98
N CYS C 376 -18.49 -38.57 -5.97
CA CYS C 376 -18.27 -39.64 -5.00
C CYS C 376 -16.85 -40.18 -5.16
N ARG C 377 -15.98 -39.83 -4.21
CA ARG C 377 -14.56 -40.19 -4.32
C ARG C 377 -13.99 -40.80 -3.05
N GLU C 378 -14.63 -40.63 -1.89
CA GLU C 378 -14.25 -41.29 -0.66
C GLU C 378 -15.48 -42.02 -0.13
N PHE C 379 -15.43 -43.35 -0.15
CA PHE C 379 -16.60 -44.18 0.11
C PHE C 379 -16.54 -44.72 1.53
N LEU C 380 -17.60 -44.46 2.28
CA LEU C 380 -17.71 -44.82 3.69
C LEU C 380 -18.58 -46.06 3.85
N PRO C 381 -18.40 -46.80 4.94
CA PRO C 381 -19.30 -47.93 5.20
C PRO C 381 -20.67 -47.45 5.62
N LEU C 382 -21.69 -48.25 5.27
CA LEU C 382 -23.05 -47.91 5.67
C LEU C 382 -23.18 -47.69 7.17
N SER C 383 -22.25 -48.24 7.96
CA SER C 383 -22.26 -47.97 9.40
C SER C 383 -22.15 -46.48 9.69
N ALA C 384 -21.56 -45.72 8.78
CA ALA C 384 -21.42 -44.28 8.97
C ALA C 384 -22.76 -43.55 8.97
N LYS C 385 -23.85 -44.24 8.68
CA LYS C 385 -25.18 -43.61 8.75
C LYS C 385 -25.50 -43.13 10.15
N ASN C 386 -24.83 -43.66 11.18
CA ASN C 386 -25.13 -43.32 12.56
C ASN C 386 -23.92 -42.86 13.38
N ASN C 387 -22.70 -43.14 12.94
CA ASN C 387 -21.51 -42.66 13.63
C ASN C 387 -21.03 -41.36 13.01
N VAL C 388 -20.15 -40.68 13.73
CA VAL C 388 -19.40 -39.56 13.17
C VAL C 388 -18.27 -40.13 12.33
N THR C 389 -18.06 -39.56 11.15
CA THR C 389 -16.95 -39.94 10.29
C THR C 389 -15.93 -38.80 10.28
N TRP C 390 -14.67 -39.13 10.49
CA TRP C 390 -13.58 -38.17 10.46
C TRP C 390 -12.85 -38.27 9.14
N TYR C 391 -12.70 -37.13 8.47
CA TYR C 391 -12.10 -37.06 7.15
C TYR C 391 -11.30 -35.78 7.06
N ASN C 392 -9.98 -35.90 6.89
CA ASN C 392 -9.09 -34.74 6.83
C ASN C 392 -9.22 -33.89 8.10
N GLY C 393 -9.29 -34.56 9.25
CA GLY C 393 -9.31 -33.87 10.52
C GLY C 393 -10.61 -33.20 10.88
N LEU C 394 -11.69 -33.46 10.15
CA LEU C 394 -12.98 -32.85 10.44
C LEU C 394 -14.05 -33.94 10.61
N PRO C 395 -15.04 -33.71 11.48
CA PRO C 395 -16.11 -34.70 11.66
C PRO C 395 -17.29 -34.44 10.75
N TYR C 396 -17.87 -35.54 10.26
CA TYR C 396 -19.02 -35.47 9.37
C TYR C 396 -20.10 -36.43 9.87
N VAL C 397 -21.36 -36.04 9.63
CA VAL C 397 -22.51 -36.86 10.02
C VAL C 397 -23.44 -37.00 8.83
N TYR C 398 -24.27 -38.03 8.88
CA TYR C 398 -25.24 -38.31 7.84
C TYR C 398 -26.35 -37.25 7.83
N ASP C 399 -26.73 -36.81 6.63
CA ASP C 399 -27.79 -35.81 6.49
C ASP C 399 -28.44 -36.02 5.11
N ASP C 400 -29.63 -36.62 5.10
CA ASP C 400 -30.32 -36.94 3.86
C ASP C 400 -31.47 -35.96 3.58
N ASN C 401 -31.46 -34.78 4.20
CA ASN C 401 -32.53 -33.83 3.98
C ASN C 401 -32.69 -33.50 2.51
N MET C 402 -31.59 -33.25 1.81
CA MET C 402 -31.67 -32.94 0.39
C MET C 402 -31.97 -34.19 -0.43
N LYS C 403 -31.43 -35.33 -0.02
CA LYS C 403 -31.71 -36.58 -0.72
C LYS C 403 -33.21 -36.87 -0.76
N LYS C 404 -33.91 -36.56 0.34
CA LYS C 404 -35.34 -36.85 0.40
C LYS C 404 -36.14 -36.05 -0.63
N LEU C 405 -35.57 -34.99 -1.17
CA LEU C 405 -36.26 -34.17 -2.16
C LEU C 405 -35.86 -34.49 -3.60
N ALA C 406 -34.84 -35.33 -3.80
CA ALA C 406 -34.34 -35.59 -5.15
C ALA C 406 -35.46 -36.07 -6.07
N SER C 407 -36.28 -37.01 -5.59
CA SER C 407 -37.38 -37.51 -6.41
C SER C 407 -38.38 -36.41 -6.70
N THR C 408 -38.60 -35.51 -5.74
CA THR C 408 -39.54 -34.42 -5.96
C THR C 408 -39.05 -33.47 -7.05
N ILE C 409 -37.77 -33.11 -7.01
CA ILE C 409 -37.24 -32.16 -7.97
C ILE C 409 -37.21 -32.76 -9.36
N LYS C 410 -36.84 -34.04 -9.47
CA LYS C 410 -36.80 -34.68 -10.78
C LYS C 410 -38.19 -34.72 -11.40
N ASP C 411 -39.21 -35.04 -10.61
CA ASP C 411 -40.57 -35.04 -11.14
C ASP C 411 -41.00 -33.65 -11.55
N PHE C 412 -40.70 -32.65 -10.71
CA PHE C 412 -40.98 -31.26 -11.09
C PHE C 412 -40.28 -30.92 -12.40
N GLU C 413 -38.98 -31.16 -12.48
CA GLU C 413 -38.24 -30.85 -13.70
C GLU C 413 -38.94 -31.41 -14.93
N ARG C 414 -39.32 -32.69 -14.88
CA ARG C 414 -39.97 -33.32 -16.02
C ARG C 414 -41.24 -32.57 -16.42
N ASN C 415 -41.97 -32.01 -15.46
CA ASN C 415 -43.25 -31.40 -15.72
C ASN C 415 -43.18 -29.94 -16.12
N THR C 416 -42.00 -29.32 -16.10
CA THR C 416 -41.87 -27.91 -16.47
C THR C 416 -40.94 -27.66 -17.65
N ILE C 417 -39.94 -28.50 -17.88
CA ILE C 417 -39.05 -28.38 -19.02
C ILE C 417 -38.96 -29.63 -19.87
N GLY C 418 -39.43 -30.77 -19.39
CA GLY C 418 -39.40 -32.01 -20.16
C GLY C 418 -38.63 -33.10 -19.44
N ASN D 27 -26.74 -8.82 -26.09
CA ASN D 27 -26.91 -8.17 -24.80
C ASN D 27 -25.69 -8.41 -23.92
N LYS D 28 -24.51 -8.05 -24.44
CA LYS D 28 -23.26 -8.23 -23.72
C LYS D 28 -22.99 -6.98 -22.89
N ARG D 29 -23.00 -7.14 -21.56
CA ARG D 29 -22.71 -6.03 -20.66
C ARG D 29 -21.36 -5.40 -21.00
N ILE D 30 -21.30 -4.08 -20.97
CA ILE D 30 -20.14 -3.33 -21.41
C ILE D 30 -19.61 -2.51 -20.24
N PHE D 31 -18.29 -2.56 -20.04
CA PHE D 31 -17.63 -1.84 -18.96
C PHE D 31 -16.95 -0.60 -19.56
N GLN D 32 -17.47 0.57 -19.21
CA GLN D 32 -17.01 1.83 -19.78
C GLN D 32 -16.04 2.49 -18.80
N ALA D 33 -14.77 2.51 -19.16
CA ALA D 33 -13.73 3.13 -18.33
C ALA D 33 -13.55 4.58 -18.71
N TYR D 34 -13.38 5.43 -17.70
CA TYR D 34 -13.24 6.87 -17.88
C TYR D 34 -12.00 7.36 -17.16
N GLY D 35 -11.16 8.10 -17.87
CA GLY D 35 -10.06 8.81 -17.23
C GLY D 35 -8.82 7.95 -17.04
N ASN D 36 -7.79 8.60 -16.49
CA ASN D 36 -6.50 7.97 -16.25
C ASN D 36 -5.94 8.55 -14.95
N ALA D 37 -6.09 7.81 -13.86
CA ALA D 37 -5.62 8.25 -12.55
C ALA D 37 -4.17 7.87 -12.28
N ALA D 38 -3.51 7.17 -13.19
CA ALA D 38 -2.13 6.76 -12.98
C ALA D 38 -1.55 6.11 -14.23
N ALA D 39 -0.55 6.73 -14.82
CA ALA D 39 0.18 6.09 -15.91
C ALA D 39 0.95 4.89 -15.38
N LEU D 40 1.25 3.95 -16.28
CA LEU D 40 2.08 2.82 -15.91
C LEU D 40 3.54 3.23 -15.77
N PHE D 41 4.02 4.09 -16.68
CA PHE D 41 5.39 4.56 -16.66
C PHE D 41 5.43 5.99 -17.17
N VAL D 42 6.18 6.83 -16.46
CA VAL D 42 6.41 8.22 -16.86
C VAL D 42 7.93 8.38 -17.01
N GLN D 43 8.40 8.58 -18.22
CA GLN D 43 9.82 8.71 -18.50
C GLN D 43 10.26 10.15 -18.31
N MET D 44 11.29 10.36 -17.49
CA MET D 44 11.94 11.65 -17.38
C MET D 44 13.17 11.75 -18.27
N GLY D 45 13.98 10.68 -18.35
CA GLY D 45 15.18 10.70 -19.16
C GLY D 45 15.65 9.31 -19.48
N ALA D 46 16.27 9.17 -20.65
CA ALA D 46 16.90 7.93 -21.08
C ALA D 46 18.30 8.27 -21.57
N TYR D 47 19.30 7.52 -21.09
CA TYR D 47 20.69 7.88 -21.30
C TYR D 47 21.53 6.64 -21.56
N ARG D 48 22.47 6.77 -22.48
CA ARG D 48 23.53 5.78 -22.61
C ARG D 48 24.51 5.96 -21.45
N GLY D 49 24.75 4.89 -20.71
CA GLY D 49 25.67 4.91 -19.59
C GLY D 49 27.00 4.23 -19.86
N GLY D 50 27.25 3.82 -21.10
CA GLY D 50 28.48 3.15 -21.46
C GLY D 50 28.37 2.53 -22.82
N PRO D 51 29.42 1.82 -23.24
CA PRO D 51 29.35 1.14 -24.55
C PRO D 51 28.23 0.12 -24.64
N THR D 52 27.81 -0.46 -23.51
CA THR D 52 26.89 -1.60 -23.54
C THR D 52 25.60 -1.38 -22.75
N THR D 53 25.45 -0.26 -22.05
CA THR D 53 24.43 -0.14 -21.03
C THR D 53 23.70 1.18 -21.13
N PHE D 54 22.40 1.15 -20.80
CA PHE D 54 21.54 2.32 -20.79
C PHE D 54 20.75 2.36 -19.49
N ALA D 55 20.27 3.54 -19.15
CA ALA D 55 19.39 3.73 -18.00
C ALA D 55 18.21 4.59 -18.40
N VAL D 56 17.03 4.24 -17.90
CA VAL D 56 15.82 5.03 -18.09
C VAL D 56 15.31 5.43 -16.72
N VAL D 57 15.20 6.74 -16.49
CA VAL D 57 14.81 7.29 -15.20
C VAL D 57 13.40 7.86 -15.35
N GLY D 58 12.53 7.53 -14.41
CA GLY D 58 11.16 7.98 -14.50
C GLY D 58 10.34 7.49 -13.33
N LEU D 59 9.02 7.47 -13.53
CA LEU D 59 8.08 7.11 -12.49
C LEU D 59 7.27 5.90 -12.92
N ALA D 60 6.98 5.01 -11.97
CA ALA D 60 6.18 3.83 -12.22
C ALA D 60 5.04 3.76 -11.23
N SER D 61 3.87 3.32 -11.69
CA SER D 61 2.76 3.05 -10.80
C SER D 61 3.03 1.74 -10.06
N LYS D 62 3.01 1.79 -8.74
CA LYS D 62 3.27 0.58 -7.97
C LYS D 62 2.15 -0.43 -8.19
N PRO D 63 2.48 -1.72 -8.31
CA PRO D 63 1.42 -2.72 -8.44
C PRO D 63 0.71 -2.97 -7.12
N ILE D 64 -0.57 -3.28 -7.21
CA ILE D 64 -1.40 -3.63 -6.06
C ILE D 64 -1.94 -5.03 -6.30
N HIS D 65 -1.58 -5.96 -5.40
CA HIS D 65 -2.08 -7.33 -5.44
C HIS D 65 -1.53 -8.13 -6.61
N VAL D 66 -1.82 -7.69 -7.84
CA VAL D 66 -1.35 -8.43 -8.99
C VAL D 66 0.17 -8.48 -8.98
N PHE D 67 0.72 -9.57 -9.53
CA PHE D 67 2.16 -9.75 -9.60
C PHE D 67 2.69 -9.25 -10.94
N ARG D 68 3.81 -8.56 -10.89
CA ARG D 68 4.47 -8.01 -12.07
C ARG D 68 5.83 -8.68 -12.22
N LEU D 69 6.02 -9.45 -13.29
CA LEU D 69 7.29 -10.13 -13.51
C LEU D 69 7.43 -10.52 -14.98
N PRO D 70 8.25 -9.80 -15.76
CA PRO D 70 9.11 -8.67 -15.37
C PRO D 70 8.34 -7.36 -15.35
N TRP D 71 8.91 -6.34 -14.71
CA TRP D 71 8.34 -5.01 -14.86
C TRP D 71 8.60 -4.46 -16.26
N TYR D 72 9.78 -4.74 -16.80
CA TYR D 72 10.19 -4.18 -18.08
C TYR D 72 11.03 -5.16 -18.87
N LYS D 73 11.08 -4.92 -20.18
CA LYS D 73 12.05 -5.53 -21.08
C LYS D 73 12.60 -4.42 -21.96
N CYS D 74 13.88 -4.51 -22.29
CA CYS D 74 14.49 -3.56 -23.22
C CYS D 74 14.95 -4.30 -24.48
N GLU D 75 15.05 -3.54 -25.55
CA GLU D 75 15.39 -4.05 -26.86
C GLU D 75 16.02 -2.90 -27.66
N TRP D 76 16.99 -3.23 -28.48
CA TRP D 76 17.60 -2.27 -29.40
C TRP D 76 17.23 -2.66 -30.82
N ILE D 77 16.47 -1.80 -31.48
CA ILE D 77 16.11 -1.99 -32.89
C ILE D 77 17.10 -1.18 -33.72
N SER D 78 17.92 -1.87 -34.50
CA SER D 78 18.90 -1.20 -35.33
C SER D 78 18.25 -0.66 -36.59
N ASN D 79 18.75 0.49 -37.05
CA ASN D 79 18.33 1.00 -38.35
C ASN D 79 18.69 0.03 -39.47
N ASN D 80 19.57 -0.93 -39.20
CA ASN D 80 19.99 -1.91 -40.19
C ASN D 80 19.07 -3.12 -40.24
N GLY D 81 17.91 -3.05 -39.60
CA GLY D 81 16.94 -4.14 -39.67
C GLY D 81 16.94 -5.06 -38.47
N SER D 82 18.12 -5.32 -37.91
CA SER D 82 18.24 -6.29 -36.84
C SER D 82 17.70 -5.71 -35.53
N SER D 83 17.62 -6.58 -34.51
CA SER D 83 17.18 -6.18 -33.19
C SER D 83 17.67 -7.22 -32.19
N ILE D 84 18.27 -6.75 -31.09
CA ILE D 84 18.85 -7.62 -30.09
C ILE D 84 18.27 -7.27 -28.72
N ARG D 85 17.93 -8.29 -27.94
CA ARG D 85 17.39 -8.08 -26.61
C ARG D 85 18.51 -7.77 -25.62
N ALA D 86 18.16 -7.04 -24.57
CA ALA D 86 19.08 -6.75 -23.47
C ALA D 86 18.60 -7.43 -22.19
N LYS D 87 19.53 -7.55 -21.25
CA LYS D 87 19.18 -7.94 -19.89
C LYS D 87 18.65 -6.70 -19.17
N ALA D 88 17.46 -6.81 -18.60
CA ALA D 88 16.78 -5.67 -17.99
C ALA D 88 16.47 -5.96 -16.53
N TYR D 89 16.82 -5.01 -15.67
CA TYR D 89 16.35 -5.00 -14.28
C TYR D 89 16.04 -3.55 -13.91
N LYS D 90 15.53 -3.36 -12.70
CA LYS D 90 15.10 -2.05 -12.24
C LYS D 90 15.50 -1.86 -10.79
N MET D 91 15.48 -0.60 -10.36
CA MET D 91 15.75 -0.24 -8.98
C MET D 91 14.75 0.82 -8.55
N LEU D 92 14.27 0.72 -7.31
CA LEU D 92 13.26 1.62 -6.75
C LEU D 92 13.87 2.30 -5.53
N PRO D 93 14.61 3.40 -5.72
CA PRO D 93 15.41 3.96 -4.63
C PRO D 93 14.65 4.82 -3.61
N ASP D 94 13.34 5.00 -3.74
CA ASP D 94 12.62 5.91 -2.86
C ASP D 94 11.75 5.15 -1.86
N TRP D 95 10.95 5.90 -1.09
CA TRP D 95 10.19 5.30 0.01
C TRP D 95 9.33 4.14 -0.45
N GLY D 96 8.58 4.34 -1.54
CA GLY D 96 7.67 3.31 -2.01
C GLY D 96 6.35 3.26 -1.27
N TYR D 97 5.99 4.32 -0.54
CA TYR D 97 4.73 4.37 0.18
C TYR D 97 4.20 5.80 0.17
N GLY D 98 2.88 5.92 0.09
CA GLY D 98 2.24 7.22 0.23
C GLY D 98 2.12 8.03 -1.04
N ARG D 99 2.42 7.46 -2.20
CA ARG D 99 2.28 8.19 -3.45
C ARG D 99 1.80 7.25 -4.56
N VAL D 100 1.13 7.83 -5.54
CA VAL D 100 0.61 7.06 -6.67
C VAL D 100 1.76 6.36 -7.41
N TYR D 101 2.86 7.08 -7.61
CA TYR D 101 4.00 6.57 -8.37
C TYR D 101 5.17 6.29 -7.45
N THR D 102 6.14 5.56 -7.98
CA THR D 102 7.42 5.34 -7.33
C THR D 102 8.54 5.62 -8.32
N VAL D 103 9.60 6.26 -7.85
CA VAL D 103 10.74 6.55 -8.71
C VAL D 103 11.41 5.25 -9.12
N VAL D 104 11.74 5.12 -10.40
CA VAL D 104 12.28 3.89 -10.95
C VAL D 104 13.43 4.20 -11.89
N VAL D 105 14.49 3.41 -11.78
CA VAL D 105 15.60 3.41 -12.73
C VAL D 105 15.59 2.07 -13.44
N VAL D 106 15.44 2.09 -14.75
CA VAL D 106 15.42 0.88 -15.56
C VAL D 106 16.79 0.74 -16.22
N ASN D 107 17.50 -0.35 -15.91
CA ASN D 107 18.84 -0.60 -16.43
C ASN D 107 18.74 -1.61 -17.56
N CYS D 108 19.22 -1.22 -18.74
CA CYS D 108 19.27 -2.08 -19.91
C CYS D 108 20.73 -2.23 -20.33
N THR D 109 21.24 -3.47 -20.26
CA THR D 109 22.61 -3.76 -20.64
C THR D 109 22.62 -4.87 -21.68
N PHE D 110 23.53 -4.75 -22.63
CA PHE D 110 23.67 -5.68 -23.74
C PHE D 110 25.00 -6.43 -23.66
N PRO D 111 25.13 -7.56 -24.34
CA PRO D 111 26.42 -8.27 -24.35
C PRO D 111 27.50 -7.49 -25.07
N VAL D 112 27.12 -6.62 -26.01
CA VAL D 112 28.04 -5.80 -26.77
C VAL D 112 27.32 -4.51 -27.10
N ASN D 113 28.08 -3.49 -27.49
CA ASN D 113 27.47 -2.24 -27.92
C ASN D 113 26.52 -2.54 -29.08
N PRO D 114 25.21 -2.42 -28.89
CA PRO D 114 24.28 -2.71 -29.99
C PRO D 114 24.36 -1.72 -31.13
N ASN D 115 25.15 -0.65 -31.00
CA ASN D 115 25.31 0.35 -32.05
C ASN D 115 26.78 0.56 -32.37
N GLN D 116 27.59 -0.50 -32.28
CA GLN D 116 28.98 -0.39 -32.70
C GLN D 116 29.07 0.03 -34.17
N ASP D 117 28.13 -0.43 -34.99
CA ASP D 117 28.10 -0.01 -36.39
C ASP D 117 28.06 1.51 -36.53
N ASN D 118 27.48 2.19 -35.54
CA ASN D 118 27.08 3.59 -35.67
C ASN D 118 26.03 3.77 -36.74
N ALA D 119 25.37 2.68 -37.13
CA ALA D 119 24.28 2.76 -38.10
C ALA D 119 23.07 3.47 -37.54
N GLY D 120 22.96 3.56 -36.21
CA GLY D 120 21.81 4.18 -35.58
C GLY D 120 20.76 3.15 -35.18
N GLY D 121 19.96 3.52 -34.19
CA GLY D 121 18.94 2.63 -33.68
C GLY D 121 18.19 3.30 -32.55
N ARG D 122 17.38 2.48 -31.86
CA ARG D 122 16.50 2.99 -30.82
C ARG D 122 16.44 1.99 -29.68
N LEU D 123 16.58 2.49 -28.45
CA LEU D 123 16.37 1.67 -27.26
C LEU D 123 14.87 1.59 -27.00
N MET D 124 14.31 0.39 -27.12
CA MET D 124 12.89 0.15 -26.88
C MET D 124 12.71 -0.36 -25.46
N LEU D 125 11.62 0.06 -24.81
CA LEU D 125 11.29 -0.37 -23.46
C LEU D 125 9.84 -0.85 -23.43
N ASN D 126 9.64 -2.09 -22.99
CA ASN D 126 8.32 -2.61 -22.70
C ASN D 126 8.03 -2.42 -21.22
N ALA D 127 6.83 -1.93 -20.91
CA ALA D 127 6.37 -1.81 -19.53
C ALA D 127 5.13 -2.68 -19.36
N TYR D 128 5.11 -3.50 -18.31
CA TYR D 128 4.06 -4.48 -18.10
C TYR D 128 3.22 -4.12 -16.88
N TYR D 129 1.92 -4.42 -16.97
CA TYR D 129 1.01 -4.19 -15.85
C TYR D 129 1.07 -5.33 -14.85
N ASP D 130 1.11 -6.57 -15.34
CA ASP D 130 1.11 -7.75 -14.48
C ASP D 130 1.82 -8.89 -15.22
N GLU D 131 1.83 -10.07 -14.59
CA GLU D 131 2.49 -11.21 -15.20
C GLU D 131 1.75 -11.76 -16.41
N SER D 132 0.49 -11.35 -16.63
CA SER D 132 -0.19 -11.63 -17.88
C SER D 132 0.49 -10.83 -18.98
N GLN D 133 1.51 -11.41 -19.61
CA GLN D 133 2.42 -10.69 -20.49
C GLN D 133 1.79 -10.35 -21.83
N ARG D 134 0.56 -9.84 -21.82
CA ARG D 134 -0.18 -9.56 -23.05
C ARG D 134 -0.60 -8.12 -23.18
N LYS D 135 -1.00 -7.46 -22.09
CA LYS D 135 -1.24 -6.03 -22.07
C LYS D 135 0.02 -5.34 -21.58
N TYR D 136 0.60 -4.49 -22.43
CA TYR D 136 1.84 -3.81 -22.09
C TYR D 136 1.98 -2.57 -22.96
N GLU D 137 2.92 -1.71 -22.58
CA GLU D 137 3.25 -0.50 -23.32
C GLU D 137 4.67 -0.63 -23.86
N LYS D 138 4.81 -0.42 -25.16
CA LYS D 138 6.12 -0.39 -25.81
C LYS D 138 6.36 1.00 -26.37
N PHE D 139 7.53 1.56 -26.10
CA PHE D 139 7.83 2.92 -26.52
C PHE D 139 9.34 3.06 -26.74
N THR D 140 9.71 4.14 -27.41
CA THR D 140 11.11 4.46 -27.69
C THR D 140 11.66 5.26 -26.52
N ALA D 141 12.64 4.68 -25.82
CA ALA D 141 13.27 5.39 -24.71
C ALA D 141 14.22 6.47 -25.23
N LEU D 142 15.07 6.11 -26.19
CA LEU D 142 15.95 7.08 -26.82
C LEU D 142 16.33 6.57 -28.20
N GLU D 143 16.85 7.50 -29.01
CA GLU D 143 17.33 7.19 -30.36
C GLU D 143 18.74 7.73 -30.51
N GLU D 144 19.56 6.99 -31.24
CA GLU D 144 20.91 7.42 -31.61
C GLU D 144 20.96 7.47 -33.13
N LEU D 145 20.93 8.68 -33.68
CA LEU D 145 20.95 8.83 -35.13
C LEU D 145 22.22 8.20 -35.70
N PRO D 146 22.24 7.92 -37.00
CA PRO D 146 23.44 7.34 -37.61
C PRO D 146 24.65 8.23 -37.41
N GLY D 147 25.75 7.63 -36.96
CA GLY D 147 26.98 8.35 -36.72
C GLY D 147 27.04 9.11 -35.41
N SER D 148 26.01 9.03 -34.58
CA SER D 148 25.96 9.82 -33.36
C SER D 148 26.80 9.25 -32.23
N TYR D 149 27.17 7.97 -32.29
CA TYR D 149 27.89 7.34 -31.19
C TYR D 149 29.33 7.81 -31.17
N ASN D 150 29.77 8.28 -30.00
CA ASN D 150 31.15 8.71 -29.78
C ASN D 150 31.68 7.96 -28.57
N GLU D 151 32.55 6.97 -28.81
CA GLU D 151 33.08 6.16 -27.72
C GLU D 151 34.11 6.91 -26.89
N SER D 152 34.67 8.01 -27.40
CA SER D 152 35.60 8.80 -26.61
C SER D 152 34.93 9.41 -25.39
N LYS D 153 33.59 9.51 -25.39
CA LYS D 153 32.88 10.09 -24.26
C LYS D 153 32.96 9.23 -23.01
N PHE D 154 33.28 7.95 -23.15
CA PHE D 154 33.30 7.02 -22.03
C PHE D 154 34.71 6.54 -21.69
N ARG D 155 35.70 7.39 -21.92
CA ARG D 155 37.04 7.20 -21.37
C ARG D 155 37.67 8.56 -21.17
N PRO D 156 38.65 8.67 -20.29
CA PRO D 156 39.22 9.98 -19.97
C PRO D 156 39.97 10.57 -21.16
N PRO D 157 40.18 11.89 -21.17
CA PRO D 157 39.79 12.84 -20.13
C PRO D 157 38.31 13.19 -20.29
N TYR D 158 37.60 13.38 -19.19
CA TYR D 158 36.19 13.74 -19.25
C TYR D 158 36.04 15.26 -19.31
N GLN D 159 34.80 15.72 -19.43
CA GLN D 159 34.57 17.13 -19.65
C GLN D 159 34.94 17.97 -18.42
N TYR D 160 34.58 17.52 -17.24
CA TYR D 160 34.88 18.23 -16.01
C TYR D 160 35.54 17.28 -15.02
N GLU D 161 36.25 17.86 -14.04
CA GLU D 161 36.76 17.06 -12.94
C GLU D 161 35.68 16.79 -11.90
N TYR D 162 34.86 17.80 -11.62
CA TYR D 162 33.80 17.69 -10.62
C TYR D 162 32.50 18.20 -11.23
N LEU D 163 31.38 17.65 -10.74
CA LEU D 163 30.06 18.06 -11.21
C LEU D 163 29.10 18.09 -10.05
N TYR D 164 28.34 19.18 -9.93
CA TYR D 164 27.34 19.36 -8.88
C TYR D 164 25.97 19.03 -9.46
N CYS D 165 25.26 18.13 -8.78
CA CYS D 165 23.88 17.79 -9.13
C CYS D 165 22.97 18.47 -8.12
N GLY D 166 22.17 19.43 -8.59
CA GLY D 166 21.36 20.22 -7.70
C GLY D 166 20.05 19.55 -7.34
N SER D 167 19.50 20.01 -6.22
CA SER D 167 18.18 19.55 -5.79
C SER D 167 17.11 20.09 -6.73
N SER D 168 15.86 19.77 -6.44
CA SER D 168 14.72 20.30 -7.18
C SER D 168 14.33 21.64 -6.58
N LEU D 169 14.67 22.73 -7.27
CA LEU D 169 14.47 24.07 -6.72
C LEU D 169 13.01 24.48 -6.83
N TYR D 170 12.37 24.68 -5.68
CA TYR D 170 10.98 25.11 -5.64
C TYR D 170 10.82 26.18 -4.57
N GLY D 171 9.87 27.10 -4.82
CA GLY D 171 9.48 28.04 -3.80
C GLY D 171 10.05 29.43 -3.94
N ASN D 172 10.20 30.12 -2.80
CA ASN D 172 10.62 31.52 -2.77
C ASN D 172 12.08 31.58 -2.33
N LEU D 173 12.99 31.56 -3.30
CA LEU D 173 14.41 31.38 -3.03
C LEU D 173 15.17 32.69 -3.16
N SER D 174 16.11 32.92 -2.25
CA SER D 174 16.87 34.16 -2.20
C SER D 174 17.91 34.18 -3.30
N ALA D 175 17.86 35.21 -4.15
CA ALA D 175 18.87 35.37 -5.18
C ALA D 175 20.25 35.60 -4.58
N SER D 176 20.31 36.28 -3.43
CA SER D 176 21.60 36.61 -2.84
C SER D 176 22.30 35.37 -2.29
N ARG D 177 21.53 34.45 -1.69
CA ARG D 177 22.13 33.18 -1.25
C ARG D 177 22.68 32.41 -2.44
N PHE D 178 21.98 32.43 -3.56
CA PHE D 178 22.46 31.76 -4.77
C PHE D 178 23.77 32.37 -5.24
N ARG D 179 23.81 33.70 -5.31
CA ARG D 179 25.04 34.40 -5.69
C ARG D 179 26.20 33.96 -4.83
N GLU D 180 26.00 33.95 -3.51
CA GLU D 180 27.09 33.63 -2.58
C GLU D 180 27.47 32.15 -2.67
N TRP D 181 26.48 31.28 -2.84
CA TRP D 181 26.77 29.85 -2.93
C TRP D 181 27.55 29.52 -4.19
N MET D 182 27.20 30.14 -5.32
CA MET D 182 27.91 29.86 -6.56
C MET D 182 29.28 30.52 -6.57
N ALA D 183 29.42 31.68 -5.93
CA ALA D 183 30.75 32.28 -5.82
C ALA D 183 31.66 31.41 -4.97
N TYR D 184 31.12 30.81 -3.90
CA TYR D 184 31.94 29.99 -3.02
C TYR D 184 32.35 28.69 -3.69
N HIS D 185 31.42 28.02 -4.38
CA HIS D 185 31.67 26.68 -4.88
C HIS D 185 32.33 26.66 -6.25
N ALA D 186 32.21 27.74 -7.03
CA ALA D 186 33.10 27.91 -8.16
C ALA D 186 34.55 28.00 -7.70
N TRP D 187 34.78 28.73 -6.61
CA TRP D 187 36.12 28.81 -6.03
C TRP D 187 36.55 27.47 -5.43
N PHE D 188 35.63 26.81 -4.73
CA PHE D 188 35.97 25.57 -4.04
C PHE D 188 36.35 24.47 -5.03
N PHE D 189 35.50 24.23 -6.03
CA PHE D 189 35.70 23.13 -6.96
C PHE D 189 36.70 23.45 -8.07
N GLY D 190 37.04 24.72 -8.27
CA GLY D 190 38.01 25.10 -9.28
C GLY D 190 37.41 25.23 -10.67
N PRO D 191 38.25 25.58 -11.64
CA PRO D 191 37.73 25.83 -13.00
C PRO D 191 37.10 24.61 -13.65
N SER D 192 37.64 23.42 -13.39
CA SER D 192 37.15 22.20 -14.04
C SER D 192 35.98 21.61 -13.23
N SER D 193 34.91 22.40 -13.14
CA SER D 193 33.70 21.96 -12.47
C SER D 193 32.51 22.54 -13.22
N HIS D 194 31.35 21.90 -13.02
CA HIS D 194 30.11 22.33 -13.65
C HIS D 194 28.97 22.12 -12.65
N PHE D 195 27.97 22.99 -12.76
CA PHE D 195 26.87 23.02 -11.79
C PHE D 195 25.56 22.89 -12.53
N VAL D 196 24.75 21.93 -12.12
CA VAL D 196 23.47 21.62 -12.76
C VAL D 196 22.36 21.93 -11.76
N PHE D 197 21.44 22.80 -12.17
CA PHE D 197 20.30 23.19 -11.37
C PHE D 197 19.01 22.74 -12.05
N HIS D 198 18.03 22.37 -11.24
CA HIS D 198 16.75 21.87 -11.71
C HIS D 198 15.67 22.84 -11.25
N ASP D 199 15.21 23.70 -12.15
CA ASP D 199 14.21 24.70 -11.81
C ASP D 199 12.83 24.05 -11.78
N ALA D 200 12.30 23.84 -10.58
CA ALA D 200 10.93 23.40 -10.39
C ALA D 200 9.99 24.54 -10.04
N GLY D 201 10.37 25.77 -10.37
CA GLY D 201 9.61 26.95 -10.03
C GLY D 201 10.30 27.89 -9.08
N GLY D 202 11.45 27.50 -8.52
CA GLY D 202 12.18 28.33 -7.59
C GLY D 202 13.13 29.32 -8.20
N VAL D 203 13.39 29.22 -9.50
CA VAL D 203 14.34 30.13 -10.16
C VAL D 203 13.53 31.35 -10.58
N SER D 204 13.35 32.27 -9.64
CA SER D 204 12.71 33.54 -9.91
C SER D 204 13.59 34.37 -10.84
N PRO D 205 13.05 35.44 -11.41
CA PRO D 205 13.89 36.33 -12.24
C PRO D 205 15.12 36.84 -11.52
N GLU D 206 15.07 36.95 -10.19
CA GLU D 206 16.23 37.41 -9.44
C GLU D 206 17.28 36.31 -9.34
N VAL D 207 16.86 35.07 -9.06
CA VAL D 207 17.79 33.95 -9.01
C VAL D 207 18.40 33.72 -10.39
N ARG D 208 17.58 33.83 -11.44
CA ARG D 208 18.11 33.74 -12.80
C ARG D 208 19.22 34.75 -13.01
N ALA D 209 19.00 36.00 -12.57
CA ALA D 209 20.04 37.02 -12.68
C ALA D 209 21.27 36.63 -11.88
N ALA D 210 21.08 36.03 -10.70
CA ALA D 210 22.21 35.57 -9.90
C ALA D 210 23.03 34.54 -10.66
N LEU D 211 22.37 33.67 -11.42
CA LEU D 211 23.06 32.59 -12.11
C LEU D 211 23.53 32.96 -13.50
N ASP D 212 22.94 33.99 -14.12
CA ASP D 212 23.29 34.34 -15.49
C ASP D 212 24.79 34.47 -15.71
N PRO D 213 25.56 35.20 -14.88
CA PRO D 213 27.01 35.27 -15.12
C PRO D 213 27.67 33.92 -15.22
N TRP D 214 27.26 32.97 -14.36
CA TRP D 214 27.82 31.63 -14.40
C TRP D 214 27.27 30.80 -15.54
N VAL D 215 26.01 31.04 -15.94
CA VAL D 215 25.47 30.36 -17.11
C VAL D 215 26.19 30.82 -18.37
N ARG D 216 26.32 32.15 -18.54
CA ARG D 216 27.02 32.68 -19.70
C ARG D 216 28.49 32.29 -19.71
N ALA D 217 29.07 32.03 -18.53
CA ALA D 217 30.44 31.55 -18.43
C ALA D 217 30.56 30.06 -18.74
N GLY D 218 29.45 29.38 -19.01
CA GLY D 218 29.47 27.96 -19.28
C GLY D 218 29.66 27.07 -18.07
N ARG D 219 29.59 27.65 -16.86
CA ARG D 219 29.83 26.89 -15.64
C ARG D 219 28.57 26.36 -14.99
N ALA D 220 27.39 26.87 -15.38
CA ALA D 220 26.13 26.48 -14.76
C ALA D 220 25.12 26.11 -15.84
N THR D 221 24.36 25.05 -15.57
CA THR D 221 23.24 24.64 -16.40
C THR D 221 21.97 24.68 -15.55
N VAL D 222 20.93 25.31 -16.07
CA VAL D 222 19.65 25.45 -15.37
C VAL D 222 18.61 24.69 -16.18
N GLN D 223 18.18 23.55 -15.66
CA GLN D 223 17.16 22.74 -16.31
C GLN D 223 15.78 23.18 -15.87
N ASP D 224 14.85 23.23 -16.82
CA ASP D 224 13.46 23.57 -16.55
C ASP D 224 12.69 22.27 -16.40
N ILE D 225 12.36 21.92 -15.16
CA ILE D 225 11.54 20.74 -14.88
C ILE D 225 10.14 21.12 -14.43
N ARG D 226 9.76 22.39 -14.57
CA ARG D 226 8.42 22.82 -14.18
C ARG D 226 7.34 21.91 -14.78
N GLY D 227 7.64 21.24 -15.88
CA GLY D 227 6.72 20.26 -16.44
C GLY D 227 6.39 19.12 -15.49
N GLN D 228 7.12 18.98 -14.40
CA GLN D 228 6.78 17.99 -13.38
C GLN D 228 5.49 18.35 -12.64
N ALA D 229 5.10 19.63 -12.65
CA ALA D 229 3.89 20.04 -11.94
C ALA D 229 2.68 19.22 -12.37
N GLU D 230 2.70 18.65 -13.56
CA GLU D 230 1.63 17.74 -13.99
C GLU D 230 1.47 16.56 -13.03
N PHE D 231 2.52 16.22 -12.28
CA PHE D 231 2.49 15.07 -11.39
C PHE D 231 2.77 15.43 -9.93
N ASP D 232 3.00 16.69 -9.61
CA ASP D 232 3.30 17.06 -8.23
C ASP D 232 2.17 16.63 -7.31
N GLY D 233 2.54 16.01 -6.20
CA GLY D 233 1.57 15.43 -5.29
C GLY D 233 1.31 13.96 -5.52
N TYR D 234 1.93 13.35 -6.53
CA TYR D 234 1.73 11.94 -6.85
C TYR D 234 3.03 11.15 -6.82
N TYR D 235 4.11 11.74 -6.33
CA TYR D 235 5.40 11.05 -6.21
C TYR D 235 6.33 11.96 -5.43
N TYR D 236 7.55 11.48 -5.21
CA TYR D 236 8.57 12.21 -4.46
C TYR D 236 9.55 12.84 -5.45
N ASN D 237 9.66 14.17 -5.41
CA ASN D 237 10.33 14.92 -6.47
C ASN D 237 11.85 14.92 -6.35
N GLN D 238 12.40 14.72 -5.15
CA GLN D 238 13.84 14.79 -5.00
C GLN D 238 14.52 13.50 -5.45
N PHE D 239 13.90 12.35 -5.17
CA PHE D 239 14.50 11.08 -5.59
C PHE D 239 14.58 10.99 -7.11
N LEU D 240 13.66 11.63 -7.83
CA LEU D 240 13.68 11.57 -9.28
C LEU D 240 14.83 12.36 -9.85
N VAL D 241 15.08 13.56 -9.32
CA VAL D 241 16.11 14.43 -9.88
C VAL D 241 17.49 13.83 -9.69
N VAL D 242 17.80 13.40 -8.46
CA VAL D 242 19.14 12.88 -8.18
C VAL D 242 19.47 11.71 -9.09
N ASN D 243 18.47 10.89 -9.44
CA ASN D 243 18.74 9.74 -10.29
C ASN D 243 18.85 10.15 -11.76
N ASP D 244 18.04 11.11 -12.19
CA ASP D 244 18.19 11.64 -13.55
C ASP D 244 19.56 12.29 -13.74
N CYS D 245 19.95 13.15 -12.81
CA CYS D 245 21.25 13.81 -12.92
C CYS D 245 22.39 12.82 -12.80
N LEU D 246 22.19 11.73 -12.06
CA LEU D 246 23.23 10.71 -11.94
C LEU D 246 23.58 10.11 -13.30
N HIS D 247 22.55 9.75 -14.07
CA HIS D 247 22.76 9.10 -15.37
C HIS D 247 22.90 10.09 -16.50
N ARG D 248 22.27 11.26 -16.40
CA ARG D 248 22.42 12.27 -17.43
C ARG D 248 23.88 12.70 -17.57
N TYR D 249 24.61 12.74 -16.46
CA TYR D 249 26.00 13.20 -16.42
C TYR D 249 26.91 12.12 -15.85
N ARG D 250 26.64 10.87 -16.19
CA ARG D 250 27.37 9.76 -15.59
C ARG D 250 28.86 9.88 -15.86
N TYR D 251 29.23 10.12 -17.12
CA TYR D 251 30.63 10.22 -17.51
C TYR D 251 31.05 11.67 -17.78
N SER D 252 30.30 12.62 -17.26
CA SER D 252 30.65 14.04 -17.45
C SER D 252 31.81 14.45 -16.55
N ALA D 253 31.98 13.77 -15.41
CA ALA D 253 33.02 14.13 -14.45
C ALA D 253 33.46 12.90 -13.69
N ASN D 254 34.55 13.07 -12.93
CA ASN D 254 35.09 11.97 -12.13
C ASN D 254 34.40 11.84 -10.78
N TRP D 255 33.91 12.94 -10.22
CA TRP D 255 33.16 12.94 -8.96
C TRP D 255 31.92 13.81 -9.11
N THR D 256 30.78 13.30 -8.65
CA THR D 256 29.51 14.01 -8.70
C THR D 256 29.07 14.33 -7.27
N PHE D 257 28.86 15.61 -6.98
CA PHE D 257 28.57 16.06 -5.62
C PHE D 257 27.09 16.38 -5.49
N TYR D 258 26.48 15.92 -4.39
CA TYR D 258 25.06 16.08 -4.12
C TYR D 258 24.89 16.87 -2.82
N PHE D 259 24.40 18.10 -2.93
CA PHE D 259 24.00 18.86 -1.75
C PHE D 259 23.16 20.05 -2.21
N ASP D 260 22.66 20.81 -1.24
CA ASP D 260 21.72 21.90 -1.49
C ASP D 260 22.44 23.24 -1.44
N VAL D 261 21.79 24.26 -2.03
CA VAL D 261 22.42 25.57 -2.16
C VAL D 261 22.42 26.35 -0.86
N ASP D 262 21.91 25.79 0.23
CA ASP D 262 22.14 26.32 1.56
C ASP D 262 23.22 25.54 2.31
N GLU D 263 23.96 24.68 1.60
CA GLU D 263 24.99 23.84 2.19
C GLU D 263 26.32 24.15 1.49
N TYR D 264 27.37 24.32 2.29
CA TYR D 264 28.67 24.77 1.80
C TYR D 264 29.73 23.74 2.14
N ILE D 265 30.40 23.22 1.13
CA ILE D 265 31.46 22.24 1.34
C ILE D 265 32.69 22.96 1.89
N TYR D 266 33.30 22.38 2.92
CA TYR D 266 34.43 23.02 3.59
C TYR D 266 35.50 21.98 3.91
N LEU D 267 36.76 22.39 3.76
CA LEU D 267 37.89 21.52 4.06
C LEU D 267 38.62 22.04 5.30
N PRO D 268 38.61 21.30 6.41
CA PRO D 268 39.47 21.70 7.54
C PRO D 268 40.91 21.91 7.07
N GLU D 269 41.57 22.90 7.64
CA GLU D 269 42.91 23.26 7.16
C GLU D 269 43.81 22.04 7.14
N GLY D 270 44.78 22.06 6.23
CA GLY D 270 45.64 20.92 6.01
C GLY D 270 45.14 19.95 4.99
N ASN D 271 44.21 20.35 4.12
CA ASN D 271 43.61 19.44 3.16
C ASN D 271 43.22 20.20 1.90
N THR D 272 43.82 19.81 0.77
CA THR D 272 43.38 20.20 -0.55
C THR D 272 42.22 19.30 -0.99
N LEU D 273 41.37 19.83 -1.88
CA LEU D 273 40.32 19.00 -2.45
C LEU D 273 40.89 17.77 -3.14
N GLU D 274 41.95 17.96 -3.96
CA GLU D 274 42.66 16.82 -4.52
C GLU D 274 43.22 15.93 -3.42
N SER D 275 43.75 16.54 -2.35
CA SER D 275 44.25 15.76 -1.23
C SER D 275 43.18 14.82 -0.69
N VAL D 276 42.02 15.37 -0.34
CA VAL D 276 40.97 14.57 0.28
C VAL D 276 40.48 13.50 -0.67
N LEU D 277 40.29 13.85 -1.95
CA LEU D 277 39.71 12.90 -2.88
C LEU D 277 40.69 11.81 -3.30
N LYS D 278 41.99 12.12 -3.38
CA LYS D 278 42.98 11.06 -3.55
C LYS D 278 42.79 10.03 -2.44
N ASP D 279 42.91 10.46 -1.18
CA ASP D 279 42.72 9.53 -0.07
C ASP D 279 41.42 8.75 -0.22
N PHE D 280 40.45 9.30 -0.94
CA PHE D 280 39.16 8.65 -1.15
C PHE D 280 39.04 7.99 -2.52
N SER D 281 40.14 7.87 -3.26
CA SER D 281 40.05 7.33 -4.62
C SER D 281 39.40 5.95 -4.62
N ASN D 282 39.92 5.03 -3.82
CA ASN D 282 39.44 3.63 -3.86
C ASN D 282 38.01 3.48 -3.38
N TYR D 283 37.26 4.55 -3.15
CA TYR D 283 35.85 4.48 -2.79
C TYR D 283 35.01 5.05 -3.93
N THR D 284 33.89 4.39 -4.22
CA THR D 284 32.97 4.89 -5.23
C THR D 284 32.15 6.07 -4.71
N GLN D 285 31.91 6.12 -3.41
CA GLN D 285 31.18 7.24 -2.80
C GLN D 285 31.62 7.39 -1.36
N PHE D 286 31.43 8.59 -0.82
CA PHE D 286 31.70 8.86 0.58
C PHE D 286 30.72 9.93 1.06
N THR D 287 30.29 9.79 2.31
CA THR D 287 29.39 10.76 2.91
C THR D 287 30.18 11.91 3.52
N ILE D 288 29.45 12.97 3.90
CA ILE D 288 30.06 14.19 4.42
C ILE D 288 29.21 14.66 5.61
N GLU D 289 29.82 14.78 6.78
CA GLU D 289 29.09 15.14 7.97
C GLU D 289 28.72 16.62 7.97
N GLN D 290 27.66 16.94 8.71
CA GLN D 290 27.07 18.27 8.71
C GLN D 290 27.62 19.11 9.85
N ASN D 291 27.84 20.39 9.58
CA ASN D 291 28.11 21.40 10.59
C ASN D 291 26.88 22.31 10.65
N PRO D 292 25.90 22.01 11.49
CA PRO D 292 24.64 22.78 11.47
C PRO D 292 24.86 24.18 12.02
N MET D 293 24.46 25.18 11.23
CA MET D 293 24.59 26.58 11.59
C MET D 293 23.23 27.20 11.78
N SER D 294 23.14 28.13 12.72
CA SER D 294 21.92 28.90 12.93
C SER D 294 21.80 29.96 11.84
N SER D 295 20.62 30.05 11.23
CA SER D 295 20.35 31.07 10.22
C SER D 295 19.79 32.35 10.82
N ALA D 296 19.94 32.55 12.13
CA ALA D 296 19.42 33.75 12.79
C ALA D 296 20.36 34.36 13.81
N LEU D 297 21.28 33.61 14.40
CA LEU D 297 22.14 34.13 15.46
C LEU D 297 23.28 34.94 14.87
N CYS D 298 23.52 36.12 15.42
CA CYS D 298 24.61 36.98 14.98
C CYS D 298 25.14 37.73 16.19
N PHE D 299 26.23 38.47 15.99
CA PHE D 299 26.85 39.24 17.05
C PHE D 299 26.18 40.60 17.19
N ASN D 300 26.01 41.04 18.44
CA ASN D 300 25.52 42.38 18.74
C ASN D 300 26.66 43.36 18.51
N ASP D 301 26.82 43.77 17.26
CA ASP D 301 27.97 44.60 16.89
C ASP D 301 27.66 45.36 15.62
N SER D 302 27.44 46.67 15.75
CA SER D 302 27.28 47.53 14.58
C SER D 302 28.61 47.95 13.98
N THR D 303 29.74 47.46 14.53
CA THR D 303 30.98 47.46 13.78
C THR D 303 30.79 46.81 12.42
N GLN D 304 29.84 45.89 12.33
CA GLN D 304 29.59 45.10 11.14
C GLN D 304 28.40 45.67 10.37
N ASP D 305 28.57 45.81 9.06
CA ASP D 305 27.48 46.23 8.17
C ASP D 305 26.81 44.98 7.64
N TYR D 306 25.98 44.38 8.49
CA TYR D 306 25.43 43.06 8.19
C TYR D 306 24.68 43.00 6.86
N PRO D 307 23.85 43.98 6.49
CA PRO D 307 23.15 43.89 5.19
C PRO D 307 24.09 43.83 4.00
N ARG D 308 25.35 44.21 4.15
CA ARG D 308 26.34 44.10 3.09
C ARG D 308 27.23 42.87 3.24
N GLN D 309 27.04 42.09 4.31
CA GLN D 309 27.81 40.88 4.54
C GLN D 309 27.10 39.67 3.95
N TRP D 310 27.87 38.66 3.60
CA TRP D 310 27.32 37.44 3.03
C TRP D 310 26.79 36.53 4.12
N GLY D 311 25.89 35.63 3.73
CA GLY D 311 25.30 34.69 4.65
C GLY D 311 26.32 34.01 5.55
N PHE D 312 27.24 33.26 4.97
CA PHE D 312 28.22 32.53 5.78
C PHE D 312 29.24 33.44 6.44
N GLU D 313 29.26 34.73 6.09
CA GLU D 313 30.09 35.70 6.79
C GLU D 313 29.43 36.23 8.06
N LYS D 314 28.11 36.09 8.17
CA LYS D 314 27.35 36.61 9.30
C LYS D 314 27.05 35.55 10.35
N LEU D 315 26.57 34.40 9.93
CA LEU D 315 26.01 33.38 10.83
C LEU D 315 27.14 32.48 11.30
N LEU D 316 27.70 32.78 12.47
CA LEU D 316 28.91 32.16 12.97
C LEU D 316 28.67 31.27 14.19
N PHE D 317 27.47 30.74 14.35
CA PHE D 317 27.12 29.96 15.51
C PHE D 317 26.64 28.58 15.11
N ARG D 318 27.41 27.57 15.50
CA ARG D 318 27.20 26.19 15.10
C ARG D 318 26.57 25.42 16.25
N GLU D 319 25.44 24.75 15.98
CA GLU D 319 24.82 23.89 16.98
C GLU D 319 25.82 22.83 17.43
N SER D 320 26.01 22.70 18.74
CA SER D 320 27.20 22.09 19.30
C SER D 320 26.97 20.77 20.02
N ARG D 321 25.81 20.13 19.82
CA ARG D 321 25.55 18.89 20.54
C ARG D 321 26.42 17.76 19.99
N THR D 322 26.86 16.87 20.89
CA THR D 322 27.82 15.83 20.57
C THR D 322 27.14 14.47 20.42
N GLY D 323 27.59 13.70 19.43
CA GLY D 323 27.08 12.36 19.23
C GLY D 323 25.67 12.30 18.71
N ILE D 324 25.30 13.23 17.84
CA ILE D 324 23.93 13.37 17.38
C ILE D 324 23.81 12.74 16.00
N ARG D 325 22.64 12.16 15.71
CA ARG D 325 22.34 11.70 14.36
C ARG D 325 21.95 12.92 13.54
N ARG D 326 22.72 13.21 12.50
CA ARG D 326 22.44 14.33 11.62
C ARG D 326 22.58 13.88 10.17
N ASP D 327 21.75 14.46 9.32
CA ASP D 327 21.77 14.11 7.90
C ASP D 327 23.16 14.33 7.31
N ARG D 328 23.41 13.66 6.19
CA ARG D 328 24.67 13.74 5.48
C ARG D 328 24.41 13.94 4.00
N LYS D 329 25.38 14.57 3.34
CA LYS D 329 25.44 14.65 1.89
C LYS D 329 26.60 13.78 1.42
N TYR D 330 26.84 13.77 0.11
CA TYR D 330 27.81 12.81 -0.40
C TYR D 330 28.29 13.22 -1.78
N ALA D 331 29.41 12.61 -2.18
CA ALA D 331 29.89 12.61 -3.54
C ALA D 331 29.98 11.16 -4.01
N ILE D 332 29.95 10.97 -5.33
CA ILE D 332 29.89 9.63 -5.90
C ILE D 332 30.59 9.64 -7.25
N GLN D 333 31.28 8.54 -7.56
CA GLN D 333 31.81 8.30 -8.89
C GLN D 333 30.70 7.64 -9.70
N ALA D 334 29.98 8.44 -10.49
CA ALA D 334 28.84 7.92 -11.23
C ALA D 334 29.22 6.78 -12.16
N LYS D 335 30.50 6.63 -12.48
CA LYS D 335 30.95 5.47 -13.25
C LYS D 335 30.50 4.17 -12.62
N ASN D 336 30.49 4.12 -11.29
CA ASN D 336 30.24 2.90 -10.54
C ASN D 336 28.92 2.95 -9.77
N ALA D 337 27.97 3.76 -10.23
CA ALA D 337 26.66 3.86 -9.63
C ALA D 337 25.60 3.49 -10.66
N TYR D 338 24.53 2.85 -10.17
CA TYR D 338 23.40 2.46 -10.99
C TYR D 338 22.13 3.22 -10.66
N ALA D 339 22.02 3.70 -9.43
CA ALA D 339 20.93 4.54 -8.95
C ALA D 339 21.43 5.21 -7.68
N THR D 340 20.60 6.08 -7.11
CA THR D 340 21.03 6.75 -5.89
C THR D 340 19.81 7.33 -5.18
N GLY D 341 20.06 7.82 -3.95
CA GLY D 341 19.05 8.47 -3.15
C GLY D 341 19.45 9.88 -2.80
N VAL D 342 18.90 10.41 -1.70
CA VAL D 342 19.12 11.81 -1.36
C VAL D 342 20.38 11.99 -0.51
N HIS D 343 20.66 11.05 0.39
CA HIS D 343 21.82 11.17 1.28
C HIS D 343 22.93 10.19 0.95
N MET D 344 22.70 9.24 0.05
CA MET D 344 23.74 8.32 -0.40
C MET D 344 23.14 7.41 -1.47
N SER D 345 24.00 6.58 -2.05
CA SER D 345 23.59 5.58 -3.02
C SER D 345 23.60 4.20 -2.38
N GLU D 346 22.56 3.41 -2.66
CA GLU D 346 22.47 2.02 -2.22
C GLU D 346 22.56 1.04 -3.40
N ASN D 347 23.00 1.53 -4.56
CA ASN D 347 23.10 0.71 -5.77
C ASN D 347 24.41 1.10 -6.47
N VAL D 348 25.51 0.52 -5.98
CA VAL D 348 26.86 0.88 -6.43
C VAL D 348 27.68 -0.39 -6.61
N ILE D 349 28.86 -0.22 -7.21
CA ILE D 349 29.92 -1.21 -7.19
C ILE D 349 31.15 -0.52 -6.63
N GLY D 350 31.71 -1.07 -5.57
CA GLY D 350 32.84 -0.48 -4.89
C GLY D 350 32.50 -0.06 -3.47
N LYS D 351 33.55 0.34 -2.75
CA LYS D 351 33.42 0.63 -1.34
C LYS D 351 32.76 1.99 -1.12
N THR D 352 32.21 2.17 0.08
CA THR D 352 31.66 3.44 0.54
C THR D 352 32.35 3.80 1.86
N LEU D 353 32.73 5.07 1.98
CA LEU D 353 33.47 5.56 3.14
C LEU D 353 32.62 6.57 3.91
N HIS D 354 32.58 6.41 5.23
CA HIS D 354 31.93 7.37 6.12
C HIS D 354 32.89 8.06 7.07
N GLN D 355 34.01 7.44 7.43
CA GLN D 355 35.02 8.07 8.26
C GLN D 355 35.70 9.21 7.49
N THR D 356 34.96 10.29 7.25
CA THR D 356 35.49 11.47 6.56
C THR D 356 35.42 12.71 7.44
N GLU D 357 35.22 12.52 8.75
CA GLU D 357 34.92 13.65 9.63
C GLU D 357 36.09 14.61 9.75
N THR D 358 37.32 14.10 9.71
CA THR D 358 38.50 14.93 9.92
C THR D 358 38.94 15.66 8.66
N LYS D 359 38.44 15.28 7.49
CA LYS D 359 38.97 15.75 6.22
C LYS D 359 38.02 16.62 5.42
N ILE D 360 36.71 16.43 5.56
CA ILE D 360 35.73 17.16 4.77
C ILE D 360 34.44 17.24 5.55
N ARG D 361 33.80 18.41 5.48
CA ARG D 361 32.50 18.63 6.09
C ARG D 361 31.72 19.60 5.22
N TYR D 362 30.51 19.93 5.65
CA TYR D 362 29.75 21.00 5.02
C TYR D 362 28.94 21.75 6.06
N TYR D 363 28.93 23.07 5.94
CA TYR D 363 28.14 23.93 6.80
C TYR D 363 26.74 24.04 6.23
N HIS D 364 25.73 23.82 7.07
CA HIS D 364 24.33 23.81 6.66
C HIS D 364 23.62 24.96 7.35
N TYR D 365 23.12 25.91 6.56
CA TYR D 365 22.39 27.07 7.08
C TYR D 365 20.90 26.79 6.91
N HIS D 366 20.37 26.01 7.86
CA HIS D 366 19.00 25.52 7.77
C HIS D 366 18.01 26.68 7.84
N ASN D 367 16.98 26.60 7.00
CA ASN D 367 15.94 27.64 6.92
C ASN D 367 16.56 29.00 6.64
N SER D 368 17.38 29.05 5.59
CA SER D 368 18.00 30.28 5.12
C SER D 368 17.62 30.62 3.68
N ILE D 369 17.31 29.61 2.87
CA ILE D 369 17.13 29.83 1.44
C ILE D 369 15.85 30.60 1.15
N GLN D 370 14.79 30.32 1.92
CA GLN D 370 13.47 30.90 1.67
C GLN D 370 13.16 32.07 2.59
N VAL D 371 14.18 32.71 3.15
CA VAL D 371 14.00 33.79 4.12
C VAL D 371 14.25 35.12 3.40
N PRO D 372 13.24 35.98 3.28
CA PRO D 372 13.50 37.32 2.75
C PRO D 372 14.13 38.23 3.79
N GLY D 373 14.88 39.21 3.31
CA GLY D 373 15.42 40.23 4.18
C GLY D 373 16.63 39.75 4.98
N GLU D 374 16.94 40.53 6.02
CA GLU D 374 18.14 40.28 6.81
C GLU D 374 18.04 38.95 7.56
N LEU D 375 19.14 38.19 7.56
CA LEU D 375 19.17 36.91 8.24
C LEU D 375 19.50 37.07 9.72
N CYS D 376 20.45 37.95 10.05
CA CYS D 376 20.73 38.25 11.45
C CYS D 376 19.43 38.73 12.12
N ARG D 377 18.84 37.89 12.97
CA ARG D 377 17.59 38.22 13.62
C ARG D 377 17.62 37.98 15.13
N GLU D 378 18.72 37.44 15.66
CA GLU D 378 18.88 37.26 17.11
C GLU D 378 20.34 37.59 17.42
N PHE D 379 20.57 38.76 18.01
CA PHE D 379 21.91 39.27 18.22
C PHE D 379 22.40 38.90 19.61
N LEU D 380 23.67 38.49 19.68
CA LEU D 380 24.26 38.00 20.91
C LEU D 380 25.44 38.88 21.31
N PRO D 381 25.75 38.97 22.61
CA PRO D 381 26.93 39.71 23.01
C PRO D 381 28.19 38.99 22.59
N LEU D 382 29.26 39.76 22.43
CA LEU D 382 30.51 39.22 21.93
C LEU D 382 31.21 38.35 22.96
N SER D 383 30.65 38.27 24.17
CA SER D 383 31.01 37.22 25.10
C SER D 383 30.78 35.83 24.50
N ALA D 384 29.86 35.73 23.54
CA ALA D 384 29.50 34.44 22.96
C ALA D 384 30.62 33.79 22.18
N LYS D 385 31.69 34.52 21.87
CA LYS D 385 32.82 33.93 21.15
C LYS D 385 33.59 32.92 21.99
N ASN D 386 33.34 32.87 23.30
CA ASN D 386 34.06 31.96 24.19
C ASN D 386 33.15 30.97 24.90
N ASN D 387 31.84 31.16 24.86
CA ASN D 387 30.90 30.35 25.61
C ASN D 387 30.04 29.49 24.69
N VAL D 388 29.21 28.67 25.32
CA VAL D 388 28.09 28.00 24.67
C VAL D 388 26.86 28.89 24.84
N THR D 389 26.15 29.14 23.74
CA THR D 389 24.94 29.96 23.76
C THR D 389 23.74 29.09 23.47
N TRP D 390 22.71 29.19 24.31
CA TRP D 390 21.50 28.41 24.18
C TRP D 390 20.44 29.23 23.47
N TYR D 391 19.83 28.65 22.43
CA TYR D 391 18.82 29.33 21.63
C TYR D 391 17.89 28.28 21.05
N ASN D 392 16.59 28.47 21.24
CA ASN D 392 15.59 27.47 20.86
C ASN D 392 15.91 26.12 21.50
N GLY D 393 16.49 26.15 22.70
CA GLY D 393 16.82 24.93 23.41
C GLY D 393 17.96 24.12 22.83
N LEU D 394 18.87 24.77 22.10
CA LEU D 394 20.03 24.09 21.54
C LEU D 394 21.30 24.88 21.87
N PRO D 395 22.41 24.20 22.13
CA PRO D 395 23.66 24.91 22.39
C PRO D 395 24.36 25.29 21.10
N TYR D 396 25.09 26.41 21.15
CA TYR D 396 25.77 26.94 19.98
C TYR D 396 27.15 27.42 20.36
N VAL D 397 28.11 27.18 19.48
CA VAL D 397 29.49 27.61 19.66
C VAL D 397 29.91 28.47 18.48
N TYR D 398 30.80 29.43 18.75
CA TYR D 398 31.27 30.33 17.71
C TYR D 398 32.20 29.60 16.75
N ASP D 399 31.94 29.76 15.46
CA ASP D 399 32.74 29.11 14.42
C ASP D 399 32.90 30.08 13.25
N ASP D 400 34.12 30.58 13.05
CA ASP D 400 34.41 31.56 12.02
C ASP D 400 35.17 30.95 10.84
N ASN D 401 35.16 29.62 10.71
CA ASN D 401 35.92 28.98 9.64
C ASN D 401 35.51 29.51 8.27
N MET D 402 34.21 29.67 8.04
CA MET D 402 33.74 30.15 6.74
C MET D 402 33.97 31.64 6.59
N LYS D 403 33.78 32.41 7.66
CA LYS D 403 34.01 33.86 7.57
C LYS D 403 35.43 34.16 7.12
N LYS D 404 36.41 33.39 7.61
CA LYS D 404 37.79 33.61 7.22
C LYS D 404 37.95 33.58 5.70
N LEU D 405 37.07 32.88 5.00
CA LEU D 405 37.13 32.78 3.55
C LEU D 405 36.32 33.85 2.83
N ALA D 406 35.51 34.62 3.55
CA ALA D 406 34.65 35.61 2.90
C ALA D 406 35.45 36.51 1.97
N SER D 407 36.50 37.16 2.52
CA SER D 407 37.31 38.05 1.70
C SER D 407 37.82 37.33 0.46
N THR D 408 38.26 36.09 0.60
CA THR D 408 38.79 35.35 -0.54
C THR D 408 37.74 35.16 -1.63
N ILE D 409 36.55 34.69 -1.25
CA ILE D 409 35.53 34.39 -2.24
C ILE D 409 35.10 35.66 -2.96
N LYS D 410 35.00 36.78 -2.24
CA LYS D 410 34.60 38.03 -2.87
C LYS D 410 35.61 38.45 -3.94
N ASP D 411 36.90 38.34 -3.64
CA ASP D 411 37.92 38.65 -4.65
C ASP D 411 37.83 37.68 -5.81
N PHE D 412 37.62 36.39 -5.52
CA PHE D 412 37.50 35.40 -6.58
C PHE D 412 36.31 35.71 -7.49
N GLU D 413 35.17 36.09 -6.91
CA GLU D 413 34.02 36.47 -7.72
C GLU D 413 34.35 37.65 -8.62
N ARG D 414 34.95 38.69 -8.05
CA ARG D 414 35.32 39.85 -8.86
C ARG D 414 36.26 39.45 -9.99
N ASN D 415 37.24 38.60 -9.69
CA ASN D 415 38.25 38.19 -10.67
C ASN D 415 37.81 37.01 -11.51
N THR D 416 36.50 36.80 -11.66
CA THR D 416 36.01 35.70 -12.50
C THR D 416 34.77 36.11 -13.30
N ILE D 417 33.80 36.75 -12.65
CA ILE D 417 32.58 37.19 -13.34
C ILE D 417 32.42 38.71 -13.35
N GLY D 418 33.17 39.45 -12.55
CA GLY D 418 33.04 40.89 -12.52
C GLY D 418 31.75 41.35 -11.86
C1 NAG E . 30.93 -31.66 -5.65
C2 NAG E . 31.10 -33.19 -5.60
C3 NAG E . 32.59 -33.57 -5.60
C4 NAG E . 33.37 -32.85 -6.69
C5 NAG E . 33.06 -31.36 -6.69
C6 NAG E . 33.66 -30.65 -7.88
C7 NAG E . 29.93 -34.98 -4.39
C8 NAG E . 29.32 -35.40 -3.08
N2 NAG E . 30.44 -33.74 -4.43
O3 NAG E . 32.70 -34.98 -5.77
O4 NAG E . 34.75 -33.00 -6.38
O5 NAG E . 31.66 -31.15 -6.76
O6 NAG E . 33.46 -31.38 -9.09
O7 NAG E . 29.93 -35.71 -5.37
H2 NAG E . 30.68 -33.56 -6.40
H3 NAG E . 32.96 -33.30 -4.74
H4 NAG E . 33.14 -33.23 -7.55
H5 NAG E . 33.42 -30.96 -5.87
H61 NAG E . 34.63 -30.53 -7.74
H62 NAG E . 33.25 -29.77 -7.97
H81 NAG E . 28.78 -36.20 -3.23
H82 NAG E . 28.78 -34.68 -2.73
H83 NAG E . 30.04 -35.61 -2.45
HN2 NAG E . 30.39 -33.23 -3.67
HO3 NAG E . 33.53 -35.23 -5.64
HO6 NAG E . 33.84 -30.95 -9.76
C1 NAG E . 35.59 -33.45 -7.45
C2 NAG E . 37.02 -33.19 -6.96
C3 NAG E . 38.05 -33.70 -7.97
C4 NAG E . 37.77 -35.16 -8.30
C5 NAG E . 36.33 -35.33 -8.76
C6 NAG E . 35.96 -36.77 -9.03
C7 NAG E . 37.63 -31.29 -5.53
C8 NAG E . 37.78 -29.80 -5.44
N2 NAG E . 37.21 -31.77 -6.70
O3 NAG E . 39.34 -33.56 -7.41
O4 NAG E . 38.66 -35.59 -9.33
O5 NAG E . 35.45 -34.84 -7.75
O6 NAG E . 35.91 -37.51 -7.81
O7 NAG E . 37.88 -32.03 -4.58
H2 NAG E . 37.15 -33.68 -6.12
H3 NAG E . 37.98 -33.17 -8.79
H4 NAG E . 37.93 -35.71 -7.50
H5 NAG E . 36.20 -34.80 -9.58
H61 NAG E . 36.63 -37.17 -9.61
H62 NAG E . 35.09 -36.80 -9.46
H81 NAG E . 38.07 -29.55 -4.54
H82 NAG E . 36.92 -29.38 -5.63
H83 NAG E . 38.44 -29.50 -6.08
HN2 NAG E . 37.05 -31.18 -7.38
HO3 NAG E . 39.94 -33.98 -7.92
HO4 NAG E . 38.91 -36.43 -9.17
HO6 NAG E . 35.63 -36.98 -7.15
C1 NAG F . 27.39 -13.73 2.19
C2 NAG F . 27.44 -15.17 1.67
C3 NAG F . 28.85 -15.51 1.19
C4 NAG F . 29.38 -14.45 0.23
C5 NAG F . 29.21 -13.05 0.82
C6 NAG F . 29.59 -11.96 -0.15
C7 NAG F . 26.07 -17.01 2.53
C8 NAG F . 25.78 -17.89 3.71
N2 NAG F . 27.02 -16.09 2.71
O3 NAG F . 28.82 -16.77 0.55
O4 NAG F . 30.78 -14.65 0.04
O5 NAG F . 27.85 -12.84 1.18
O6 NAG F . 28.47 -11.14 -0.46
O7 NAG F . 25.47 -17.13 1.47
H2 NAG F . 26.84 -15.24 0.91
H3 NAG F . 29.45 -15.55 1.97
H4 NAG F . 28.89 -14.53 -0.61
H5 NAG F . 29.77 -12.97 1.62
H61 NAG F . 29.93 -12.35 -0.97
H62 NAG F . 30.29 -11.40 0.26
H81 NAG F . 25.56 -18.79 3.40
H82 NAG F . 25.02 -17.53 4.21
H83 NAG F . 26.57 -17.93 4.29
HN2 NAG F . 27.43 -16.04 3.52
HO3 NAG F . 29.59 -16.91 0.11
HO6 NAG F . 28.66 -10.62 -1.15
C1 NAG F . 31.12 -14.95 -1.33
C2 NAG F . 32.64 -14.86 -1.42
C3 NAG F . 33.12 -15.28 -2.81
C4 NAG F . 32.54 -16.64 -3.19
C5 NAG F . 31.02 -16.63 -3.00
C6 NAG F . 30.40 -17.98 -3.22
C7 NAG F . 33.49 -13.10 0.07
C8 NAG F . 33.90 -11.66 0.19
N2 NAG F . 33.08 -13.49 -1.14
O3 NAG F . 34.55 -15.36 -2.79
O4 NAG F . 32.84 -16.93 -4.54
O5 NAG F . 30.70 -16.24 -1.65
O6 NAG F . 30.55 -18.80 -2.07
O7 NAG F . 33.51 -13.86 1.03
H2 NAG F . 33.03 -15.46 -0.77
H3 NAG F . 32.83 -14.63 -3.47
H4 NAG F . 32.93 -17.34 -2.61
H5 NAG F . 30.65 -15.98 -3.62
H61 NAG F . 30.82 -18.42 -3.98
H62 NAG F . 29.44 -17.86 -3.40
H81 NAG F . 34.19 -11.48 1.10
H82 NAG F . 33.15 -11.08 -0.04
H83 NAG F . 34.63 -11.49 -0.44
HN2 NAG F . 33.08 -12.89 -1.82
HO3 NAG F . 34.83 -15.82 -3.50
HO6 NAG F . 29.96 -19.48 -2.10
C1 BMA F . 33.39 -18.27 -4.72
C2 BMA F . 33.44 -18.54 -6.26
C3 BMA F . 34.24 -19.80 -6.61
C4 BMA F . 35.50 -20.00 -5.74
C5 BMA F . 35.21 -19.73 -4.26
C6 BMA F . 36.47 -19.81 -3.42
O2 BMA F . 34.07 -17.46 -6.93
O3 BMA F . 34.66 -19.77 -7.99
O4 BMA F . 35.98 -21.33 -5.89
O5 BMA F . 34.66 -18.41 -4.13
O6 BMA F . 37.40 -18.86 -3.92
H2 BMA F . 32.40 -18.69 -6.59
H3 BMA F . 33.59 -20.68 -6.45
H4 BMA F . 36.23 -19.24 -6.06
H5 BMA F . 34.47 -20.46 -3.89
H61 BMA F . 36.86 -20.84 -3.47
H62 BMA F . 36.20 -19.60 -2.36
HO2 BMA F . 34.72 -17.87 -7.53
HO4 BMA F . 36.90 -21.24 -6.18
C1 MAN F . 33.89 -20.69 -8.80
C2 MAN F . 34.72 -20.97 -10.07
C3 MAN F . 34.81 -19.70 -10.91
C4 MAN F . 33.41 -19.15 -11.18
C5 MAN F . 32.68 -18.89 -9.86
C6 MAN F . 31.25 -18.41 -10.04
O2 MAN F . 34.06 -21.90 -10.95
O3 MAN F . 35.49 -19.94 -12.14
O4 MAN F . 33.50 -17.92 -11.90
O5 MAN F . 32.63 -20.13 -9.10
O6 MAN F . 30.68 -19.09 -11.16
H2 MAN F . 35.70 -21.34 -9.77
H3 MAN F . 35.41 -18.95 -10.37
H4 MAN F . 32.84 -19.90 -11.74
H5 MAN F . 33.23 -18.14 -9.28
H61 MAN F . 31.28 -17.32 -10.21
H62 MAN F . 30.69 -18.61 -9.12
HO3 MAN F . 34.84 -20.36 -12.71
HO4 MAN F . 33.92 -17.30 -11.29
HO6 MAN F . 29.83 -19.43 -10.88
C1 MAN F . 34.48 -23.24 -10.69
C2 MAN F . 34.34 -24.01 -11.99
C3 MAN F . 32.92 -23.82 -12.49
C4 MAN F . 31.95 -24.40 -11.42
C5 MAN F . 32.23 -23.75 -10.05
C6 MAN F . 31.50 -24.44 -8.91
O2 MAN F . 34.42 -25.42 -11.76
O3 MAN F . 32.69 -24.43 -13.75
O4 MAN F . 30.61 -24.15 -11.81
O5 MAN F . 33.64 -23.80 -9.72
O6 MAN F . 32.00 -23.91 -7.69
H2 MAN F . 35.09 -23.67 -12.71
H3 MAN F . 32.71 -22.76 -12.65
H4 MAN F . 32.15 -25.47 -11.32
H5 MAN F . 31.90 -22.69 -10.10
H61 MAN F . 31.68 -25.53 -8.99
H62 MAN F . 30.42 -24.26 -9.02
HO3 MAN F . 33.46 -25.00 -13.90
HO4 MAN F . 30.46 -24.74 -12.57
HO6 MAN F . 32.93 -23.69 -7.83
C1 MAN F . 35.77 -25.91 -11.87
C2 MAN F . 35.62 -27.46 -11.96
C3 MAN F . 35.24 -28.04 -10.61
C4 MAN F . 36.21 -27.55 -9.52
C5 MAN F . 36.19 -26.02 -9.48
C6 MAN F . 37.16 -25.44 -8.46
O2 MAN F . 36.86 -28.09 -12.31
O3 MAN F . 35.21 -29.46 -10.62
O4 MAN F . 35.83 -28.06 -8.26
O5 MAN F . 36.57 -25.51 -10.78
O6 MAN F . 36.44 -25.07 -7.30
H2 MAN F . 34.85 -27.70 -12.70
H3 MAN F . 34.24 -27.71 -10.34
H4 MAN F . 37.23 -27.88 -9.79
H5 MAN F . 35.18 -25.68 -9.23
H61 MAN F . 37.67 -24.58 -8.92
H62 MAN F . 37.92 -26.21 -8.23
HO2 MAN F . 36.89 -28.97 -11.93
HO3 MAN F . 35.65 -29.74 -9.80
HO4 MAN F . 36.65 -28.16 -7.75
HO6 MAN F . 37.07 -24.84 -6.61
C1 MAN F . 38.75 -19.30 -3.65
C2 MAN F . 39.56 -18.06 -3.20
C3 MAN F . 39.80 -17.12 -4.38
C4 MAN F . 40.40 -17.87 -5.57
C5 MAN F . 39.48 -19.06 -5.94
C6 MAN F . 40.03 -19.90 -7.08
O2 MAN F . 40.86 -18.43 -2.72
O3 MAN F . 40.61 -16.01 -4.04
O4 MAN F . 40.53 -17.01 -6.69
O5 MAN F . 39.32 -19.92 -4.79
O6 MAN F . 39.07 -20.90 -7.40
H2 MAN F . 39.01 -17.54 -2.40
H3 MAN F . 38.82 -16.71 -4.70
H4 MAN F . 41.37 -18.28 -5.26
H5 MAN F . 38.50 -18.67 -6.25
H61 MAN F . 40.98 -20.36 -6.75
H62 MAN F . 40.24 -19.24 -7.93
HO2 MAN F . 41.50 -17.78 -3.05
HO3 MAN F . 40.72 -15.51 -4.85
HO4 MAN F . 41.35 -17.28 -7.14
HO6 MAN F . 39.40 -21.75 -7.08
C1 NAG G . -26.61 26.31 22.06
C2 NAG G . -26.80 27.28 23.22
C3 NAG G . -28.19 27.11 23.87
C4 NAG G . -29.30 26.99 22.84
C5 NAG G . -28.92 25.98 21.78
C6 NAG G . -29.95 25.83 20.69
C7 NAG G . -25.02 28.05 24.74
C8 NAG G . -24.00 27.64 25.76
N2 NAG G . -25.76 27.07 24.22
O3 NAG G . -28.44 28.23 24.71
O4 NAG G . -30.49 26.57 23.47
O5 NAG G . -27.71 26.39 21.16
O6 NAG G . -30.00 26.96 19.84
O7 NAG G . -25.17 29.22 24.42
H2 NAG G . -26.76 28.19 22.87
H3 NAG G . -28.17 26.29 24.39
H4 NAG G . -29.45 27.87 22.41
H5 NAG G . -28.80 25.10 22.20
H61 NAG G . -30.83 25.70 21.09
H62 NAG G . -29.74 25.03 20.15
H81 NAG G . -23.43 28.39 25.96
H82 NAG G . -23.47 26.90 25.40
H83 NAG G . -24.45 27.34 26.57
HN2 NAG G . -25.61 26.22 24.50
HO3 NAG G . -29.26 28.54 24.54
HO6 NAG G . -30.42 26.75 19.09
C1 NAG G . -31.61 27.42 23.14
C2 NAG G . -32.86 26.78 23.72
C3 NAG G . -34.08 27.66 23.44
C4 NAG G . -33.83 29.09 23.90
C5 NAG G . -32.53 29.62 23.30
C6 NAG G . -32.16 31.00 23.80
C7 NAG G . -32.99 24.34 23.94
C8 NAG G . -33.22 23.04 23.22
N2 NAG G . -33.06 25.44 23.19
O3 NAG G . -35.21 27.13 24.13
O4 NAG G . -34.91 29.92 23.47
O5 NAG G . -31.45 28.75 23.64
O6 NAG G . -31.65 30.94 25.12
O7 NAG G . -32.75 24.39 25.14
H2 NAG G . -32.75 26.72 24.69
H3 NAG G . -34.26 27.66 22.48
H4 NAG G . -33.76 29.11 24.86
H5 NAG G . -32.62 29.64 22.32
H61 NAG G . -32.96 31.56 23.79
H62 NAG G . -31.48 31.38 23.21
H81 NAG G . -33.14 22.31 23.85
H82 NAG G . -32.55 22.94 22.51
H83 NAG G . -34.11 23.05 22.82
HN2 NAG G . -33.25 25.36 22.30
HO3 NAG G . -35.93 27.63 23.98
HO4 NAG G . -35.05 30.55 24.09
HO6 NAG G . -31.35 30.12 25.28
C1 NAG H . -21.75 7.25 16.81
C2 NAG H . -21.90 8.66 17.36
C3 NAG H . -23.38 8.97 17.61
C4 NAG H . -24.23 8.66 16.39
C5 NAG H . -23.93 7.26 15.85
C6 NAG H . -24.61 6.97 14.54
C7 NAG H . -20.08 9.61 18.69
C8 NAG H . -19.42 9.65 20.04
N2 NAG H . -21.14 8.82 18.59
O3 NAG H . -23.52 10.34 17.95
O4 NAG H . -25.60 8.71 16.74
O5 NAG H . -22.52 7.11 15.63
O6 NAG H . -24.03 5.84 13.89
O7 NAG H . -19.65 10.26 17.74
H2 NAG H . -21.57 9.29 16.70
H3 NAG H . -23.69 8.42 18.35
H4 NAG H . -24.02 9.30 15.68
H5 NAG H . -24.21 6.60 16.53
H61 NAG H . -24.54 7.74 13.96
H62 NAG H . -25.56 6.78 14.71
H81 NAG H . -18.70 10.31 20.03
H82 NAG H . -19.06 8.78 20.25
H83 NAG H . -20.08 9.90 20.72
HN2 NAG H . -21.41 8.36 19.33
HO3 NAG H . -24.31 10.64 17.66
HO6 NAG H . -24.05 5.14 14.45
C1 NAG H . -26.26 9.71 15.95
C2 NAG H . -27.75 9.41 16.04
C3 NAG H . -28.55 10.47 15.29
C4 NAG H . -28.17 11.86 15.77
C5 NAG H . -26.66 12.05 15.66
C6 NAG H . -26.18 13.39 16.21
C7 NAG H . -28.15 7.01 16.31
C8 NAG H . -28.45 5.72 15.59
N2 NAG H . -28.04 8.09 15.53
O3 NAG H . -29.94 10.25 15.49
O4 NAG H . -28.82 12.83 14.96
O5 NAG H . -26.00 11.03 16.43
O6 NAG H . -26.23 13.42 17.63
O7 NAG H . -28.00 7.06 17.52
H2 NAG H . -28.01 9.45 16.99
H3 NAG H . -28.35 10.40 14.34
H4 NAG H . -28.44 11.98 16.69
H5 NAG H . -26.39 11.99 14.73
H61 NAG H . -26.75 14.09 15.85
H62 NAG H . -25.26 13.53 15.92
H81 NAG H . -28.54 5.00 16.26
H82 NAG H . -27.72 5.51 14.99
H83 NAG H . -29.28 5.81 15.09
HN2 NAG H . -28.16 7.99 14.63
HO3 NAG H . -30.30 10.95 15.89
HO6 NAG H . -25.61 13.99 17.93
C1 BMA H . -29.47 13.83 15.79
C2 BMA H . -29.98 14.88 14.80
C3 BMA H . -30.84 15.92 15.50
C4 BMA H . -31.85 15.30 16.45
C5 BMA H . -31.23 14.23 17.36
C6 BMA H . -32.31 13.49 18.14
O2 BMA H . -30.82 14.26 13.83
O3 BMA H . -31.55 16.67 14.56
O4 BMA H . -32.43 16.33 17.26
O5 BMA H . -30.53 13.27 16.54
O6 BMA H . -33.41 13.27 17.25
H2 BMA H . -29.12 15.37 14.34
H3 BMA H . -30.17 16.58 16.09
H4 BMA H . -32.59 14.78 15.82
H5 BMA H . -30.50 14.69 18.05
H61 BMA H . -32.61 14.10 19.01
H62 BMA H . -31.89 12.53 18.51
HO2 BMA H . -31.63 14.79 13.80
HO4 BMA H . -32.47 17.11 16.69
C1 MAN H . -30.99 17.98 14.32
C2 MAN H . -32.15 18.81 13.78
C3 MAN H . -32.63 18.16 12.50
C4 MAN H . -31.46 18.04 11.50
C5 MAN H . -30.29 17.27 12.14
C6 MAN H . -29.03 17.28 11.27
O2 MAN H . -31.75 20.11 13.38
O3 MAN H . -33.70 18.88 11.91
O4 MAN H . -31.89 17.37 10.33
O5 MAN H . -29.94 17.89 13.40
O6 MAN H . -29.36 17.84 10.01
H2 MAN H . -32.93 18.87 14.55
H3 MAN H . -33.02 17.15 12.71
H4 MAN H . -31.10 19.06 11.27
H5 MAN H . -30.60 16.24 12.31
H61 MAN H . -28.68 16.24 11.17
H62 MAN H . -28.26 17.86 11.79
HO3 MAN H . -33.63 19.78 12.26
HO4 MAN H . -32.56 17.93 9.94
HO6 MAN H . -28.76 18.58 9.85
C1 MAN H . -31.90 21.02 14.49
C2 MAN H . -32.25 22.38 13.92
C3 MAN H . -31.17 22.77 12.92
C4 MAN H . -29.82 22.82 13.67
C5 MAN H . -29.56 21.46 14.35
C6 MAN H . -28.35 21.48 15.26
O2 MAN H . -32.15 23.38 14.94
O3 MAN H . -31.44 24.01 12.28
O4 MAN H . -28.78 23.11 12.75
O5 MAN H . -30.69 21.09 15.17
O6 MAN H . -28.17 20.17 15.77
H2 MAN H . -33.25 22.36 13.47
H3 MAN H . -31.14 22.04 12.11
H4 MAN H . -29.88 23.60 14.45
H5 MAN H . -29.42 20.71 13.56
H61 MAN H . -28.53 22.22 16.07
H62 MAN H . -27.47 21.82 14.68
HO3 MAN H . -31.92 24.54 12.93
HO4 MAN H . -28.33 23.88 13.11
HO6 MAN H . -29.03 19.74 15.77
C1 MAN H . -33.39 23.61 15.64
C2 MAN H . -33.18 24.96 16.36
C3 MAN H . -32.22 24.76 17.53
C4 MAN H . -32.77 23.69 18.46
C5 MAN H . -32.89 22.37 17.70
C6 MAN H . -33.52 21.27 18.57
O2 MAN H . -34.39 25.46 16.93
O3 MAN H . -32.00 25.96 18.25
O4 MAN H . -31.90 23.51 19.57
O5 MAN H . -33.73 22.54 16.54
O6 MAN H . -33.48 20.05 17.86
H2 MAN H . -32.77 25.69 15.65
H3 MAN H . -31.24 24.44 17.15
H4 MAN H . -33.78 23.99 18.79
H5 MAN H . -31.90 22.04 17.38
H61 MAN H . -34.56 21.57 18.80
H62 MAN H . -32.96 21.21 19.51
HO2 MAN H . -34.18 26.18 17.53
HO3 MAN H . -32.41 25.83 19.12
HO4 MAN H . -32.35 23.94 20.32
HO6 MAN H . -33.48 20.26 16.91
C1 MAN H . -34.40 12.40 17.85
C2 MAN H . -33.91 10.94 17.62
C3 MAN H . -34.14 10.52 16.18
C4 MAN H . -35.60 10.76 15.77
C5 MAN H . -35.93 12.24 15.92
C6 MAN H . -37.37 12.55 15.57
O2 MAN H . -34.66 10.02 18.43
O3 MAN H . -33.79 9.15 15.96
O4 MAN H . -35.80 10.35 14.42
O5 MAN H . -35.71 12.64 17.30
O6 MAN H . -37.58 13.94 15.69
H3 MAN H . -33.50 11.11 15.52
H4 MAN H . -36.26 10.18 16.45
H5 MAN H . -35.27 12.84 15.27
H61 MAN H . -38.03 11.98 16.25
H62 MAN H . -37.56 12.21 14.54
HO2 MAN H . -34.49 9.12 18.10
HO3 MAN H . -34.14 8.93 15.09
HO4 MAN H . -36.71 10.03 14.39
HO6 MAN H . -37.13 14.24 16.49
C1 NAG I . -44.69 -7.21 -3.30
C2 NAG I . -45.71 -8.11 -4.03
C3 NAG I . -47.15 -7.55 -3.94
C4 NAG I . -47.52 -7.09 -2.53
C5 NAG I . -46.42 -6.21 -1.96
C6 NAG I . -46.65 -5.82 -0.52
C7 NAG I . -45.34 -9.44 -6.08
C8 NAG I . -44.97 -9.40 -7.53
N2 NAG I . -45.35 -8.27 -5.44
O3 NAG I . -48.08 -8.55 -4.36
O4 NAG I . -48.71 -6.32 -2.60
O5 NAG I . -45.17 -6.92 -2.00
O6 NAG I . -47.13 -6.92 0.24
O7 NAG I . -45.62 -10.49 -5.51
H2 NAG I . -45.71 -8.99 -3.60
H3 NAG I . -47.19 -6.77 -4.52
H4 NAG I . -47.64 -7.87 -1.96
H5 NAG I . -46.34 -5.41 -2.51
H61 NAG I . -47.31 -5.10 -0.49
H62 NAG I . -45.82 -5.51 -0.14
H81 NAG I . -44.65 -10.27 -7.81
H82 NAG I . -44.27 -8.73 -7.66
H83 NAG I . -45.75 -9.16 -8.06
HN2 NAG I . -45.11 -7.52 -5.90
HO3 NAG I . -48.88 -8.37 -4.04
HO6 NAG I . -46.48 -7.24 0.75
C1 NAG I . -49.82 -6.71 -1.75
C2 NAG I . -50.70 -5.48 -1.55
C3 NAG I . -51.91 -5.82 -0.71
C4 NAG I . -52.68 -7.00 -1.32
C5 NAG I . -51.73 -8.18 -1.51
C6 NAG I . -52.39 -9.34 -2.22
C7 NAG I . -49.55 -3.31 -1.65
C8 NAG I . -48.80 -2.27 -0.87
N2 NAG I . -49.96 -4.38 -0.95
O3 NAG I . -52.77 -4.69 -0.62
O4 NAG I . -53.74 -7.38 -0.46
O5 NAG I . -50.60 -7.79 -2.31
O6 NAG I . -52.10 -9.33 -3.61
O7 NAG I . -49.76 -3.19 -2.85
H2 NAG I . -51.02 -5.19 -2.43
H3 NAG I . -51.62 -6.07 0.19
H4 NAG I . -53.04 -6.72 -2.19
H5 NAG I . -51.40 -8.47 -0.64
H61 NAG I . -53.35 -9.28 -2.10
H62 NAG I . -52.06 -10.17 -1.83
H81 NAG I . -48.99 -1.39 -1.24
H82 NAG I . -47.85 -2.45 -0.92
H83 NAG I . -49.09 -2.30 0.06
HN2 NAG I . -49.75 -4.42 -0.06
HO3 NAG I . -53.49 -4.90 -0.16
HO4 NAG I . -54.47 -7.52 -0.96
HO6 NAG I . -51.54 -8.66 -3.79
C1 NAG J . -30.39 6.87 -2.88
C2 NAG J . -31.33 5.68 -3.10
C3 NAG J . -32.74 6.01 -2.58
C4 NAG J . -32.68 6.52 -1.14
C5 NAG J . -31.62 7.61 -0.98
C6 NAG J . -31.39 7.95 0.48
C7 NAG J . -30.99 4.15 -4.99
C8 NAG J . -31.13 3.95 -6.47
N2 NAG J . -31.39 5.33 -4.51
O3 NAG J . -33.54 4.83 -2.64
O4 NAG J . -33.93 7.10 -0.83
O5 NAG J . -30.36 7.18 -1.50
O6 NAG J . -30.50 9.06 0.63
O7 NAG J . -30.53 3.28 -4.27
H2 NAG J . -30.98 4.92 -2.61
H3 NAG J . -33.12 6.70 -3.15
H4 NAG J . -32.46 5.77 -0.56
H5 NAG J . -31.92 8.40 -1.46
H61 NAG J . -31.00 7.17 0.93
H62 NAG J . -32.24 8.17 0.90
H81 NAG J . -30.93 3.03 -6.70
H82 NAG J . -30.51 4.55 -6.94
H83 NAG J . -32.04 4.17 -6.74
HN2 NAG J . -31.72 5.95 -5.11
HO3 NAG J . -34.12 4.81 -1.98
HO6 NAG J . -30.44 9.27 1.49
C1 NAG J . -34.56 6.46 0.29
C2 NAG J . -35.70 7.37 0.75
C3 NAG J . -36.52 6.71 1.84
C4 NAG J . -36.97 5.32 1.43
C5 NAG J . -35.75 4.51 1.00
C6 NAG J . -36.10 3.13 0.48
C7 NAG J . -35.09 9.74 0.43
C8 NAG J . -34.52 10.96 1.08
N2 NAG J . -35.18 8.65 1.21
O3 NAG J . -37.67 7.51 2.12
O4 NAG J . -37.58 4.68 2.53
O5 NAG J . -35.09 5.19 -0.08
O6 NAG J . -36.77 3.19 -0.77
O7 NAG J . -35.45 9.73 -0.74
H2 NAG J . -36.29 7.53 -0.02
H3 NAG J . -35.97 6.64 2.65
H4 NAG J . -37.59 5.37 0.68
H5 NAG J . -35.13 4.41 1.75
H61 NAG J . -36.68 2.69 1.13
H62 NAG J . -35.28 2.61 0.38
H81 NAG J . -34.51 11.69 0.44
H82 NAG J . -33.61 10.78 1.39
H83 NAG J . -35.08 11.21 1.85
HN2 NAG J . -34.89 8.72 2.07
HO3 NAG J . -38.40 7.06 1.90
HO6 NAG J . -36.55 2.48 -1.25
C1 BMA J . -38.87 4.19 2.13
C2 BMA J . -39.31 3.29 3.28
C3 BMA J . -40.73 2.81 3.10
C4 BMA J . -41.69 3.90 2.60
C5 BMA J . -41.08 4.75 1.46
C6 BMA J . -41.99 5.94 1.06
O2 BMA J . -39.28 4.03 4.50
O3 BMA J . -41.20 2.30 4.35
O4 BMA J . -42.89 3.28 2.12
O5 BMA J . -39.81 5.23 1.91
O6 BMA J . -41.58 7.12 1.76
H2 BMA J . -38.63 2.42 3.32
H3 BMA J . -40.76 2.01 2.34
H4 BMA J . -41.87 4.59 3.45
H5 BMA J . -40.94 4.13 0.56
H61 BMA J . -43.03 5.67 1.30
H62 BMA J . -41.90 6.07 -0.03
HO2 BMA J . -38.69 4.78 4.34
HO4 BMA J . -43.58 3.95 2.21
C1 MAN J . -41.14 0.87 4.43
C2 MAN J . -42.08 0.50 5.58
C3 MAN J . -41.53 1.10 6.85
C4 MAN J . -40.15 0.51 7.14
C5 MAN J . -39.20 0.72 5.95
C6 MAN J . -37.95 -0.16 6.08
O2 MAN J . -42.11 -0.91 5.81
O3 MAN J . -42.40 0.91 7.95
O4 MAN J . -39.61 1.12 8.30
O5 MAN J . -39.82 0.38 4.68
O6 MAN J . -37.87 -0.64 7.42
H2 MAN J . -43.09 0.86 5.35
H3 MAN J . -41.44 2.20 6.73
H4 MAN J . -40.29 -0.58 7.27
H5 MAN J . -38.93 1.79 5.92
H61 MAN J . -37.07 0.44 5.82
H62 MAN J . -38.03 -0.99 5.36
HO3 MAN J . -42.82 0.05 7.78
HO4 MAN J . -40.37 1.37 8.84
HO6 MAN J . -37.54 0.08 7.97
C1 MAN J . -43.18 -1.51 5.06
C2 MAN J . -43.70 -2.67 5.89
C3 MAN J . -42.56 -3.61 6.16
C4 MAN J . -42.04 -4.13 4.80
C5 MAN J . -41.64 -2.94 3.89
C6 MAN J . -41.34 -3.38 2.46
O2 MAN J . -44.62 -3.48 5.14
O3 MAN J . -42.92 -4.69 7.01
O4 MAN J . -40.92 -4.98 5.01
O5 MAN J . -42.71 -1.97 3.82
O6 MAN J . -41.30 -2.21 1.66
H2 MAN J . -44.17 -2.28 6.81
H3 MAN J . -41.76 -3.10 6.69
H4 MAN J . -42.86 -4.67 4.31
H5 MAN J . -40.75 -2.48 4.33
H61 MAN J . -42.13 -4.07 2.13
H62 MAN J . -40.38 -3.92 2.44
HO3 MAN J . -43.86 -4.85 6.82
HO4 MAN J . -41.20 -5.84 4.67
HO6 MAN J . -41.73 -1.50 2.14
C1 MAN J . -45.96 -2.96 5.16
C2 MAN J . -46.87 -4.16 4.82
C3 MAN J . -46.80 -4.49 3.33
C4 MAN J . -47.08 -3.23 2.50
C5 MAN J . -46.01 -2.19 2.84
C6 MAN J . -46.21 -0.90 2.05
O2 MAN J . -48.25 -3.88 5.07
O3 MAN J . -47.70 -5.53 2.96
O4 MAN J . -47.03 -3.52 1.13
O5 MAN J . -46.11 -1.86 4.25
O6 MAN J . -45.19 0.01 2.42
H2 MAN J . -46.54 -5.03 5.41
H3 MAN J . -45.80 -4.87 3.09
H4 MAN J . -48.07 -2.85 2.80
H5 MAN J . -45.02 -2.58 2.63
H61 MAN J . -47.22 -0.50 2.26
H62 MAN J . -46.16 -1.14 0.98
HO2 MAN J . -48.79 -4.37 4.44
HO3 MAN J . -47.53 -5.69 2.01
HO4 MAN J . -46.11 -3.32 0.85
HO6 MAN J . -45.03 -0.10 3.36
C1 MAN J . -42.25 7.34 3.03
C2 MAN J . -43.79 7.55 2.82
C3 MAN J . -44.39 8.60 3.76
C4 MAN J . -43.59 8.67 5.04
C5 MAN J . -42.22 9.23 4.70
C6 MAN J . -41.29 9.26 5.90
O2 MAN J . -44.52 6.35 3.12
O3 MAN J . -45.77 8.36 4.04
O4 MAN J . -44.24 9.52 5.98
O5 MAN J . -41.57 8.43 3.67
O6 MAN J . -39.98 9.58 5.43
H2 MAN J . -43.95 7.90 1.78
H3 MAN J . -44.35 9.58 3.27
H4 MAN J . -43.48 7.65 5.46
H5 MAN J . -42.39 10.24 4.32
H61 MAN J . -41.30 8.27 6.39
H62 MAN J . -41.65 10.01 6.62
HO2 MAN J . -44.06 5.88 3.83
HO3 MAN J . -45.89 7.40 3.97
HO4 MAN J . -45.13 9.66 5.62
HO6 MAN J . -39.90 9.21 4.53
C1 NAG K . 39.47 11.61 -14.39
C2 NAG K . 40.54 12.66 -14.64
C3 NAG K . 41.60 12.13 -15.61
C4 NAG K . 42.17 10.81 -15.11
C5 NAG K . 41.04 9.81 -14.80
C6 NAG K . 41.55 8.58 -14.10
C7 NAG K . 39.26 14.00 -16.25
C8 NAG K . 38.77 15.38 -16.60
N2 NAG K . 39.98 13.91 -15.13
O3 NAG K . 42.63 13.08 -15.76
O4 NAG K . 43.03 10.25 -16.10
O5 NAG K . 40.07 10.40 -13.92
O6 NAG K . 41.54 8.75 -12.69
O7 NAG K . 39.03 13.04 -16.96
H2 NAG K . 40.99 12.84 -13.79
H3 NAG K . 41.17 11.97 -16.49
H4 NAG K . 42.67 10.98 -14.29
H5 NAG K . 40.60 9.58 -15.64
H61 NAG K . 42.46 8.39 -14.39
H62 NAG K . 40.98 7.82 -14.33
H81 NAG K . 37.98 15.31 -17.17
H82 NAG K . 39.47 15.87 -17.07
H83 NAG K . 38.54 15.85 -15.78
HN2 NAG K . 40.12 14.67 -14.64
HO3 NAG K . 43.42 12.67 -15.82
HO6 NAG K . 41.02 9.43 -12.48
C1 NAG K . 44.37 10.09 -15.58
C2 NAG K . 45.09 9.05 -16.44
C3 NAG K . 46.60 9.30 -16.43
C4 NAG K . 47.07 10.00 -15.16
C5 NAG K . 46.28 11.28 -14.86
C6 NAG K . 47.04 12.54 -15.22
C7 NAG K . 43.89 6.91 -16.54
C8 NAG K . 43.72 5.55 -15.93
N2 NAG K . 44.80 7.70 -15.97
O3 NAG K . 46.95 10.10 -17.57
O4 NAG K . 46.92 9.11 -14.06
O5 NAG K . 45.07 11.32 -15.64
O6 NAG K . 46.72 13.01 -16.51
O7 NAG K . 43.24 7.27 -17.51
H2 NAG K . 44.77 9.14 -17.35
H3 NAG K . 47.04 8.44 -16.49
H4 NAG K . 48.00 10.24 -15.27
H5 NAG K . 46.04 11.29 -13.92
H61 NAG K . 48.00 12.34 -15.18
H62 NAG K . 46.84 13.22 -14.56
H81 NAG K . 43.04 5.06 -16.42
H82 NAG K . 43.44 5.65 -15.00
H83 NAG K . 44.57 5.07 -15.96
HN2 NAG K . 45.26 7.38 -15.25
HO3 NAG K . 47.81 10.26 -17.55
HO4 NAG K . 47.31 9.46 -13.34
HO6 NAG K . 45.92 12.70 -16.74
C1 NAG L . 23.52 -1.46 -15.59
C2 NAG L . 24.49 -0.30 -15.49
C3 NAG L . 25.92 -0.78 -15.77
C4 NAG L . 26.28 -1.99 -14.92
C5 NAG L . 25.17 -3.05 -14.97
C6 NAG L . 25.39 -4.15 -13.96
C7 NAG L . 23.79 1.99 -16.03
C8 NAG L . 23.45 2.96 -17.13
N2 NAG L . 24.13 0.76 -16.42
O3 NAG L . 26.82 0.28 -15.47
O4 NAG L . 27.45 -2.57 -15.44
O5 NAG L . 23.89 -2.47 -14.69
O6 NAG L . 24.28 -5.04 -13.91
O7 NAG L . 23.73 2.31 -14.85
H2 NAG L . 24.46 0.05 -14.59
H3 NAG L . 25.99 -1.03 -16.71
H4 NAG L . 26.38 -1.70 -14.00
H5 NAG L . 25.16 -3.44 -15.87
H61 NAG L . 25.51 -3.76 -13.08
H62 NAG L . 26.19 -4.66 -14.20
H81 NAG L . 23.46 3.86 -16.79
H82 NAG L . 22.57 2.75 -17.49
H83 NAG L . 24.11 2.88 -17.84
HN2 NAG L . 24.14 0.57 -17.31
HO3 NAG L . 27.60 0.15 -15.89
HO6 NAG L . 23.89 -5.05 -14.72
C1 NAG L . 28.55 -2.65 -14.52
C2 NAG L . 29.58 -3.55 -15.19
C3 NAG L . 30.88 -3.60 -14.38
C4 NAG L . 31.36 -2.20 -14.03
C5 NAG L . 30.23 -1.42 -13.37
C6 NAG L . 30.57 0.02 -13.07
C7 NAG L . 28.44 -5.28 -16.51
C8 NAG L . 27.92 -6.69 -16.51
N2 NAG L . 29.04 -4.88 -15.38
O3 NAG L . 31.87 -4.29 -15.13
O4 NAG L . 32.48 -2.32 -13.14
O5 NAG L . 29.10 -1.39 -14.26
O6 NAG L . 30.53 0.82 -14.25
O7 NAG L . 28.34 -4.55 -17.48
H2 NAG L . 29.81 -3.17 -16.06
H3 NAG L . 30.71 -4.08 -13.54
H4 NAG L . 31.65 -1.71 -14.82
H5 NAG L . 29.99 -1.86 -12.54
H61 NAG L . 31.47 0.06 -12.69
H62 NAG L . 29.92 0.38 -12.43
H81 NAG L . 27.55 -6.90 -17.38
H82 NAG L . 27.22 -6.78 -15.83
H83 NAG L . 28.65 -7.31 -16.30
HN2 NAG L . 29.10 -5.48 -14.68
HO3 NAG L . 32.64 -4.25 -14.71
HO6 NAG L . 31.36 1.04 -14.49
C1 BMA L . 33.41 -1.20 -13.16
C2 BMA L . 34.61 -1.60 -12.26
C3 BMA L . 35.82 -0.77 -12.62
C4 BMA L . 36.27 -1.11 -14.04
C5 BMA L . 35.10 -1.23 -15.04
C6 BMA L . 34.93 -2.66 -15.59
O2 BMA L . 34.96 -2.96 -12.45
O3 BMA L . 36.92 -1.03 -11.76
O4 BMA L . 37.18 -0.12 -14.49
O5 BMA L . 33.81 -0.80 -14.51
O6 BMA L . 36.19 -3.08 -16.08
H2 BMA L . 34.34 -1.42 -11.20
H3 BMA L . 35.58 0.30 -12.55
H4 BMA L . 36.71 -2.12 -13.98
H5 BMA L . 35.32 -0.52 -15.85
H61 BMA L . 34.17 -2.64 -16.39
H62 BMA L . 34.57 -3.29 -14.77
HO2 BMA L . 35.80 -3.09 -11.97
HO4 BMA L . 37.71 -0.54 -15.17
C1 MAN L . 37.45 0.12 -11.07
C2 MAN L . 38.84 -0.35 -10.63
C3 MAN L . 38.63 -1.48 -9.57
C4 MAN L . 37.55 -1.12 -8.52
C5 MAN L . 36.26 -0.64 -9.20
C6 MAN L . 35.18 -0.18 -8.21
O2 MAN L . 39.73 0.57 -9.95
O3 MAN L . 39.84 -1.79 -8.91
O4 MAN L . 37.24 -2.27 -7.73
O5 MAN L . 36.61 0.48 -10.03
O6 MAN L . 35.27 -0.99 -7.04
H2 MAN L . 39.35 -0.63 -11.56
H3 MAN L . 38.28 -2.38 -10.11
H4 MAN L . 37.94 -0.29 -7.91
H5 MAN L . 35.83 -1.45 -9.78
H61 MAN L . 34.20 -0.29 -8.70
H62 MAN L . 35.35 0.88 -7.98
HO3 MAN L . 40.00 -1.03 -8.31
HO4 MAN L . 36.92 -1.93 -6.88
HO6 MAN L . 35.16 -0.41 -6.29
C1 NAG L . 39.95 1.90 -10.51
C2 NAG L . 40.87 2.55 -9.44
C3 NAG L . 42.30 2.78 -9.94
C4 NAG L . 42.35 3.52 -11.28
C5 NAG L . 41.04 3.33 -12.03
C6 NAG L . 41.19 3.50 -13.53
C7 NAG L . 39.02 3.86 -8.52
C8 NAG L . 38.57 5.22 -8.05
N2 NAG L . 40.28 3.79 -8.95
O3 NAG L . 42.96 1.53 -10.05
O4 NAG L . 42.57 4.91 -11.06
O5 NAG L . 40.58 1.99 -11.79
O6 NAG L . 41.84 2.39 -14.13
O7 NAG L . 38.27 2.89 -8.50
H2 NAG L . 40.94 1.91 -8.70
H3 NAG L . 42.75 3.34 -9.28
H4 NAG L . 43.07 3.15 -11.81
H5 NAG L . 40.37 3.97 -11.72
H61 NAG L . 41.71 4.31 -13.70
H62 NAG L . 40.30 3.60 -13.92
H81 NAG L . 37.77 5.12 -7.49
H82 NAG L . 38.36 5.77 -8.82
H83 NAG L . 39.28 5.64 -7.53
HN2 NAG L . 40.79 4.54 -8.94
HO3 NAG L . 43.04 1.30 -10.90
HO4 NAG L . 42.94 5.26 -11.79
HO6 NAG L . 41.60 1.65 -13.71
C1 MAN L . 36.02 -4.38 -16.69
C2 MAN L . 36.33 -5.46 -15.61
C3 MAN L . 37.84 -5.70 -15.39
C4 MAN L . 38.62 -5.61 -16.70
C5 MAN L . 38.22 -4.38 -17.52
C6 MAN L . 39.00 -4.28 -18.83
O2 MAN L . 35.80 -6.74 -16.02
O3 MAN L . 38.04 -7.02 -14.84
O4 MAN L . 40.00 -5.52 -16.46
O5 MAN L . 36.84 -4.48 -17.82
O6 MAN L . 40.38 -4.22 -18.50
H2 MAN L . 35.91 -5.11 -14.66
H3 MAN L . 38.23 -4.94 -14.71
H4 MAN L . 38.34 -6.51 -17.28
H5 MAN L . 38.41 -3.46 -16.94
H61 MAN L . 38.66 -3.39 -19.36
H62 MAN L . 38.76 -5.16 -19.44
HO2 MAN L . 36.39 -7.43 -15.71
HO4 MAN L . 40.14 -4.61 -16.13
HO6 MAN L . 40.87 -4.23 -19.34
C1 MAN L . 38.93 -7.34 -13.71
C2 MAN L . 40.06 -6.28 -13.31
C3 MAN L . 41.42 -6.43 -14.03
C4 MAN L . 41.74 -7.87 -14.46
C5 MAN L . 40.50 -8.49 -15.10
C6 MAN L . 40.73 -9.87 -15.66
O2 MAN L . 40.42 -6.44 -11.91
O3 MAN L . 42.50 -5.95 -13.22
O4 MAN L . 42.81 -7.87 -15.39
O5 MAN L . 39.52 -8.58 -14.06
O6 MAN L . 39.57 -10.25 -16.40
H2 MAN L . 39.66 -5.29 -13.58
H3 MAN L . 41.36 -5.84 -14.94
H4 MAN L . 41.99 -8.45 -13.56
H5 MAN L . 40.16 -7.87 -15.93
H61 MAN L . 40.92 -10.57 -14.82
H62 MAN L . 41.63 -9.85 -16.29
HO2 MAN L . 41.33 -6.75 -11.86
HO3 MAN L . 43.30 -6.43 -13.53
HO4 MAN L . 43.32 -8.68 -15.19
HO6 MAN L . 38.82 -9.80 -16.00
C1 NAG M . 39.65 -14.03 21.08
C2 NAG M . 40.85 -13.65 21.92
C3 NAG M . 41.77 -12.78 21.07
C4 NAG M . 42.09 -13.48 19.76
C5 NAG M . 40.85 -14.08 19.08
C6 NAG M . 41.19 -14.99 17.92
C7 NAG M . 41.04 -13.17 24.31
C8 NAG M . 40.52 -12.37 25.46
N2 NAG M . 40.46 -12.95 23.13
O3 NAG M . 42.97 -12.47 21.77
O4 NAG M . 42.67 -12.53 18.86
O5 NAG M . 40.07 -14.85 20.00
O6 NAG M . 42.12 -16.01 18.31
O7 NAG M . 41.97 -13.97 24.45
H2 NAG M . 41.32 -14.45 22.18
H3 NAG M . 41.30 -11.94 20.88
H4 NAG M . 42.71 -14.21 19.95
H5 NAG M . 40.30 -13.34 18.76
H61 NAG M . 41.59 -14.47 17.20
H62 NAG M . 40.38 -15.42 17.59
H81 NAG M . 40.82 -12.78 26.30
H82 NAG M . 39.54 -12.37 25.43
H83 NAG M . 40.85 -11.45 25.41
HN2 NAG M . 39.79 -12.34 23.09
HO3 NAG M . 43.34 -11.75 21.41
HO4 NAG M . 43.07 -12.95 18.18
HO6 NAG M . 41.78 -16.45 19.01
C1 NAG N . -9.01 -30.12 3.59
C2 NAG N . -9.28 -28.89 2.74
C3 NAG N . -10.29 -28.00 3.45
C4 NAG N . -11.58 -28.77 3.70
C5 NAG N . -11.31 -30.08 4.44
C6 NAG N . -12.52 -30.99 4.46
C7 NAG N . -7.94 -27.37 1.37
C8 NAG N . -6.63 -26.65 1.21
N2 NAG N . -8.06 -28.14 2.45
O3 NAG N . -10.57 -26.84 2.66
O4 NAG N . -12.48 -27.99 4.47
O5 NAG N . -10.25 -30.84 3.80
O6 NAG N . -12.19 -32.31 4.03
O7 NAG N . -8.85 -27.25 0.55
H2 NAG N . -9.65 -29.19 1.89
H3 NAG N . -9.92 -27.71 4.30
H4 NAG N . -11.98 -28.98 2.83
H5 NAG N . -11.03 -29.87 5.35
H61 NAG N . -13.20 -30.63 3.87
H62 NAG N . -12.87 -31.03 5.37
H81 NAG N . -6.57 -26.28 0.31
H82 NAG N . -5.90 -27.28 1.34
H83 NAG N . -6.58 -25.94 1.86
HN2 NAG N . -7.36 -28.20 3.03
HO3 NAG N . -11.08 -26.29 3.13
HO4 NAG N . -13.27 -28.38 4.52
HO6 NAG N . -12.20 -32.35 3.14
C1 NAG O . 32.52 -20.12 -16.69
C2 NAG O . 32.42 -19.55 -18.11
C3 NAG O . 33.05 -18.16 -18.17
C4 NAG O . 32.47 -17.25 -17.09
C5 NAG O . 32.56 -17.92 -15.72
C6 NAG O . 31.87 -17.12 -14.64
C7 NAG O . 32.53 -20.61 -20.32
C8 NAG O . 33.29 -21.53 -21.21
N2 NAG O . 33.03 -20.43 -19.09
O3 NAG O . 32.81 -17.59 -19.46
O4 NAG O . 33.18 -16.02 -17.06
O5 NAG O . 31.92 -19.21 -15.76
O6 NAG O . 32.12 -17.66 -13.36
O7 NAG O . 31.50 -20.06 -20.69
H2 NAG O . 31.46 -19.47 -18.32
H3 NAG O . 34.01 -18.24 -18.02
H4 NAG O . 31.52 -17.08 -17.30
H5 NAG O . 33.50 -18.04 -15.49
H61 NAG O . 30.90 -17.13 -14.80
H62 NAG O . 32.19 -16.20 -14.67
H81 NAG O . 32.69 -21.93 -21.87
H82 NAG O . 33.71 -22.24 -20.68
H83 NAG O . 34.00 -21.03 -21.68
HN2 NAG O . 33.79 -20.87 -18.86
HO3 NAG O . 33.17 -16.78 -19.50
HO4 NAG O . 32.67 -15.39 -16.70
HO6 NAG O . 31.50 -18.27 -13.16
C1 NAG P . -16.51 -44.86 -22.26
C2 NAG P . -17.47 -43.99 -23.09
C3 NAG P . -18.91 -44.46 -22.88
C4 NAG P . -19.02 -45.92 -23.29
C5 NAG P . -18.03 -46.77 -22.50
C6 NAG P . -18.00 -48.21 -22.99
C7 NAG P . -17.58 -42.03 -21.59
C8 NAG P . -17.43 -40.54 -21.50
N2 NAG P . -17.35 -42.57 -22.80
O3 NAG P . -19.79 -43.65 -23.66
O4 NAG P . -20.35 -46.39 -23.06
O5 NAG P . -16.69 -46.26 -22.63
O6 NAG P . -17.61 -48.27 -24.35
O7 NAG P . -17.88 -42.71 -20.62
H2 NAG P . -17.23 -44.10 -24.02
H3 NAG P . -19.15 -44.36 -21.94
H4 NAG P . -18.83 -46.00 -24.24
H5 NAG P . -18.27 -46.74 -21.55
H61 NAG P . -18.88 -48.59 -22.89
H62 NAG P . -17.36 -48.71 -22.45
H81 NAG P . -17.39 -40.28 -20.56
H82 NAG P . -18.20 -40.11 -21.93
H83 NAG P . -16.61 -40.27 -21.96
HN2 NAG P . -17.10 -42.01 -23.47
HO3 NAG P . -20.61 -44.01 -23.65
HO4 NAG P . -20.56 -47.00 -23.68
HO6 NAG P . -17.28 -47.48 -24.61
C1 NAG Q . -27.84 -5.47 37.59
C2 NAG Q . -27.26 -4.58 36.53
C3 NAG Q . -28.35 -4.16 35.59
C4 NAG Q . -28.99 -5.41 34.98
C5 NAG Q . -29.34 -6.47 36.03
C6 NAG Q . -29.53 -7.83 35.43
C7 NAG Q . -25.82 -2.59 36.41
C8 NAG Q . -25.12 -1.52 37.17
N2 NAG Q . -26.56 -3.44 37.12
O3 NAG Q . -27.81 -3.34 34.56
O4 NAG Q . -30.17 -5.04 34.28
O5 NAG Q . -28.31 -6.63 37.02
O6 NAG Q . -28.36 -8.62 35.56
O7 NAG Q . -25.73 -2.67 35.18
H2 NAG Q . -26.59 -5.09 36.02
H3 NAG Q . -29.02 -3.63 36.07
H4 NAG Q . -28.33 -5.79 34.36
H5 NAG Q . -30.14 -6.15 36.49
H61 NAG Q . -29.74 -7.73 34.47
H62 NAG Q . -30.28 -8.28 35.86
H81 NAG Q . -24.81 -0.83 36.57
H82 NAG Q . -24.35 -1.92 37.64
H83 NAG Q . -25.73 -1.14 37.83
HN2 NAG Q . -26.64 -3.30 38.01
HO3 NAG Q . -27.30 -3.82 34.02
HO4 NAG Q . -30.52 -5.75 33.89
HO6 NAG Q . -27.93 -8.38 36.30
C1 NAG R . 13.85 25.04 16.11
C2 NAG R . 13.55 24.44 14.74
C3 NAG R . 14.67 23.47 14.35
C4 NAG R . 16.02 24.18 14.37
C5 NAG R . 16.25 24.85 15.72
C6 NAG R . 17.48 25.74 15.71
C7 NAG R . 11.56 23.64 13.57
C8 NAG R . 10.26 22.91 13.68
N2 NAG R . 12.27 23.76 14.70
O3 NAG R . 14.42 22.92 13.07
O4 NAG R . 17.06 23.24 14.14
O5 NAG R . 15.15 25.69 16.08
O6 NAG R . 17.14 27.09 15.96
O7 NAG R . 11.95 24.12 12.51
H2 NAG R . 13.54 25.17 14.09
H3 NAG R . 14.69 22.73 15.00
H4 NAG R . 16.03 24.85 13.68
H5 NAG R . 16.35 24.16 16.40
H61 NAG R . 17.92 25.67 14.85
H62 NAG R . 18.10 25.43 16.41
H81 NAG R . 9.97 22.63 12.79
H82 NAG R . 9.59 23.50 14.08
H83 NAG R . 10.38 22.12 14.25
HN2 NAG R . 11.93 23.42 15.47
HO3 NAG R . 15.04 22.32 12.87
HO4 NAG R . 17.83 23.67 14.03
HO6 NAG R . 17.88 27.58 16.03
C1 NAG S . -32.48 21.67 7.64
C2 NAG S . -33.08 21.97 6.27
C3 NAG S . -33.75 20.71 5.70
C4 NAG S . -32.77 19.55 5.70
C5 NAG S . -32.15 19.36 7.08
C6 NAG S . -31.09 18.29 7.10
C7 NAG S . -34.08 24.06 5.43
C8 NAG S . -35.13 25.10 5.65
N2 NAG S . -34.04 23.06 6.34
O3 NAG S . -34.21 20.97 4.38
O4 NAG S . -33.44 18.36 5.30
O5 NAG S . -31.54 20.58 7.53
O6 NAG S . -31.04 17.62 8.36
O7 NAG S . -33.28 24.11 4.50
H2 NAG S . -32.36 22.23 5.67
H3 NAG S . -34.52 20.48 6.27
H4 NAG S . -32.05 19.74 5.05
H5 NAG S . -32.86 19.11 7.70
H61 NAG S . -30.22 18.71 6.93
H62 NAG S . -31.26 17.64 6.40
H81 NAG S . -34.95 25.86 5.08
H82 NAG S . -35.12 25.38 6.58
H83 NAG S . -36.01 24.73 5.43
HN2 NAG S . -34.65 23.07 7.02
HO3 NAG S . -34.69 20.28 4.10
HO4 NAG S . -32.90 17.85 4.82
HO6 NAG S . -30.67 16.83 8.25
C1 NAG T . 14.02 53.04 2.14
C2 NAG T . 14.85 51.91 1.59
C3 NAG T . 16.21 52.45 1.19
C4 NAG T . 16.05 53.59 0.18
C5 NAG T . 15.03 54.63 0.67
C6 NAG T . 14.62 55.58 -0.43
C7 NAG T . 14.55 49.58 2.38
C8 NAG T . 13.89 49.29 1.06
N2 NAG T . 14.99 50.84 2.57
O3 NAG T . 16.99 51.40 0.62
O4 NAG T . 17.30 54.23 -0.01
O5 NAG T . 13.82 54.01 1.13
O6 NAG T . 14.06 56.78 0.09
O7 NAG T . 14.69 48.72 3.23
H2 NAG T . 14.42 51.54 0.81
H3 NAG T . 16.67 52.79 1.97
H4 NAG T . 15.72 53.21 -0.65
H5 NAG T . 15.43 55.12 1.42
H61 NAG T . 13.95 55.15 -0.99
H62 NAG T . 15.40 55.81 -0.97
H81 NAG T . 13.61 48.36 1.04
H82 NAG T . 14.53 49.45 0.34
H83 NAG T . 13.12 49.87 0.95
HN2 NAG T . 15.41 51.03 3.36
HO3 NAG T . 17.85 51.60 0.70
HO4 NAG T . 17.33 54.60 -0.82
HO6 NAG T . 13.95 57.37 -0.56
C1 NAG U . -25.04 18.40 35.98
C2 NAG U . -24.09 18.80 37.06
C3 NAG U . -24.18 20.30 37.31
C4 NAG U . -25.10 21.02 36.31
C5 NAG U . -25.19 20.42 34.90
C6 NAG U . -24.39 21.19 33.87
C7 NAG U . -23.44 17.37 38.95
C8 NAG U . -23.89 16.65 40.18
N2 NAG U . -24.36 18.07 38.29
O3 NAG U . -22.88 20.87 37.25
O4 NAG U . -26.41 21.08 36.85
O5 NAG U . -24.74 19.06 34.85
O6 NAG U . -23.01 21.27 34.22
O7 NAG U . -22.27 17.33 38.56
H2 NAG U . -23.18 18.59 36.77
H3 NAG U . -24.56 20.43 38.20
H4 NAG U . -24.70 21.91 36.19
H5 NAG U . -26.13 20.42 34.65
H61 NAG U . -24.75 22.08 33.79
H62 NAG U . -24.47 20.74 33.00
H81 NAG U . -23.12 16.31 40.66
H82 NAG U . -24.48 15.92 39.92
H83 NAG U . -24.38 17.27 40.75
HN2 NAG U . -25.21 18.08 38.62
HO3 NAG U . -22.49 20.69 36.47
HO4 NAG U . -27.02 21.10 36.20
HO6 NAG U . -22.76 20.52 34.61
C1 NAG V . -38.31 21.82 -18.85
C2 NAG V . -38.22 23.37 -18.79
C3 NAG V . -38.34 23.89 -17.35
C4 NAG V . -39.56 23.31 -16.65
C5 NAG V . -39.43 21.80 -16.66
C6 NAG V . -40.57 21.10 -15.97
C7 NAG V . -36.74 25.10 -19.74
C8 NAG V . -35.39 25.40 -20.30
N2 NAG V . -36.96 23.83 -19.36
O3 NAG V . -38.43 25.31 -17.38
O4 NAG V . -39.65 23.79 -15.32
O5 NAG V . -39.42 21.36 -18.02
O6 NAG V . -41.63 20.80 -16.87
O7 NAG V . -37.61 25.96 -19.64
H2 NAG V . -38.97 23.73 -19.30
H3 NAG V . -37.54 23.62 -16.86
H4 NAG V . -40.38 23.58 -17.11
H5 NAG V . -38.60 21.54 -16.22
H61 NAG V . -40.92 21.68 -15.27
H62 NAG V . -40.25 20.28 -15.57
H81 NAG V . -35.48 25.90 -21.14
H82 NAG V . -34.92 24.56 -20.48
H83 NAG V . -34.88 25.93 -19.66
HN2 NAG V . -36.30 23.23 -19.48
HO3 NAG V . -39.25 25.55 -17.63
HO4 NAG V . -39.56 24.68 -15.33
HO6 NAG V . -42.30 20.45 -16.42
C1 NAG W . -9.75 -24.53 -16.55
C2 NAG W . -9.03 -24.02 -15.31
C3 NAG W . -7.55 -23.80 -15.62
C4 NAG W . -6.92 -25.08 -16.14
C5 NAG W . -7.70 -25.62 -17.35
C6 NAG W . -7.22 -26.99 -17.77
C7 NAG W . -9.71 -22.54 -13.48
C8 NAG W . -10.32 -21.22 -13.11
N2 NAG W . -9.63 -22.80 -14.79
O3 NAG W . -6.86 -23.35 -14.46
O4 NAG W . -5.57 -24.84 -16.53
O5 NAG W . -9.10 -25.74 -17.04
O6 NAG W . -8.16 -27.62 -18.64
O7 NAG W . -9.30 -23.33 -12.63
H2 NAG W . -9.10 -24.71 -14.62
H3 NAG W . -7.49 -23.10 -16.31
H4 NAG W . -6.94 -25.75 -15.44
H5 NAG W . -7.60 -24.98 -18.09
H61 NAG W . -7.11 -27.54 -16.97
H62 NAG W . -6.37 -26.90 -18.23
H81 NAG W . -11.13 -21.38 -12.58
H82 NAG W . -10.56 -20.73 -13.92
H83 NAG W . -9.69 -20.70 -12.59
HN2 NAG W . -9.96 -22.19 -15.38
HO3 NAG W . -6.03 -23.14 -14.68
HO4 NAG W . -5.17 -25.61 -16.67
HO6 NAG W . -7.92 -28.46 -18.77
C1 NAG X . -40.92 -2.94 11.60
C2 NAG X . -40.62 -3.42 13.01
C3 NAG X . -40.51 -2.24 13.96
C4 NAG X . -39.47 -1.27 13.44
C5 NAG X . -39.71 -0.90 11.97
C6 NAG X . -38.56 -0.11 11.37
C7 NAG X . -42.88 -4.27 13.72
C8 NAG X . -43.45 -2.90 13.45
N2 NAG X . -41.56 -4.43 13.49
O3 NAG X . -40.15 -2.69 15.26
O4 NAG X . -39.49 -0.07 14.22
O5 NAG X . -39.86 -2.08 11.16
O6 NAG X . -38.36 -0.45 10.01
O7 NAG X . -43.58 -5.19 14.13
H2 NAG X . -39.75 -3.88 12.98
H3 NAG X . -41.38 -1.79 14.01
H4 NAG X . -38.58 -1.70 13.51
H5 NAG X . -40.53 -0.39 11.92
H61 NAG X . -37.75 -0.29 11.87
H62 NAG X . -38.78 0.84 11.43
H81 NAG X . -44.41 -2.97 13.32
H82 NAG X . -43.03 -2.52 12.65
H83 NAG X . -43.26 -2.32 14.21
HN2 NAG X . -41.23 -5.26 13.67
HO3 NAG X . -40.08 -2.01 15.81
HO4 NAG X . -38.85 0.49 13.95
HO6 NAG X . -39.14 -0.44 9.57
C1 NAG Y . -17.03 -51.08 -1.07
C2 NAG Y . -15.59 -50.62 -1.36
C3 NAG Y . -14.73 -51.82 -1.74
C4 NAG Y . -14.77 -52.87 -0.64
C5 NAG Y . -16.21 -53.27 -0.34
C6 NAG Y . -16.32 -54.17 0.87
C7 NAG Y . -14.82 -48.49 -2.39
C8 NAG Y . -14.01 -48.27 -1.15
N2 NAG Y . -15.56 -49.61 -2.43
O3 NAG Y . -13.39 -51.41 -1.97
O4 NAG Y . -14.03 -54.02 -1.03
O5 NAG Y . -17.01 -52.12 -0.05
O6 NAG Y . -15.36 -53.82 1.87
O7 NAG Y . -14.83 -47.69 -3.31
H2 NAG Y . -15.23 -50.21 -0.56
H3 NAG Y . -15.09 -52.21 -2.56
H4 NAG Y . -14.36 -52.49 0.17
H5 NAG Y . -16.57 -53.72 -1.13
H61 NAG Y . -16.17 -55.10 0.60
H62 NAG Y . -17.22 -54.10 1.25
H81 NAG Y . -13.51 -47.44 -1.23
H82 NAG Y . -13.37 -49.01 -1.03
H83 NAG Y . -14.59 -48.23 -0.37
HN2 NAG Y . -16.08 -49.77 -3.16
HO3 NAG Y . -12.88 -52.13 -2.11
HO4 NAG Y . -13.90 -54.54 -0.32
HO6 NAG Y . -15.47 -54.34 2.59
C1 NAG Z . -46.80 0.04 -18.25
C2 NAG Z . -46.33 -0.68 -19.50
C3 NAG Z . -46.98 -2.04 -19.56
C4 NAG Z . -46.62 -2.83 -18.31
C5 NAG Z . -46.92 -2.04 -17.03
C6 NAG Z . -46.27 -2.65 -15.81
C7 NAG Z . -45.64 0.45 -21.55
C8 NAG Z . -46.09 1.26 -22.74
N2 NAG Z . -46.61 0.09 -20.70
O3 NAG Z . -46.51 -2.74 -20.72
O4 NAG Z . -47.36 -4.05 -18.27
O5 NAG Z . -46.41 -0.69 -17.11
O6 NAG Z . -45.87 -1.64 -14.88
O7 NAG Z . -44.47 0.14 -21.38
H2 NAG Z . -45.36 -0.79 -19.44
H3 NAG Z . -47.94 -1.96 -19.62
H4 NAG Z . -45.66 -3.02 -18.33
H5 NAG Z . -47.88 -1.99 -16.93
H61 NAG Z . -45.47 -3.15 -16.08
H62 NAG Z . -46.90 -3.25 -15.37
H81 NAG Z . -45.50 1.06 -23.50
H82 NAG Z . -46.02 2.20 -22.53
H83 NAG Z . -47.01 1.03 -22.96
HN2 NAG Z . -47.46 0.34 -20.88
HO3 NAG Z . -47.05 -3.42 -20.89
HO4 NAG Z . -47.16 -4.51 -17.53
HO6 NAG Z . -45.12 -1.25 -15.16
C1 NAG AA . 23.09 -4.55 -37.35
C2 NAG AA . 23.90 -5.68 -38.00
C3 NAG AA . 24.11 -6.81 -37.01
C4 NAG AA . 24.77 -6.27 -35.74
C5 NAG AA . 23.95 -5.11 -35.17
C6 NAG AA . 24.63 -4.44 -33.99
C7 NAG AA . 23.64 -5.79 -40.43
C8 NAG AA . 22.87 -6.39 -41.57
N2 NAG AA . 23.25 -6.16 -39.21
O3 NAG AA . 24.92 -7.81 -37.60
O4 NAG AA . 24.87 -7.30 -34.76
O5 NAG AA . 23.77 -4.09 -36.17
O6 NAG AA . 26.04 -4.56 -34.06
O7 NAG AA . 24.57 -5.01 -40.61
H2 NAG AA . 24.77 -5.32 -38.24
H3 NAG AA . 23.25 -7.21 -36.77
H4 NAG AA . 25.67 -5.95 -35.96
H5 NAG AA . 23.08 -5.44 -34.90
H61 NAG AA . 24.32 -4.86 -33.17
H62 NAG AA . 24.39 -3.50 -33.98
H81 NAG AA . 23.26 -6.09 -42.42
H82 NAG AA . 21.94 -6.09 -41.52
H83 NAG AA . 22.91 -7.36 -41.53
HN2 NAG AA . 22.56 -6.74 -39.13
HO3 NAG AA . 25.01 -8.49 -37.02
HO4 NAG AA . 25.53 -7.11 -34.20
HO6 NAG AA . 26.40 -4.25 -33.31
C1 NAG BA . 6.07 31.50 -1.39
C2 NAG BA . 5.44 30.30 -0.67
C3 NAG BA . 3.91 30.34 -0.83
C4 NAG BA . 3.35 31.68 -0.39
C5 NAG BA . 4.06 32.81 -1.12
C6 NAG BA . 3.65 34.17 -0.63
C7 NAG BA . 6.85 28.30 -0.50
C8 NAG BA . 7.28 27.03 -1.17
N2 NAG BA . 5.97 29.04 -1.17
O3 NAG BA . 3.33 29.29 -0.06
O4 NAG BA . 1.97 31.74 -0.67
O5 NAG BA . 5.48 32.71 -0.92
O6 NAG BA . 4.42 35.21 -1.24
O7 NAG BA . 7.29 28.64 0.60
H2 NAG BA . 5.65 30.37 0.27
H3 NAG BA . 3.70 30.19 -1.77
H4 NAG BA . 3.50 31.78 0.57
H5 NAG BA . 3.88 32.74 -2.08
H61 NAG BA . 3.78 34.22 0.33
H62 NAG BA . 2.70 34.32 -0.83
H81 NAG BA . 8.11 26.71 -0.76
H82 NAG BA . 7.42 27.19 -2.12
H83 NAG BA . 6.58 26.35 -1.05
HN2 NAG BA . 5.68 28.75 -1.99
HO3 NAG BA . 2.46 29.32 -0.14
HO4 NAG BA . 1.60 32.39 -0.18
HO6 NAG BA . 3.97 35.53 -1.94
C1 NAG CA . 21.57 45.61 21.83
C2 NAG CA . 21.00 47.02 21.58
C3 NAG CA . 21.90 48.07 22.23
C4 NAG CA . 22.19 47.67 23.67
C5 NAG CA . 22.99 46.37 23.68
C6 NAG CA . 22.49 45.39 24.72
C7 NAG CA . 19.72 47.47 19.51
C8 NAG CA . 18.48 47.42 20.35
N2 NAG CA . 20.89 47.28 20.15
O3 NAG CA . 21.25 49.33 22.18
O4 NAG CA . 22.95 48.69 24.32
O5 NAG CA . 22.90 45.71 22.41
O6 NAG CA . 23.57 44.87 25.50
O7 NAG CA . 19.68 47.67 18.30
H2 NAG CA . 20.13 47.08 21.98
H3 NAG CA . 22.74 48.14 21.73
H4 NAG CA . 21.35 47.54 24.15
H5 NAG CA . 23.93 46.58 23.86
H61 NAG CA . 22.05 44.64 24.26
H62 NAG CA . 21.85 45.83 25.30
H81 NAG CA . 17.70 47.57 19.79
H82 NAG CA . 18.52 48.11 21.04
H83 NAG CA . 18.40 46.54 20.78
HN2 NAG CA . 21.65 47.30 19.64
HO3 NAG CA . 21.55 49.84 22.85
HO4 NAG CA . 23.09 48.46 25.16
HO6 NAG CA . 23.38 44.03 25.74
C1 NAG DA . 30.59 32.05 30.09
C2 NAG DA . 31.77 32.97 30.27
C3 NAG DA . 31.87 33.37 31.73
C4 NAG DA . 30.57 34.05 32.17
C5 NAG DA . 29.30 33.33 31.71
C6 NAG DA . 28.13 34.28 31.61
C7 NAG DA . 33.85 33.01 28.96
C8 NAG DA . 35.10 32.28 28.60
N2 NAG DA . 33.02 32.37 29.81
O3 NAG DA . 32.97 34.24 31.94
O4 NAG DA . 30.54 34.11 33.59
O5 NAG DA . 29.42 32.75 30.40
O6 NAG DA . 26.91 33.71 32.04
O7 NAG DA . 33.57 34.11 28.49
H2 NAG DA . 31.62 33.76 29.72
H3 NAG DA . 32.01 32.57 32.26
H4 NAG DA . 30.58 34.93 31.76
H5 NAG DA . 29.14 32.60 32.34
H61 NAG DA . 28.04 34.56 30.68
H62 NAG DA . 28.32 35.06 32.16
H81 NAG DA . 35.79 32.92 28.34
H82 NAG DA . 34.92 31.68 27.85
H83 NAG DA . 35.41 31.76 29.37
HN2 NAG DA . 33.25 31.55 30.11
HO3 NAG DA . 32.84 34.72 32.67
HO4 NAG DA . 30.38 33.29 33.91
HO6 NAG DA . 26.23 34.22 31.76
#